data_1ADR
#
_entry.id   1ADR
#
_cell.length_a   1.000
_cell.length_b   1.000
_cell.length_c   1.000
_cell.angle_alpha   90.00
_cell.angle_beta   90.00
_cell.angle_gamma   90.00
#
_symmetry.space_group_name_H-M   'P 1'
#
_entity_poly.entity_id   1
_entity_poly.type   'polypeptide(L)'
_entity_poly.pdbx_seq_one_letter_code
;MNTQLMGERIRARRKKLKIRQAALGKMVGVSNVAISQWERSETEPNGENLLALSKALQCSPDYLLKGDLSQTNVAY
;
_entity_poly.pdbx_strand_id   A
#
# COMPACT_ATOMS: atom_id res chain seq x y z
N MET A 1 -8.07 3.77 -18.45
CA MET A 1 -7.73 2.34 -18.31
C MET A 1 -7.20 2.10 -16.90
N ASN A 2 -6.91 0.84 -16.56
CA ASN A 2 -6.55 0.40 -15.22
C ASN A 2 -7.77 0.50 -14.27
N THR A 3 -7.70 -0.20 -13.15
CA THR A 3 -8.63 -0.08 -12.03
C THR A 3 -7.78 0.12 -10.77
N GLN A 4 -6.90 1.13 -10.85
CA GLN A 4 -5.87 1.49 -9.88
C GLN A 4 -4.84 0.38 -9.69
N LEU A 5 -3.59 0.76 -9.43
CA LEU A 5 -2.49 -0.18 -9.21
C LEU A 5 -2.21 -0.21 -7.70
N MET A 6 -2.10 -1.43 -7.15
CA MET A 6 -1.69 -1.67 -5.76
C MET A 6 -0.56 -0.72 -5.37
N GLY A 7 0.48 -0.67 -6.20
CA GLY A 7 1.67 0.13 -5.93
C GLY A 7 1.34 1.60 -5.72
N GLU A 8 0.49 2.19 -6.57
CA GLU A 8 0.13 3.59 -6.42
C GLU A 8 -0.87 3.79 -5.27
N ARG A 9 -1.76 2.82 -5.00
CA ARG A 9 -2.53 2.83 -3.76
C ARG A 9 -1.59 2.95 -2.56
N ILE A 10 -0.53 2.13 -2.50
CA ILE A 10 0.47 2.21 -1.44
C ILE A 10 1.10 3.61 -1.42
N ARG A 11 1.71 4.02 -2.53
CA ARG A 11 2.40 5.30 -2.67
C ARG A 11 1.52 6.47 -2.20
N ALA A 12 0.23 6.37 -2.48
CA ALA A 12 -0.78 7.35 -2.08
C ALA A 12 -1.13 7.25 -0.59
N ARG A 13 -1.63 6.10 -0.12
CA ARG A 13 -1.91 5.83 1.30
C ARG A 13 -0.75 6.34 2.15
N ARG A 14 0.45 5.87 1.82
CA ARG A 14 1.65 6.10 2.58
C ARG A 14 1.91 7.60 2.75
N LYS A 15 1.78 8.39 1.67
CA LYS A 15 1.97 9.83 1.78
C LYS A 15 0.82 10.49 2.54
N LYS A 16 -0.42 10.03 2.31
CA LYS A 16 -1.58 10.53 3.02
C LYS A 16 -1.38 10.35 4.54
N LEU A 17 -0.88 9.20 4.94
CA LEU A 17 -0.54 8.86 6.33
C LEU A 17 0.76 9.52 6.77
N LYS A 18 1.65 9.83 5.82
CA LYS A 18 2.92 10.53 5.99
C LYS A 18 4.00 9.60 6.57
N ILE A 19 4.02 8.34 6.12
CA ILE A 19 4.92 7.32 6.65
C ILE A 19 6.17 7.23 5.75
N ARG A 20 7.38 7.33 6.32
CA ARG A 20 8.61 7.14 5.55
C ARG A 20 8.73 5.68 5.10
N GLN A 21 9.23 5.45 3.89
CA GLN A 21 9.17 4.14 3.24
C GLN A 21 9.89 3.08 4.06
N ALA A 22 11.04 3.43 4.63
CA ALA A 22 11.76 2.57 5.56
C ALA A 22 10.92 2.25 6.80
N ALA A 23 10.22 3.25 7.34
CA ALA A 23 9.36 3.00 8.50
C ALA A 23 8.23 2.05 8.11
N LEU A 24 7.61 2.27 6.96
CA LEU A 24 6.60 1.36 6.46
C LEU A 24 7.19 -0.05 6.38
N GLY A 25 8.38 -0.19 5.78
CA GLY A 25 9.11 -1.45 5.75
C GLY A 25 9.14 -2.11 7.13
N LYS A 26 9.62 -1.36 8.14
CA LYS A 26 9.66 -1.87 9.50
C LYS A 26 8.28 -2.25 10.03
N MET A 27 7.26 -1.41 9.82
CA MET A 27 5.90 -1.68 10.29
C MET A 27 5.37 -2.98 9.71
N VAL A 28 5.45 -3.13 8.38
CA VAL A 28 4.96 -4.31 7.69
C VAL A 28 5.80 -5.52 8.06
N GLY A 29 7.11 -5.31 8.18
CA GLY A 29 8.09 -6.37 8.41
C GLY A 29 8.69 -6.82 7.08
N VAL A 30 9.08 -5.86 6.23
CA VAL A 30 9.86 -6.11 5.04
C VAL A 30 11.03 -5.12 4.99
N SER A 31 12.05 -5.45 4.18
CA SER A 31 13.09 -4.52 3.83
C SER A 31 12.49 -3.36 3.02
N ASN A 32 12.94 -2.13 3.29
CA ASN A 32 12.59 -0.91 2.53
C ASN A 32 12.52 -1.18 1.03
N VAL A 33 13.50 -1.90 0.49
CA VAL A 33 13.55 -2.21 -0.93
C VAL A 33 12.28 -2.93 -1.38
N ALA A 34 11.77 -3.89 -0.60
CA ALA A 34 10.56 -4.59 -0.96
C ALA A 34 9.40 -3.60 -1.14
N ILE A 35 9.24 -2.67 -0.18
CA ILE A 35 8.29 -1.55 -0.33
C ILE A 35 8.52 -0.87 -1.68
N SER A 36 9.77 -0.48 -1.97
CA SER A 36 10.12 0.18 -3.21
C SER A 36 9.64 -0.62 -4.43
N GLN A 37 9.95 -1.92 -4.47
CA GLN A 37 9.54 -2.79 -5.57
C GLN A 37 8.03 -2.90 -5.68
N TRP A 38 7.34 -3.05 -4.54
CA TRP A 38 5.89 -3.02 -4.47
C TRP A 38 5.33 -1.72 -5.07
N GLU A 39 5.73 -0.54 -4.58
CA GLU A 39 5.17 0.69 -5.12
C GLU A 39 5.53 0.89 -6.59
N ARG A 40 6.78 0.61 -6.96
CA ARG A 40 7.23 0.63 -8.34
C ARG A 40 6.55 -0.46 -9.17
N SER A 41 5.76 -1.34 -8.54
CA SER A 41 4.88 -2.29 -9.20
C SER A 41 5.67 -3.33 -10.00
N GLU A 42 6.79 -3.78 -9.44
CA GLU A 42 7.52 -4.93 -9.94
C GLU A 42 6.94 -6.18 -9.29
N THR A 43 7.19 -6.32 -7.98
CA THR A 43 6.59 -7.33 -7.14
C THR A 43 5.19 -6.89 -6.72
N GLU A 44 4.39 -7.84 -6.24
CA GLU A 44 3.07 -7.60 -5.66
C GLU A 44 3.06 -8.31 -4.30
N PRO A 45 2.48 -7.70 -3.24
CA PRO A 45 2.37 -8.33 -1.94
C PRO A 45 1.32 -9.45 -1.98
N ASN A 46 1.63 -10.61 -1.39
CA ASN A 46 0.68 -11.71 -1.26
C ASN A 46 -0.02 -11.66 0.08
N GLY A 47 -1.09 -12.45 0.21
CA GLY A 47 -2.08 -12.42 1.29
C GLY A 47 -1.58 -11.88 2.63
N GLU A 48 -0.65 -12.59 3.27
CA GLU A 48 -0.14 -12.21 4.58
C GLU A 48 0.47 -10.79 4.51
N ASN A 49 1.38 -10.59 3.56
CA ASN A 49 2.09 -9.32 3.43
C ASN A 49 1.13 -8.21 3.03
N LEU A 50 0.11 -8.53 2.22
CA LEU A 50 -0.95 -7.60 1.84
C LEU A 50 -1.73 -7.19 3.08
N LEU A 51 -2.11 -8.15 3.94
CA LEU A 51 -2.75 -7.83 5.21
C LEU A 51 -1.84 -6.95 6.06
N ALA A 52 -0.57 -7.32 6.21
CA ALA A 52 0.39 -6.56 7.00
C ALA A 52 0.53 -5.13 6.45
N LEU A 53 0.62 -4.99 5.12
CA LEU A 53 0.58 -3.72 4.43
C LEU A 53 -0.66 -2.94 4.84
N SER A 54 -1.84 -3.53 4.65
CA SER A 54 -3.10 -2.87 4.92
C SER A 54 -3.13 -2.35 6.36
N LYS A 55 -2.70 -3.20 7.30
CA LYS A 55 -2.63 -2.83 8.71
C LYS A 55 -1.67 -1.66 8.90
N ALA A 56 -0.43 -1.79 8.42
CA ALA A 56 0.56 -0.72 8.55
C ALA A 56 0.08 0.60 7.93
N LEU A 57 -0.60 0.45 6.81
CA LEU A 57 -1.24 1.50 6.04
C LEU A 57 -2.68 1.74 6.52
N GLN A 58 -2.99 1.44 7.78
CA GLN A 58 -4.21 1.84 8.46
C GLN A 58 -5.47 1.67 7.60
N CYS A 59 -5.71 0.46 7.11
CA CYS A 59 -6.87 0.14 6.27
C CYS A 59 -7.07 -1.37 6.19
N SER A 60 -8.17 -1.79 5.55
CA SER A 60 -8.52 -3.15 5.23
C SER A 60 -7.98 -3.51 3.84
N PRO A 61 -7.71 -4.80 3.54
CA PRO A 61 -7.22 -5.23 2.23
C PRO A 61 -8.16 -4.76 1.13
N ASP A 62 -9.46 -4.80 1.41
CA ASP A 62 -10.56 -4.20 0.65
C ASP A 62 -10.15 -2.89 -0.02
N TYR A 63 -9.51 -2.00 0.74
CA TYR A 63 -9.06 -0.70 0.26
C TYR A 63 -8.22 -0.85 -1.00
N LEU A 64 -7.31 -1.82 -0.99
CA LEU A 64 -6.29 -2.00 -1.99
C LEU A 64 -6.77 -2.93 -3.09
N LEU A 65 -7.59 -3.93 -2.74
CA LEU A 65 -8.32 -4.72 -3.74
C LEU A 65 -9.14 -3.77 -4.62
N LYS A 66 -9.97 -2.92 -4.01
CA LYS A 66 -10.88 -2.06 -4.74
C LYS A 66 -10.17 -0.81 -5.22
N GLY A 67 -9.50 -0.09 -4.32
CA GLY A 67 -9.11 1.29 -4.48
C GLY A 67 -10.11 2.16 -3.72
N ASP A 68 -9.81 2.41 -2.45
CA ASP A 68 -10.65 3.29 -1.60
C ASP A 68 -9.83 4.52 -1.22
N LEU A 69 -9.23 5.15 -2.22
CA LEU A 69 -8.22 6.18 -2.02
C LEU A 69 -8.82 7.57 -2.09
N SER A 70 -9.94 7.74 -2.81
CA SER A 70 -10.80 8.91 -2.75
C SER A 70 -12.24 8.45 -3.01
N GLN A 71 -13.07 9.25 -3.71
CA GLN A 71 -14.48 8.94 -3.95
C GLN A 71 -14.95 9.66 -5.21
N THR A 72 -14.14 9.58 -6.27
CA THR A 72 -14.36 10.16 -7.58
C THR A 72 -13.24 9.60 -8.44
N ASN A 73 -13.21 9.98 -9.71
CA ASN A 73 -12.14 9.69 -10.67
C ASN A 73 -11.81 8.20 -10.69
N VAL A 74 -12.56 7.43 -11.48
CA VAL A 74 -12.49 5.97 -11.52
C VAL A 74 -12.56 5.36 -10.12
N ALA A 75 -13.37 5.99 -9.24
CA ALA A 75 -13.49 5.66 -7.83
C ALA A 75 -12.11 5.36 -7.25
N TYR A 76 -11.24 6.37 -7.29
CA TYR A 76 -9.81 6.23 -7.08
C TYR A 76 -9.51 5.41 -5.83
N MET A 1 0.96 -1.06 -17.14
CA MET A 1 0.39 -0.17 -16.11
C MET A 1 -0.19 1.03 -16.83
N ASN A 2 -1.38 1.50 -16.45
CA ASN A 2 -2.03 2.66 -17.05
C ASN A 2 -3.06 3.20 -16.07
N THR A 3 -2.59 3.47 -14.85
CA THR A 3 -3.43 3.78 -13.69
C THR A 3 -4.23 2.54 -13.26
N GLN A 4 -4.66 2.53 -12.00
CA GLN A 4 -5.21 1.38 -11.31
C GLN A 4 -4.16 0.28 -11.22
N LEU A 5 -3.16 0.54 -10.39
CA LEU A 5 -2.09 -0.36 -10.02
C LEU A 5 -1.70 -0.08 -8.57
N MET A 6 -0.77 -0.89 -8.04
CA MET A 6 -0.33 -0.81 -6.66
C MET A 6 0.28 0.54 -6.33
N GLY A 7 1.08 1.08 -7.25
CA GLY A 7 1.81 2.32 -7.05
C GLY A 7 0.89 3.40 -6.48
N GLU A 8 -0.18 3.73 -7.20
CA GLU A 8 -1.07 4.81 -6.81
C GLU A 8 -1.73 4.51 -5.47
N ARG A 9 -2.29 3.30 -5.29
CA ARG A 9 -3.05 3.00 -4.09
C ARG A 9 -2.16 3.12 -2.84
N ILE A 10 -0.90 2.65 -2.94
CA ILE A 10 0.06 2.72 -1.87
C ILE A 10 0.55 4.17 -1.68
N ARG A 11 0.94 4.82 -2.77
CA ARG A 11 1.40 6.21 -2.78
C ARG A 11 0.39 7.08 -2.03
N ALA A 12 -0.88 6.97 -2.41
CA ALA A 12 -1.98 7.72 -1.81
C ALA A 12 -1.94 7.57 -0.29
N ARG A 13 -2.13 6.34 0.22
CA ARG A 13 -2.13 6.07 1.65
C ARG A 13 -0.87 6.64 2.31
N ARG A 14 0.30 6.28 1.76
CA ARG A 14 1.57 6.69 2.31
C ARG A 14 1.65 8.20 2.45
N LYS A 15 1.21 8.94 1.43
CA LYS A 15 1.30 10.38 1.42
C LYS A 15 0.26 11.02 2.35
N LYS A 16 -0.96 10.45 2.44
CA LYS A 16 -1.92 10.96 3.41
C LYS A 16 -1.42 10.75 4.84
N LEU A 17 -0.92 9.56 5.14
CA LEU A 17 -0.38 9.27 6.47
C LEU A 17 0.98 9.93 6.71
N LYS A 18 1.72 10.23 5.63
CA LYS A 18 3.12 10.63 5.65
C LYS A 18 4.00 9.54 6.26
N ILE A 19 3.92 8.34 5.69
CA ILE A 19 4.74 7.21 6.14
C ILE A 19 6.01 7.13 5.29
N ARG A 20 7.14 6.75 5.90
CA ARG A 20 8.39 6.51 5.19
C ARG A 20 8.44 5.05 4.74
N GLN A 21 8.98 4.78 3.55
CA GLN A 21 9.06 3.43 3.00
C GLN A 21 9.68 2.46 4.02
N ALA A 22 10.84 2.82 4.58
CA ALA A 22 11.54 1.96 5.53
C ALA A 22 10.69 1.69 6.76
N ALA A 23 10.02 2.72 7.27
CA ALA A 23 9.12 2.59 8.42
C ALA A 23 8.01 1.58 8.08
N LEU A 24 7.40 1.74 6.90
CA LEU A 24 6.44 0.75 6.42
C LEU A 24 7.08 -0.64 6.44
N GLY A 25 8.24 -0.78 5.81
CA GLY A 25 9.00 -2.03 5.77
C GLY A 25 9.04 -2.69 7.14
N LYS A 26 9.48 -1.94 8.16
CA LYS A 26 9.53 -2.44 9.52
C LYS A 26 8.12 -2.86 10.00
N MET A 27 7.12 -1.98 9.85
CA MET A 27 5.78 -2.22 10.37
C MET A 27 5.08 -3.39 9.68
N VAL A 28 5.36 -3.65 8.40
CA VAL A 28 4.82 -4.80 7.69
C VAL A 28 5.63 -6.03 8.06
N GLY A 29 6.95 -5.94 7.91
CA GLY A 29 7.90 -7.02 8.05
C GLY A 29 8.52 -7.36 6.69
N VAL A 30 8.99 -6.35 5.96
CA VAL A 30 9.76 -6.51 4.73
C VAL A 30 10.87 -5.45 4.70
N SER A 31 11.73 -5.50 3.69
CA SER A 31 12.79 -4.52 3.49
C SER A 31 12.22 -3.23 2.88
N ASN A 32 12.91 -2.11 3.09
CA ASN A 32 12.63 -0.88 2.35
C ASN A 32 12.64 -1.15 0.84
N VAL A 33 13.55 -2.03 0.39
CA VAL A 33 13.61 -2.46 -1.00
C VAL A 33 12.27 -3.09 -1.38
N ALA A 34 11.81 -4.10 -0.65
CA ALA A 34 10.55 -4.76 -0.97
C ALA A 34 9.41 -3.74 -1.08
N ILE A 35 9.28 -2.85 -0.09
CA ILE A 35 8.33 -1.74 -0.20
C ILE A 35 8.52 -0.99 -1.52
N SER A 36 9.76 -0.58 -1.82
CA SER A 36 10.07 0.12 -3.06
C SER A 36 9.53 -0.66 -4.27
N GLN A 37 9.91 -1.94 -4.40
CA GLN A 37 9.44 -2.77 -5.50
C GLN A 37 7.92 -2.78 -5.59
N TRP A 38 7.27 -2.94 -4.43
CA TRP A 38 5.82 -2.90 -4.32
C TRP A 38 5.25 -1.59 -4.88
N GLU A 39 5.67 -0.44 -4.37
CA GLU A 39 5.09 0.83 -4.83
C GLU A 39 5.59 1.26 -6.22
N ARG A 40 6.68 0.67 -6.72
CA ARG A 40 7.06 0.80 -8.13
C ARG A 40 6.29 -0.21 -9.00
N SER A 41 5.46 -1.08 -8.39
CA SER A 41 4.67 -2.11 -9.07
C SER A 41 5.57 -3.02 -9.93
N GLU A 42 6.67 -3.51 -9.35
CA GLU A 42 7.54 -4.49 -9.96
C GLU A 42 7.13 -5.87 -9.44
N THR A 43 7.03 -6.00 -8.12
CA THR A 43 6.43 -7.12 -7.42
C THR A 43 5.24 -6.58 -6.63
N GLU A 44 4.48 -7.46 -5.97
CA GLU A 44 3.41 -7.07 -5.06
C GLU A 44 3.29 -8.15 -3.96
N PRO A 45 2.71 -7.83 -2.79
CA PRO A 45 2.52 -8.75 -1.68
C PRO A 45 1.52 -9.86 -2.01
N ASN A 46 1.28 -10.71 -1.01
CA ASN A 46 0.31 -11.79 -0.99
C ASN A 46 -0.35 -11.79 0.39
N GLY A 47 -1.36 -12.63 0.58
CA GLY A 47 -2.38 -12.52 1.63
C GLY A 47 -1.92 -11.89 2.94
N GLU A 48 -1.12 -12.62 3.72
CA GLU A 48 -0.70 -12.18 5.03
C GLU A 48 0.12 -10.89 4.95
N ASN A 49 1.00 -10.76 3.95
CA ASN A 49 1.71 -9.52 3.71
C ASN A 49 0.72 -8.40 3.40
N LEU A 50 -0.30 -8.64 2.59
CA LEU A 50 -1.32 -7.66 2.23
C LEU A 50 -2.10 -7.20 3.48
N LEU A 51 -2.45 -8.13 4.36
CA LEU A 51 -2.95 -7.78 5.69
C LEU A 51 -1.92 -6.89 6.42
N ALA A 52 -0.66 -7.32 6.45
CA ALA A 52 0.39 -6.60 7.13
C ALA A 52 0.63 -5.19 6.54
N LEU A 53 0.51 -5.05 5.22
CA LEU A 53 0.55 -3.81 4.46
C LEU A 53 -0.58 -2.93 4.98
N SER A 54 -1.82 -3.39 4.78
CA SER A 54 -2.99 -2.58 5.05
C SER A 54 -2.99 -2.11 6.50
N LYS A 55 -2.72 -3.02 7.44
CA LYS A 55 -2.64 -2.62 8.84
C LYS A 55 -1.48 -1.65 9.05
N ALA A 56 -0.30 -1.88 8.45
CA ALA A 56 0.80 -0.91 8.60
C ALA A 56 0.50 0.44 7.96
N LEU A 57 -0.37 0.43 6.96
CA LEU A 57 -0.94 1.60 6.30
C LEU A 57 -2.28 1.96 6.92
N GLN A 58 -2.53 1.58 8.18
CA GLN A 58 -3.65 2.05 8.98
C GLN A 58 -4.98 1.99 8.21
N CYS A 59 -5.24 0.86 7.53
CA CYS A 59 -6.41 0.66 6.69
C CYS A 59 -6.70 -0.83 6.54
N SER A 60 -7.79 -1.16 5.86
CA SER A 60 -8.31 -2.50 5.64
C SER A 60 -7.74 -3.09 4.34
N PRO A 61 -7.66 -4.43 4.21
CA PRO A 61 -7.01 -5.08 3.09
C PRO A 61 -7.72 -4.78 1.78
N ASP A 62 -9.05 -4.89 1.80
CA ASP A 62 -9.98 -4.58 0.71
C ASP A 62 -9.52 -3.32 -0.04
N TYR A 63 -9.32 -2.23 0.69
CA TYR A 63 -8.96 -0.93 0.15
C TYR A 63 -7.76 -1.03 -0.80
N LEU A 64 -6.80 -1.88 -0.46
CA LEU A 64 -5.61 -2.11 -1.27
C LEU A 64 -5.72 -3.32 -2.20
N LEU A 65 -6.64 -4.24 -1.93
CA LEU A 65 -6.98 -5.29 -2.88
C LEU A 65 -7.54 -4.63 -4.14
N LYS A 66 -8.57 -3.79 -3.98
CA LYS A 66 -9.24 -3.07 -5.04
C LYS A 66 -10.13 -1.99 -4.42
N GLY A 67 -9.51 -1.02 -3.75
CA GLY A 67 -10.19 0.19 -3.29
C GLY A 67 -9.64 1.40 -4.01
N ASP A 68 -8.33 1.59 -3.84
CA ASP A 68 -7.53 2.26 -4.85
C ASP A 68 -8.04 3.67 -5.15
N LEU A 69 -8.01 4.58 -4.17
CA LEU A 69 -8.77 5.83 -4.22
C LEU A 69 -8.30 6.85 -5.30
N SER A 70 -7.40 6.46 -6.21
CA SER A 70 -6.80 7.35 -7.18
C SER A 70 -7.86 7.81 -8.18
N GLN A 71 -8.45 8.98 -7.94
CA GLN A 71 -9.38 9.67 -8.83
C GLN A 71 -10.69 8.88 -8.99
N THR A 72 -10.99 7.95 -8.08
CA THR A 72 -12.17 7.11 -8.18
C THR A 72 -13.40 7.87 -7.68
N ASN A 73 -13.85 8.81 -8.50
CA ASN A 73 -14.66 9.97 -8.13
C ASN A 73 -13.74 10.96 -7.41
N VAL A 74 -14.03 12.25 -7.55
CA VAL A 74 -13.23 13.33 -6.99
C VAL A 74 -11.81 13.23 -7.56
N ALA A 75 -11.67 13.59 -8.85
CA ALA A 75 -10.37 13.58 -9.51
C ALA A 75 -9.35 14.38 -8.71
N TYR A 76 -9.84 15.55 -8.33
CA TYR A 76 -9.48 16.32 -7.16
C TYR A 76 -10.82 16.90 -6.67
N MET A 1 -1.32 1.53 -20.92
CA MET A 1 -0.13 0.99 -20.24
C MET A 1 -0.58 0.30 -18.95
N ASN A 2 0.33 -0.40 -18.27
CA ASN A 2 0.06 -0.96 -16.94
C ASN A 2 -0.48 0.15 -16.04
N THR A 3 -1.77 0.11 -15.75
CA THR A 3 -2.49 1.21 -15.17
C THR A 3 -2.24 1.28 -13.66
N GLN A 4 -1.02 1.65 -13.28
CA GLN A 4 -0.55 1.72 -11.91
C GLN A 4 -0.49 0.34 -11.26
N LEU A 5 -0.13 0.32 -9.98
CA LEU A 5 -0.09 -0.84 -9.11
C LEU A 5 -0.87 -0.43 -7.85
N MET A 6 -1.32 -1.40 -7.04
CA MET A 6 -1.74 -1.19 -5.65
C MET A 6 -0.71 -0.28 -4.97
N GLY A 7 0.57 -0.55 -5.27
CA GLY A 7 1.73 0.28 -5.06
C GLY A 7 1.45 1.78 -5.02
N GLU A 8 0.68 2.28 -5.99
CA GLU A 8 0.43 3.71 -6.09
C GLU A 8 -0.54 4.19 -5.02
N ARG A 9 -1.55 3.40 -4.66
CA ARG A 9 -2.40 3.80 -3.54
C ARG A 9 -1.70 3.54 -2.21
N ILE A 10 -0.84 2.52 -2.15
CA ILE A 10 0.08 2.32 -1.04
C ILE A 10 0.93 3.58 -0.86
N ARG A 11 1.54 4.08 -1.94
CA ARG A 11 2.26 5.35 -1.96
C ARG A 11 1.38 6.46 -1.43
N ALA A 12 0.19 6.64 -2.01
CA ALA A 12 -0.74 7.69 -1.59
C ALA A 12 -0.95 7.67 -0.07
N ARG A 13 -1.33 6.51 0.47
CA ARG A 13 -1.53 6.36 1.91
C ARG A 13 -0.23 6.62 2.69
N ARG A 14 0.88 6.02 2.25
CA ARG A 14 2.19 6.16 2.87
C ARG A 14 2.56 7.65 2.98
N LYS A 15 2.34 8.40 1.89
CA LYS A 15 2.60 9.83 1.81
C LYS A 15 1.64 10.58 2.72
N LYS A 16 0.36 10.22 2.71
CA LYS A 16 -0.64 10.85 3.57
C LYS A 16 -0.24 10.73 5.04
N LEU A 17 0.09 9.52 5.48
CA LEU A 17 0.54 9.27 6.84
C LEU A 17 1.93 9.90 7.06
N LYS A 18 2.77 9.91 6.03
CA LYS A 18 4.11 10.48 5.95
C LYS A 18 5.13 9.49 6.51
N ILE A 19 5.05 8.23 6.08
CA ILE A 19 5.88 7.15 6.60
C ILE A 19 7.03 6.90 5.61
N ARG A 20 8.28 7.00 6.08
CA ARG A 20 9.44 6.65 5.24
C ARG A 20 9.40 5.17 4.87
N GLN A 21 9.79 4.84 3.63
CA GLN A 21 9.78 3.47 3.12
C GLN A 21 10.44 2.50 4.11
N ALA A 22 11.58 2.89 4.70
CA ALA A 22 12.25 2.08 5.70
C ALA A 22 11.34 1.80 6.90
N ALA A 23 10.63 2.83 7.37
CA ALA A 23 9.76 2.67 8.53
C ALA A 23 8.58 1.77 8.17
N LEU A 24 7.94 2.03 7.02
CA LEU A 24 6.83 1.21 6.57
C LEU A 24 7.32 -0.23 6.41
N GLY A 25 8.47 -0.42 5.75
CA GLY A 25 9.11 -1.71 5.59
C GLY A 25 9.22 -2.41 6.94
N LYS A 26 9.86 -1.77 7.91
CA LYS A 26 10.01 -2.36 9.24
C LYS A 26 8.64 -2.71 9.85
N MET A 27 7.66 -1.82 9.76
CA MET A 27 6.39 -2.00 10.45
C MET A 27 5.54 -3.10 9.80
N VAL A 28 5.53 -3.17 8.46
CA VAL A 28 4.83 -4.22 7.73
C VAL A 28 5.58 -5.54 7.91
N GLY A 29 6.90 -5.51 7.71
CA GLY A 29 7.80 -6.66 7.74
C GLY A 29 8.36 -6.95 6.35
N VAL A 30 8.88 -5.93 5.66
CA VAL A 30 9.62 -6.06 4.40
C VAL A 30 10.75 -5.02 4.38
N SER A 31 11.58 -5.02 3.33
CA SER A 31 12.63 -4.03 3.18
C SER A 31 12.08 -2.71 2.61
N ASN A 32 12.84 -1.62 2.76
CA ASN A 32 12.59 -0.37 2.05
C ASN A 32 12.49 -0.64 0.55
N VAL A 33 13.41 -1.44 0.01
CA VAL A 33 13.40 -1.82 -1.40
C VAL A 33 12.07 -2.49 -1.72
N ALA A 34 11.65 -3.50 -0.93
CA ALA A 34 10.40 -4.18 -1.18
C ALA A 34 9.22 -3.21 -1.19
N ILE A 35 9.10 -2.33 -0.18
CA ILE A 35 8.12 -1.25 -0.22
C ILE A 35 8.23 -0.49 -1.56
N SER A 36 9.43 -0.12 -1.96
CA SER A 36 9.63 0.64 -3.18
C SER A 36 9.20 -0.14 -4.43
N GLN A 37 9.49 -1.45 -4.47
CA GLN A 37 9.10 -2.30 -5.58
C GLN A 37 7.59 -2.43 -5.64
N TRP A 38 6.95 -2.66 -4.49
CA TRP A 38 5.50 -2.60 -4.38
C TRP A 38 5.01 -1.27 -4.94
N GLU A 39 5.53 -0.15 -4.42
CA GLU A 39 5.17 1.19 -4.85
C GLU A 39 5.16 1.30 -6.38
N ARG A 40 6.28 0.95 -7.04
CA ARG A 40 6.33 0.94 -8.50
C ARG A 40 7.49 0.12 -9.07
N SER A 41 7.31 -1.20 -9.21
CA SER A 41 8.17 -1.98 -10.06
C SER A 41 7.37 -3.14 -10.66
N GLU A 42 7.43 -4.31 -10.03
CA GLU A 42 6.83 -5.55 -10.51
C GLU A 42 6.16 -6.30 -9.35
N THR A 43 6.81 -6.37 -8.19
CA THR A 43 6.18 -7.02 -7.05
C THR A 43 4.90 -6.28 -6.68
N GLU A 44 3.97 -7.00 -6.04
CA GLU A 44 2.72 -6.50 -5.50
C GLU A 44 2.47 -7.39 -4.27
N PRO A 45 1.98 -6.87 -3.14
CA PRO A 45 1.93 -7.60 -1.88
C PRO A 45 0.95 -8.79 -1.92
N ASN A 46 1.36 -9.90 -1.31
CA ASN A 46 0.57 -11.11 -1.14
C ASN A 46 -0.14 -11.15 0.21
N GLY A 47 -1.22 -11.91 0.28
CA GLY A 47 -2.21 -12.00 1.36
C GLY A 47 -1.74 -11.52 2.73
N GLU A 48 -0.79 -12.23 3.34
CA GLU A 48 -0.30 -11.92 4.68
C GLU A 48 0.34 -10.52 4.73
N ASN A 49 1.18 -10.23 3.73
CA ASN A 49 1.84 -8.94 3.61
C ASN A 49 0.82 -7.85 3.28
N LEU A 50 -0.19 -8.19 2.50
CA LEU A 50 -1.27 -7.30 2.13
C LEU A 50 -2.07 -6.94 3.39
N LEU A 51 -2.38 -7.91 4.24
CA LEU A 51 -3.00 -7.65 5.53
C LEU A 51 -2.09 -6.76 6.38
N ALA A 52 -0.80 -7.10 6.49
CA ALA A 52 0.13 -6.29 7.27
C ALA A 52 0.19 -4.85 6.73
N LEU A 53 0.20 -4.68 5.41
CA LEU A 53 0.10 -3.39 4.74
C LEU A 53 -1.19 -2.68 5.14
N SER A 54 -2.33 -3.37 5.03
CA SER A 54 -3.62 -2.77 5.35
C SER A 54 -3.62 -2.22 6.78
N LYS A 55 -3.13 -3.02 7.73
CA LYS A 55 -2.92 -2.55 9.09
C LYS A 55 -2.00 -1.33 9.08
N ALA A 56 -0.79 -1.46 8.52
CA ALA A 56 0.21 -0.40 8.53
C ALA A 56 -0.29 0.93 7.98
N LEU A 57 -1.06 0.83 6.92
CA LEU A 57 -1.62 1.96 6.19
C LEU A 57 -2.94 2.44 6.80
N GLN A 58 -3.48 1.74 7.81
CA GLN A 58 -4.71 2.07 8.50
C GLN A 58 -5.90 2.03 7.52
N CYS A 59 -6.08 0.90 6.84
CA CYS A 59 -7.22 0.67 5.95
C CYS A 59 -7.55 -0.84 5.92
N SER A 60 -8.63 -1.20 5.25
CA SER A 60 -9.11 -2.57 5.14
C SER A 60 -8.52 -3.24 3.87
N PRO A 61 -8.49 -4.58 3.81
CA PRO A 61 -7.87 -5.31 2.70
C PRO A 61 -8.71 -5.26 1.42
N ASP A 62 -10.02 -5.34 1.56
CA ASP A 62 -11.00 -5.22 0.48
C ASP A 62 -10.65 -4.08 -0.48
N TYR A 63 -10.31 -2.92 0.11
CA TYR A 63 -9.85 -1.71 -0.54
C TYR A 63 -8.77 -2.08 -1.57
N LEU A 64 -7.81 -2.89 -1.17
CA LEU A 64 -6.68 -3.22 -2.01
C LEU A 64 -7.01 -4.34 -2.98
N LEU A 65 -7.88 -5.27 -2.57
CA LEU A 65 -8.37 -6.28 -3.49
C LEU A 65 -9.07 -5.61 -4.68
N LYS A 66 -10.09 -4.78 -4.43
CA LYS A 66 -10.76 -4.03 -5.49
C LYS A 66 -11.69 -2.99 -4.87
N GLY A 67 -11.14 -2.03 -4.12
CA GLY A 67 -11.86 -0.82 -3.74
C GLY A 67 -11.18 0.37 -4.37
N ASP A 68 -9.90 0.54 -4.00
CA ASP A 68 -8.96 1.47 -4.61
C ASP A 68 -9.54 2.88 -4.80
N LEU A 69 -10.42 3.27 -3.87
CA LEU A 69 -10.87 4.64 -3.70
C LEU A 69 -9.77 5.46 -3.03
N SER A 70 -8.66 5.65 -3.77
CA SER A 70 -7.52 6.42 -3.31
C SER A 70 -7.60 7.88 -3.73
N GLN A 71 -8.71 8.30 -4.33
CA GLN A 71 -8.81 9.54 -5.10
C GLN A 71 -9.16 10.73 -4.19
N THR A 72 -8.71 10.68 -2.93
CA THR A 72 -9.04 11.65 -1.92
C THR A 72 -8.39 12.98 -2.30
N ASN A 73 -9.18 13.84 -2.94
CA ASN A 73 -8.81 15.16 -3.44
C ASN A 73 -8.06 15.07 -4.76
N VAL A 74 -8.07 13.90 -5.41
CA VAL A 74 -7.55 13.76 -6.77
C VAL A 74 -8.68 14.21 -7.70
N ALA A 75 -8.92 15.52 -7.70
CA ALA A 75 -9.83 16.19 -8.62
C ALA A 75 -9.19 16.18 -10.01
N TYR A 76 -9.07 14.97 -10.57
CA TYR A 76 -8.13 14.62 -11.61
C TYR A 76 -6.71 14.98 -11.18
N MET A 1 -5.19 2.76 -18.73
CA MET A 1 -5.90 1.47 -18.87
C MET A 1 -6.10 0.94 -17.46
N ASN A 2 -7.31 1.12 -16.92
CA ASN A 2 -7.48 1.55 -15.53
C ASN A 2 -6.79 2.92 -15.36
N THR A 3 -6.84 3.49 -14.16
CA THR A 3 -6.05 4.66 -13.78
C THR A 3 -5.69 4.53 -12.29
N GLN A 4 -5.41 3.30 -11.86
CA GLN A 4 -4.92 2.95 -10.54
C GLN A 4 -3.98 1.76 -10.73
N LEU A 5 -3.08 1.59 -9.76
CA LEU A 5 -2.25 0.40 -9.59
C LEU A 5 -2.00 0.34 -8.09
N MET A 6 -2.10 -0.85 -7.47
CA MET A 6 -1.95 -1.03 -6.03
C MET A 6 -0.71 -0.30 -5.50
N GLY A 7 0.42 -0.32 -6.22
CA GLY A 7 1.62 0.41 -5.83
C GLY A 7 1.34 1.90 -5.59
N GLU A 8 0.79 2.57 -6.60
CA GLU A 8 0.43 3.99 -6.53
C GLU A 8 -0.61 4.19 -5.42
N ARG A 9 -1.58 3.27 -5.38
CA ARG A 9 -2.60 3.17 -4.34
C ARG A 9 -1.95 3.15 -2.95
N ILE A 10 -0.87 2.39 -2.75
CA ILE A 10 -0.15 2.37 -1.47
C ILE A 10 0.37 3.77 -1.20
N ARG A 11 1.16 4.31 -2.14
CA ARG A 11 1.79 5.62 -1.96
C ARG A 11 0.76 6.70 -1.61
N ALA A 12 -0.40 6.63 -2.25
CA ALA A 12 -1.52 7.54 -2.02
C ALA A 12 -1.93 7.59 -0.54
N ARG A 13 -1.86 6.49 0.21
CA ARG A 13 -1.95 6.55 1.67
C ARG A 13 -0.61 6.87 2.35
N ARG A 14 0.51 6.31 1.88
CA ARG A 14 1.80 6.57 2.50
C ARG A 14 2.05 8.06 2.69
N LYS A 15 1.77 8.86 1.66
CA LYS A 15 1.92 10.32 1.70
C LYS A 15 0.84 11.02 2.51
N LYS A 16 -0.29 10.36 2.68
CA LYS A 16 -1.42 10.83 3.49
C LYS A 16 -1.02 10.73 4.95
N LEU A 17 -0.63 9.53 5.37
CA LEU A 17 -0.16 9.20 6.71
C LEU A 17 1.19 9.87 6.97
N LYS A 18 1.98 10.05 5.90
CA LYS A 18 3.28 10.70 5.86
C LYS A 18 4.34 9.77 6.46
N ILE A 19 4.30 8.49 6.04
CA ILE A 19 5.16 7.45 6.59
C ILE A 19 6.40 7.31 5.70
N ARG A 20 7.59 7.31 6.31
CA ARG A 20 8.84 7.10 5.59
C ARG A 20 8.89 5.65 5.07
N GLN A 21 9.39 5.46 3.84
CA GLN A 21 9.43 4.18 3.15
C GLN A 21 9.97 3.06 4.06
N ALA A 22 11.13 3.29 4.67
CA ALA A 22 11.76 2.31 5.54
C ALA A 22 10.91 2.05 6.79
N ALA A 23 10.25 3.08 7.31
CA ALA A 23 9.36 2.92 8.44
C ALA A 23 8.17 2.04 8.05
N LEU A 24 7.57 2.31 6.88
CA LEU A 24 6.52 1.45 6.33
C LEU A 24 7.05 0.01 6.25
N GLY A 25 8.22 -0.16 5.65
CA GLY A 25 8.93 -1.43 5.60
C GLY A 25 8.92 -2.12 6.96
N LYS A 26 9.45 -1.43 7.98
CA LYS A 26 9.50 -2.00 9.33
C LYS A 26 8.10 -2.35 9.85
N MET A 27 7.12 -1.45 9.67
CA MET A 27 5.76 -1.69 10.13
C MET A 27 5.20 -2.98 9.54
N VAL A 28 5.29 -3.13 8.21
CA VAL A 28 4.79 -4.32 7.52
C VAL A 28 5.61 -5.54 7.94
N GLY A 29 6.93 -5.36 8.01
CA GLY A 29 7.91 -6.42 8.18
C GLY A 29 8.51 -6.82 6.83
N VAL A 30 8.87 -5.82 6.02
CA VAL A 30 9.67 -6.00 4.80
C VAL A 30 10.75 -4.93 4.77
N SER A 31 11.67 -4.99 3.80
CA SER A 31 12.70 -3.99 3.65
C SER A 31 12.15 -2.74 2.96
N ASN A 32 12.84 -1.61 3.15
CA ASN A 32 12.64 -0.40 2.37
C ASN A 32 12.65 -0.73 0.88
N VAL A 33 13.63 -1.56 0.48
CA VAL A 33 13.74 -2.08 -0.86
C VAL A 33 12.43 -2.79 -1.24
N ALA A 34 11.98 -3.77 -0.47
CA ALA A 34 10.77 -4.52 -0.78
C ALA A 34 9.58 -3.59 -1.03
N ILE A 35 9.31 -2.64 -0.12
CA ILE A 35 8.31 -1.60 -0.37
C ILE A 35 8.51 -0.96 -1.75
N SER A 36 9.75 -0.57 -2.08
CA SER A 36 10.06 0.03 -3.37
C SER A 36 9.69 -0.92 -4.52
N GLN A 37 10.17 -2.17 -4.46
CA GLN A 37 9.98 -3.20 -5.46
C GLN A 37 8.48 -3.47 -5.68
N TRP A 38 7.71 -3.46 -4.60
CA TRP A 38 6.27 -3.49 -4.65
C TRP A 38 5.72 -2.28 -5.39
N GLU A 39 5.95 -1.06 -4.89
CA GLU A 39 5.25 0.08 -5.46
C GLU A 39 5.62 0.31 -6.92
N ARG A 40 6.88 0.06 -7.29
CA ARG A 40 7.32 0.17 -8.67
C ARG A 40 6.83 -1.00 -9.54
N SER A 41 5.90 -1.82 -9.04
CA SER A 41 5.14 -2.84 -9.76
C SER A 41 6.00 -4.01 -10.22
N GLU A 42 7.14 -4.24 -9.55
CA GLU A 42 8.14 -5.19 -10.01
C GLU A 42 8.06 -6.48 -9.19
N THR A 43 7.63 -6.38 -7.92
CA THR A 43 7.21 -7.53 -7.12
C THR A 43 5.78 -7.28 -6.62
N GLU A 44 5.20 -8.26 -5.93
CA GLU A 44 3.80 -8.29 -5.52
C GLU A 44 3.74 -8.53 -4.00
N PRO A 45 2.78 -7.89 -3.29
CA PRO A 45 2.33 -8.34 -1.99
C PRO A 45 1.14 -9.28 -2.17
N ASN A 46 1.24 -10.47 -1.59
CA ASN A 46 0.21 -11.50 -1.59
C ASN A 46 -0.43 -11.55 -0.21
N GLY A 47 -1.56 -12.26 -0.10
CA GLY A 47 -2.55 -12.17 0.98
C GLY A 47 -1.99 -11.69 2.31
N GLU A 48 -1.13 -12.50 2.94
CA GLU A 48 -0.58 -12.19 4.26
C GLU A 48 0.09 -10.81 4.23
N ASN A 49 1.01 -10.62 3.29
CA ASN A 49 1.78 -9.40 3.18
C ASN A 49 0.86 -8.22 2.85
N LEU A 50 -0.16 -8.45 2.03
CA LEU A 50 -1.15 -7.43 1.73
C LEU A 50 -1.93 -7.06 2.99
N LEU A 51 -2.32 -8.03 3.81
CA LEU A 51 -2.92 -7.76 5.11
C LEU A 51 -1.94 -6.96 5.98
N ALA A 52 -0.68 -7.37 6.07
CA ALA A 52 0.33 -6.65 6.84
C ALA A 52 0.46 -5.21 6.37
N LEU A 53 0.50 -5.00 5.04
CA LEU A 53 0.42 -3.68 4.42
C LEU A 53 -0.79 -2.91 4.93
N SER A 54 -1.97 -3.50 4.77
CA SER A 54 -3.23 -2.87 5.15
C SER A 54 -3.20 -2.45 6.62
N LYS A 55 -2.73 -3.34 7.48
CA LYS A 55 -2.53 -3.11 8.91
C LYS A 55 -1.59 -1.92 9.09
N ALA A 56 -0.39 -1.97 8.51
CA ALA A 56 0.60 -0.90 8.63
C ALA A 56 0.03 0.45 8.24
N LEU A 57 -0.71 0.44 7.14
CA LEU A 57 -1.37 1.60 6.56
C LEU A 57 -2.61 2.02 7.36
N GLN A 58 -3.13 1.16 8.24
CA GLN A 58 -4.33 1.37 9.04
C GLN A 58 -5.57 1.42 8.15
N CYS A 59 -5.82 0.33 7.41
CA CYS A 59 -6.94 0.21 6.48
C CYS A 59 -7.27 -1.27 6.24
N SER A 60 -8.31 -1.55 5.46
CA SER A 60 -8.76 -2.90 5.17
C SER A 60 -7.95 -3.50 4.01
N PRO A 61 -7.84 -4.83 3.89
CA PRO A 61 -7.39 -5.44 2.64
C PRO A 61 -8.32 -5.00 1.50
N ASP A 62 -9.62 -5.04 1.76
CA ASP A 62 -10.68 -4.49 0.92
C ASP A 62 -10.32 -3.14 0.28
N TYR A 63 -9.70 -2.23 1.03
CA TYR A 63 -9.35 -0.90 0.55
C TYR A 63 -8.31 -1.00 -0.55
N LEU A 64 -7.14 -1.59 -0.27
CA LEU A 64 -6.13 -1.76 -1.30
C LEU A 64 -6.64 -2.61 -2.46
N LEU A 65 -7.33 -3.71 -2.14
CA LEU A 65 -7.83 -4.68 -3.08
C LEU A 65 -8.81 -4.02 -4.06
N LYS A 66 -9.88 -3.39 -3.57
CA LYS A 66 -10.84 -2.78 -4.48
C LYS A 66 -10.20 -1.56 -5.13
N GLY A 67 -9.44 -0.79 -4.34
CA GLY A 67 -8.73 0.38 -4.83
C GLY A 67 -9.33 1.65 -4.25
N ASP A 68 -9.19 1.80 -2.93
CA ASP A 68 -9.76 2.86 -2.10
C ASP A 68 -11.14 2.50 -1.54
N LEU A 69 -11.86 3.52 -1.08
CA LEU A 69 -13.10 3.50 -0.32
C LEU A 69 -13.52 4.96 -0.09
N SER A 70 -12.53 5.82 0.16
CA SER A 70 -12.63 7.26 0.29
C SER A 70 -12.90 7.72 1.72
N GLN A 71 -12.67 9.01 1.94
CA GLN A 71 -12.66 9.71 3.23
C GLN A 71 -11.77 9.07 4.30
N THR A 72 -10.85 8.18 3.93
CA THR A 72 -10.04 7.50 4.94
C THR A 72 -8.92 8.43 5.41
N ASN A 73 -9.22 9.27 6.40
CA ASN A 73 -8.29 10.19 7.05
C ASN A 73 -7.49 11.01 6.04
N VAL A 74 -8.18 11.84 5.26
CA VAL A 74 -7.57 12.73 4.28
C VAL A 74 -6.96 13.95 4.99
N ALA A 75 -6.02 13.71 5.91
CA ALA A 75 -5.19 14.76 6.49
C ALA A 75 -4.09 15.12 5.49
N TYR A 76 -4.49 15.47 4.27
CA TYR A 76 -3.67 15.66 3.08
C TYR A 76 -2.69 14.50 2.85
N MET A 1 -10.28 1.54 -7.68
CA MET A 1 -11.11 2.17 -8.72
C MET A 1 -10.23 3.11 -9.52
N ASN A 2 -10.15 4.39 -9.15
CA ASN A 2 -8.99 5.22 -9.48
C ASN A 2 -7.77 4.55 -8.85
N THR A 3 -6.94 3.90 -9.67
CA THR A 3 -5.93 2.98 -9.19
C THR A 3 -4.83 2.86 -10.23
N GLN A 4 -3.82 3.72 -10.17
CA GLN A 4 -2.64 3.58 -11.01
C GLN A 4 -1.79 2.43 -10.46
N LEU A 5 -2.24 1.21 -10.77
CA LEU A 5 -1.64 -0.05 -10.36
C LEU A 5 -1.64 -0.17 -8.82
N MET A 6 -1.14 -1.31 -8.32
CA MET A 6 -0.78 -1.51 -6.93
C MET A 6 0.04 -0.32 -6.42
N GLY A 7 0.97 0.15 -7.24
CA GLY A 7 1.89 1.21 -6.89
C GLY A 7 1.20 2.38 -6.20
N GLU A 8 0.23 2.99 -6.87
CA GLU A 8 -0.47 4.11 -6.24
C GLU A 8 -1.40 3.67 -5.12
N ARG A 9 -2.16 2.58 -5.21
CA ARG A 9 -3.01 2.22 -4.07
C ARG A 9 -2.20 2.02 -2.78
N ILE A 10 -0.99 1.45 -2.90
CA ILE A 10 -0.10 1.30 -1.76
C ILE A 10 0.45 2.67 -1.35
N ARG A 11 1.11 3.36 -2.29
CA ARG A 11 1.80 4.61 -1.99
C ARG A 11 0.83 5.66 -1.45
N ALA A 12 -0.37 5.71 -2.00
CA ALA A 12 -1.43 6.65 -1.66
C ALA A 12 -1.53 6.83 -0.16
N ARG A 13 -1.75 5.73 0.56
CA ARG A 13 -1.99 5.84 1.99
C ARG A 13 -0.71 6.25 2.71
N ARG A 14 0.43 5.64 2.37
CA ARG A 14 1.72 6.00 2.96
C ARG A 14 2.02 7.50 2.79
N LYS A 15 1.89 8.01 1.57
CA LYS A 15 2.20 9.38 1.23
C LYS A 15 1.21 10.31 1.91
N LYS A 16 -0.09 9.97 1.93
CA LYS A 16 -1.09 10.76 2.64
C LYS A 16 -0.78 10.83 4.15
N LEU A 17 -0.39 9.70 4.75
CA LEU A 17 0.04 9.66 6.14
C LEU A 17 1.44 10.24 6.33
N LYS A 18 2.13 10.56 5.23
CA LYS A 18 3.49 11.09 5.22
C LYS A 18 4.52 10.15 5.86
N ILE A 19 4.25 8.84 5.89
CA ILE A 19 5.10 7.90 6.62
C ILE A 19 6.42 7.65 5.87
N ARG A 20 7.51 7.53 6.65
CA ARG A 20 8.84 7.25 6.14
C ARG A 20 8.92 5.80 5.62
N GLN A 21 9.39 5.64 4.38
CA GLN A 21 9.37 4.38 3.66
C GLN A 21 10.01 3.24 4.47
N ALA A 22 11.21 3.47 5.00
CA ALA A 22 11.93 2.46 5.76
C ALA A 22 11.14 2.06 7.02
N ALA A 23 10.52 3.05 7.68
CA ALA A 23 9.69 2.79 8.85
C ALA A 23 8.51 1.91 8.43
N LEU A 24 7.86 2.25 7.31
CA LEU A 24 6.79 1.43 6.76
C LEU A 24 7.30 -0.01 6.56
N GLY A 25 8.44 -0.17 5.88
CA GLY A 25 9.08 -1.46 5.67
C GLY A 25 9.19 -2.23 6.98
N LYS A 26 9.84 -1.64 7.98
CA LYS A 26 10.00 -2.28 9.26
C LYS A 26 8.65 -2.64 9.88
N MET A 27 7.67 -1.73 9.84
CA MET A 27 6.40 -1.92 10.52
C MET A 27 5.57 -3.04 9.86
N VAL A 28 5.62 -3.16 8.52
CA VAL A 28 5.03 -4.31 7.83
C VAL A 28 5.84 -5.57 8.17
N GLY A 29 7.16 -5.46 8.11
CA GLY A 29 8.11 -6.55 8.25
C GLY A 29 8.66 -6.94 6.87
N VAL A 30 9.11 -5.95 6.09
CA VAL A 30 9.85 -6.15 4.86
C VAL A 30 10.97 -5.10 4.79
N SER A 31 11.81 -5.16 3.76
CA SER A 31 12.84 -4.16 3.53
C SER A 31 12.23 -2.90 2.92
N ASN A 32 12.91 -1.77 3.09
CA ASN A 32 12.61 -0.55 2.36
C ASN A 32 12.59 -0.83 0.85
N VAL A 33 13.55 -1.64 0.39
CA VAL A 33 13.61 -2.11 -0.98
C VAL A 33 12.30 -2.80 -1.36
N ALA A 34 11.86 -3.78 -0.58
CA ALA A 34 10.62 -4.50 -0.90
C ALA A 34 9.44 -3.53 -1.02
N ILE A 35 9.26 -2.64 -0.02
CA ILE A 35 8.26 -1.57 -0.15
C ILE A 35 8.44 -0.83 -1.49
N SER A 36 9.67 -0.42 -1.80
CA SER A 36 9.98 0.28 -3.05
C SER A 36 9.44 -0.51 -4.25
N GLN A 37 9.85 -1.78 -4.38
CA GLN A 37 9.47 -2.64 -5.49
C GLN A 37 7.95 -2.77 -5.59
N TRP A 38 7.31 -3.05 -4.45
CA TRP A 38 5.85 -3.10 -4.36
C TRP A 38 5.23 -1.80 -4.88
N GLU A 39 5.72 -0.66 -4.42
CA GLU A 39 5.11 0.61 -4.76
C GLU A 39 5.46 1.08 -6.18
N ARG A 40 6.54 0.57 -6.77
CA ARG A 40 6.74 0.70 -8.21
C ARG A 40 5.62 -0.10 -8.90
N SER A 41 5.44 -1.36 -8.46
CA SER A 41 4.60 -2.42 -9.03
C SER A 41 5.48 -3.47 -9.72
N GLU A 42 6.72 -3.66 -9.26
CA GLU A 42 7.62 -4.65 -9.83
C GLU A 42 7.17 -6.06 -9.43
N THR A 43 6.83 -6.21 -8.15
CA THR A 43 6.27 -7.42 -7.58
C THR A 43 5.05 -6.97 -6.77
N GLU A 44 4.17 -7.92 -6.40
CA GLU A 44 3.04 -7.62 -5.54
C GLU A 44 3.37 -7.98 -4.08
N PRO A 45 2.70 -7.32 -3.12
CA PRO A 45 2.44 -7.92 -1.82
C PRO A 45 1.27 -8.90 -1.99
N ASN A 46 1.39 -10.13 -1.51
CA ASN A 46 0.30 -11.11 -1.62
C ASN A 46 -0.54 -11.11 -0.36
N GLY A 47 -1.61 -11.90 -0.35
CA GLY A 47 -2.59 -12.01 0.73
C GLY A 47 -2.06 -11.67 2.13
N GLU A 48 -1.16 -12.51 2.65
CA GLU A 48 -0.59 -12.38 3.98
C GLU A 48 0.11 -11.01 4.12
N ASN A 49 0.85 -10.61 3.09
CA ASN A 49 1.46 -9.29 3.09
C ASN A 49 0.38 -8.23 3.10
N LEU A 50 -0.52 -8.23 2.12
CA LEU A 50 -1.60 -7.29 1.92
C LEU A 50 -2.32 -7.01 3.25
N LEU A 51 -2.60 -8.06 4.04
CA LEU A 51 -3.09 -7.89 5.40
C LEU A 51 -2.16 -7.00 6.23
N ALA A 52 -0.86 -7.33 6.28
CA ALA A 52 0.13 -6.58 7.05
C ALA A 52 0.28 -5.15 6.53
N LEU A 53 0.43 -4.96 5.21
CA LEU A 53 0.47 -3.67 4.55
C LEU A 53 -0.73 -2.85 5.01
N SER A 54 -1.93 -3.38 4.79
CA SER A 54 -3.13 -2.64 5.11
C SER A 54 -3.14 -2.25 6.58
N LYS A 55 -2.72 -3.16 7.47
CA LYS A 55 -2.62 -2.87 8.90
C LYS A 55 -1.63 -1.72 9.12
N ALA A 56 -0.40 -1.82 8.60
CA ALA A 56 0.61 -0.79 8.70
C ALA A 56 0.08 0.57 8.26
N LEU A 57 -0.60 0.53 7.13
CA LEU A 57 -1.23 1.66 6.46
C LEU A 57 -2.54 2.09 7.15
N GLN A 58 -2.93 1.45 8.25
CA GLN A 58 -4.09 1.77 9.07
C GLN A 58 -5.37 1.67 8.25
N CYS A 59 -5.61 0.51 7.64
CA CYS A 59 -6.75 0.27 6.77
C CYS A 59 -7.02 -1.23 6.61
N SER A 60 -8.14 -1.53 5.96
CA SER A 60 -8.64 -2.85 5.64
C SER A 60 -8.00 -3.33 4.32
N PRO A 61 -7.98 -4.64 4.06
CA PRO A 61 -7.38 -5.19 2.84
C PRO A 61 -8.18 -4.78 1.61
N ASP A 62 -9.51 -4.77 1.72
CA ASP A 62 -10.43 -4.46 0.63
C ASP A 62 -10.03 -3.17 -0.09
N TYR A 63 -9.63 -2.14 0.67
CA TYR A 63 -9.13 -0.88 0.14
C TYR A 63 -8.08 -1.12 -0.94
N LEU A 64 -7.14 -2.03 -0.70
CA LEU A 64 -6.05 -2.36 -1.60
C LEU A 64 -6.35 -3.54 -2.51
N LEU A 65 -7.46 -4.25 -2.29
CA LEU A 65 -8.02 -5.16 -3.28
C LEU A 65 -8.66 -4.32 -4.40
N LYS A 66 -9.63 -3.47 -4.05
CA LYS A 66 -10.43 -2.71 -5.01
C LYS A 66 -9.83 -1.34 -5.34
N GLY A 67 -8.91 -0.84 -4.51
CA GLY A 67 -8.27 0.44 -4.72
C GLY A 67 -9.25 1.54 -4.40
N ASP A 68 -9.70 1.55 -3.15
CA ASP A 68 -10.82 2.39 -2.74
C ASP A 68 -10.32 3.76 -2.31
N LEU A 69 -9.66 4.42 -3.25
CA LEU A 69 -9.18 5.78 -3.09
C LEU A 69 -10.39 6.69 -3.30
N SER A 70 -11.08 6.49 -4.43
CA SER A 70 -12.38 7.05 -4.76
C SER A 70 -12.34 8.57 -4.96
N GLN A 71 -12.67 9.01 -6.17
CA GLN A 71 -12.76 10.42 -6.57
C GLN A 71 -11.51 11.21 -6.19
N THR A 72 -10.33 10.59 -6.33
CA THR A 72 -9.06 11.13 -5.88
C THR A 72 -8.03 10.99 -7.01
N ASN A 73 -7.94 12.03 -7.83
CA ASN A 73 -7.06 12.19 -8.98
C ASN A 73 -5.65 11.76 -8.60
N VAL A 74 -5.30 10.56 -9.05
CA VAL A 74 -4.02 9.86 -8.85
C VAL A 74 -3.61 9.88 -7.37
N ALA A 75 -4.60 9.74 -6.47
CA ALA A 75 -4.42 9.76 -5.03
C ALA A 75 -3.94 11.11 -4.49
N TYR A 76 -3.82 12.12 -5.36
CA TYR A 76 -3.04 13.34 -5.13
C TYR A 76 -1.71 12.99 -4.49
N MET A 1 -8.47 4.89 -7.45
CA MET A 1 -9.29 5.71 -8.37
C MET A 1 -8.70 5.52 -9.77
N ASN A 2 -9.12 4.43 -10.43
CA ASN A 2 -8.27 3.59 -11.26
C ASN A 2 -7.32 2.84 -10.34
N THR A 3 -6.76 1.73 -10.84
CA THR A 3 -5.92 0.80 -10.08
C THR A 3 -4.45 0.93 -10.47
N GLN A 4 -4.08 2.11 -10.97
CA GLN A 4 -2.77 2.41 -11.50
C GLN A 4 -1.76 2.40 -10.36
N LEU A 5 -0.83 1.44 -10.37
CA LEU A 5 0.21 1.24 -9.35
C LEU A 5 -0.39 0.86 -7.99
N MET A 6 -0.07 -0.34 -7.50
CA MET A 6 -0.12 -0.66 -6.07
C MET A 6 0.53 0.50 -5.31
N GLY A 7 1.66 0.98 -5.84
CA GLY A 7 2.36 2.11 -5.31
C GLY A 7 1.47 3.33 -5.04
N GLU A 8 0.43 3.59 -5.84
CA GLU A 8 -0.33 4.81 -5.67
C GLU A 8 -1.42 4.50 -4.64
N ARG A 9 -2.15 3.38 -4.79
CA ARG A 9 -3.17 3.03 -3.80
C ARG A 9 -2.55 2.88 -2.39
N ILE A 10 -1.28 2.43 -2.31
CA ILE A 10 -0.46 2.54 -1.12
C ILE A 10 -0.16 4.01 -0.83
N ARG A 11 0.40 4.76 -1.79
CA ARG A 11 0.82 6.16 -1.62
C ARG A 11 -0.24 6.97 -0.88
N ALA A 12 -1.49 6.87 -1.31
CA ALA A 12 -2.60 7.58 -0.71
C ALA A 12 -2.61 7.43 0.82
N ARG A 13 -2.30 6.23 1.32
CA ARG A 13 -2.16 5.94 2.74
C ARG A 13 -0.77 6.34 3.26
N ARG A 14 0.28 6.04 2.49
CA ARG A 14 1.64 6.36 2.88
C ARG A 14 1.78 7.85 3.17
N LYS A 15 1.16 8.71 2.36
CA LYS A 15 1.10 10.16 2.56
C LYS A 15 0.07 10.58 3.60
N LYS A 16 -1.10 9.90 3.71
CA LYS A 16 -2.01 10.10 4.83
C LYS A 16 -1.21 10.08 6.13
N LEU A 17 -0.36 9.06 6.29
CA LEU A 17 0.41 8.85 7.50
C LEU A 17 1.75 9.62 7.49
N LYS A 18 2.28 9.91 6.30
CA LYS A 18 3.56 10.59 6.05
C LYS A 18 4.73 9.63 6.31
N ILE A 19 4.56 8.37 5.92
CA ILE A 19 5.54 7.31 6.11
C ILE A 19 6.56 7.39 4.96
N ARG A 20 7.83 7.04 5.22
CA ARG A 20 8.88 6.84 4.22
C ARG A 20 8.98 5.35 3.89
N GLN A 21 9.36 4.99 2.66
CA GLN A 21 9.45 3.58 2.23
C GLN A 21 10.13 2.71 3.29
N ALA A 22 11.32 3.15 3.74
CA ALA A 22 12.14 2.43 4.71
C ALA A 22 11.43 2.22 6.05
N ALA A 23 10.58 3.18 6.43
CA ALA A 23 9.79 3.08 7.65
C ALA A 23 8.65 2.08 7.42
N LEU A 24 7.94 2.23 6.30
CA LEU A 24 6.88 1.30 5.94
C LEU A 24 7.41 -0.13 5.94
N GLY A 25 8.59 -0.35 5.35
CA GLY A 25 9.22 -1.66 5.29
C GLY A 25 9.27 -2.29 6.67
N LYS A 26 9.96 -1.64 7.60
CA LYS A 26 10.10 -2.20 8.93
C LYS A 26 8.77 -2.32 9.66
N MET A 27 7.86 -1.35 9.49
CA MET A 27 6.61 -1.36 10.24
C MET A 27 5.67 -2.47 9.73
N VAL A 28 5.68 -2.75 8.43
CA VAL A 28 4.95 -3.86 7.82
C VAL A 28 5.64 -5.17 8.19
N GLY A 29 6.95 -5.21 8.00
CA GLY A 29 7.78 -6.40 8.12
C GLY A 29 8.19 -6.90 6.73
N VAL A 30 8.68 -6.00 5.88
CA VAL A 30 9.39 -6.34 4.65
C VAL A 30 10.61 -5.42 4.53
N SER A 31 11.45 -5.62 3.52
CA SER A 31 12.59 -4.75 3.28
C SER A 31 12.15 -3.44 2.61
N ASN A 32 12.96 -2.38 2.76
CA ASN A 32 12.82 -1.16 1.97
C ASN A 32 12.68 -1.53 0.48
N VAL A 33 13.50 -2.46 0.02
CA VAL A 33 13.47 -2.91 -1.36
C VAL A 33 12.11 -3.53 -1.67
N ALA A 34 11.63 -4.46 -0.84
CA ALA A 34 10.33 -5.09 -1.06
C ALA A 34 9.22 -4.03 -1.14
N ILE A 35 9.20 -3.06 -0.22
CA ILE A 35 8.30 -1.92 -0.37
C ILE A 35 8.52 -1.27 -1.74
N SER A 36 9.77 -1.03 -2.12
CA SER A 36 10.09 -0.46 -3.42
C SER A 36 9.43 -1.25 -4.57
N GLN A 37 9.51 -2.58 -4.53
CA GLN A 37 8.89 -3.43 -5.54
C GLN A 37 7.39 -3.13 -5.66
N TRP A 38 6.72 -3.00 -4.51
CA TRP A 38 5.31 -2.63 -4.43
C TRP A 38 5.07 -1.19 -4.93
N GLU A 39 5.91 -0.24 -4.51
CA GLU A 39 5.90 1.15 -4.96
C GLU A 39 6.02 1.27 -6.47
N ARG A 40 6.87 0.45 -7.10
CA ARG A 40 7.01 0.38 -8.55
C ARG A 40 5.99 -0.60 -9.16
N SER A 41 5.17 -1.22 -8.32
CA SER A 41 4.26 -2.34 -8.60
C SER A 41 4.81 -3.35 -9.60
N GLU A 42 6.07 -3.73 -9.40
CA GLU A 42 6.69 -4.85 -10.09
C GLU A 42 6.39 -6.15 -9.36
N THR A 43 5.87 -6.06 -8.12
CA THR A 43 5.09 -7.11 -7.48
C THR A 43 3.95 -6.41 -6.73
N GLU A 44 2.98 -7.18 -6.20
CA GLU A 44 1.99 -6.74 -5.23
C GLU A 44 2.04 -7.74 -4.07
N PRO A 45 1.67 -7.35 -2.83
CA PRO A 45 1.72 -8.24 -1.68
C PRO A 45 0.68 -9.35 -1.77
N ASN A 46 0.89 -10.42 -0.99
CA ASN A 46 -0.06 -11.51 -0.79
C ASN A 46 -0.57 -11.50 0.65
N GLY A 47 -1.63 -12.29 0.90
CA GLY A 47 -2.46 -12.30 2.09
C GLY A 47 -1.81 -11.73 3.35
N GLU A 48 -0.86 -12.47 3.92
CA GLU A 48 -0.20 -12.12 5.17
C GLU A 48 0.39 -10.71 5.09
N ASN A 49 1.14 -10.48 4.01
CA ASN A 49 1.77 -9.19 3.76
C ASN A 49 0.72 -8.12 3.57
N LEU A 50 -0.34 -8.38 2.80
CA LEU A 50 -1.45 -7.46 2.59
C LEU A 50 -2.09 -7.09 3.92
N LEU A 51 -2.32 -8.06 4.82
CA LEU A 51 -2.82 -7.78 6.16
C LEU A 51 -1.81 -6.90 6.93
N ALA A 52 -0.52 -7.14 6.77
CA ALA A 52 0.50 -6.27 7.35
C ALA A 52 0.45 -4.85 6.77
N LEU A 53 0.39 -4.70 5.45
CA LEU A 53 0.25 -3.44 4.73
C LEU A 53 -0.96 -2.69 5.28
N SER A 54 -2.13 -3.29 5.12
CA SER A 54 -3.42 -2.67 5.42
C SER A 54 -3.47 -2.19 6.86
N LYS A 55 -2.92 -3.00 7.76
CA LYS A 55 -2.74 -2.64 9.15
C LYS A 55 -1.79 -1.44 9.28
N ALA A 56 -0.57 -1.54 8.72
CA ALA A 56 0.42 -0.47 8.78
C ALA A 56 -0.10 0.88 8.27
N LEU A 57 -0.97 0.78 7.28
CA LEU A 57 -1.57 1.89 6.55
C LEU A 57 -2.94 2.31 7.11
N GLN A 58 -3.49 1.57 8.08
CA GLN A 58 -4.85 1.70 8.57
C GLN A 58 -5.83 1.90 7.39
N CYS A 59 -6.04 0.84 6.62
CA CYS A 59 -7.01 0.80 5.52
C CYS A 59 -7.50 -0.64 5.39
N SER A 60 -8.52 -0.90 4.57
CA SER A 60 -9.01 -2.26 4.36
C SER A 60 -8.12 -3.00 3.35
N PRO A 61 -8.03 -4.34 3.44
CA PRO A 61 -7.22 -5.13 2.54
C PRO A 61 -7.81 -5.15 1.13
N ASP A 62 -9.13 -5.39 1.02
CA ASP A 62 -9.77 -5.45 -0.29
C ASP A 62 -9.55 -4.14 -1.05
N TYR A 63 -9.64 -3.02 -0.36
CA TYR A 63 -9.36 -1.71 -0.91
C TYR A 63 -8.01 -1.68 -1.62
N LEU A 64 -6.93 -2.14 -0.98
CA LEU A 64 -5.64 -2.19 -1.65
C LEU A 64 -5.59 -3.28 -2.72
N LEU A 65 -6.09 -4.47 -2.45
CA LEU A 65 -6.09 -5.56 -3.42
C LEU A 65 -6.74 -5.07 -4.71
N LYS A 66 -8.01 -4.68 -4.62
CA LYS A 66 -8.83 -4.27 -5.74
C LYS A 66 -8.34 -2.92 -6.27
N GLY A 67 -7.87 -2.05 -5.37
CA GLY A 67 -7.09 -0.88 -5.71
C GLY A 67 -7.89 0.41 -5.63
N ASP A 68 -8.01 0.92 -4.40
CA ASP A 68 -8.51 2.26 -4.10
C ASP A 68 -9.82 2.58 -4.82
N LEU A 69 -10.92 2.09 -4.26
CA LEU A 69 -12.26 2.42 -4.72
C LEU A 69 -13.08 3.13 -3.64
N SER A 70 -13.02 2.67 -2.40
CA SER A 70 -13.90 3.08 -1.30
C SER A 70 -13.53 2.28 -0.05
N GLN A 71 -13.88 2.81 1.13
CA GLN A 71 -13.71 2.12 2.42
C GLN A 71 -14.87 2.42 3.37
N THR A 72 -16.01 2.86 2.84
CA THR A 72 -17.06 3.53 3.59
C THR A 72 -18.37 2.78 3.39
N ASN A 73 -18.69 1.86 4.30
CA ASN A 73 -19.92 1.06 4.29
C ASN A 73 -20.03 0.26 3.00
N VAL A 74 -19.44 -0.94 2.99
CA VAL A 74 -19.30 -1.81 1.82
C VAL A 74 -18.21 -1.21 0.93
N ALA A 75 -16.94 -1.44 1.30
CA ALA A 75 -15.77 -1.04 0.52
C ALA A 75 -15.87 -1.56 -0.90
N TYR A 76 -16.19 -2.84 -0.92
CA TYR A 76 -16.85 -3.59 -1.95
C TYR A 76 -17.71 -4.59 -1.19
N MET A 1 2.09 -4.98 -12.00
CA MET A 1 1.12 -4.01 -12.54
C MET A 1 -0.28 -4.62 -12.51
N ASN A 2 -1.26 -3.80 -12.15
CA ASN A 2 -2.67 -4.14 -12.01
C ASN A 2 -3.43 -2.84 -12.28
N THR A 3 -4.75 -2.88 -12.46
CA THR A 3 -5.55 -1.67 -12.55
C THR A 3 -5.29 -0.81 -11.31
N GLN A 4 -4.68 0.37 -11.49
CA GLN A 4 -4.03 1.15 -10.46
C GLN A 4 -2.93 0.39 -9.72
N LEU A 5 -1.69 0.90 -9.78
CA LEU A 5 -0.53 0.22 -9.21
C LEU A 5 -0.78 -0.08 -7.72
N MET A 6 -0.51 -1.33 -7.28
CA MET A 6 -0.41 -1.65 -5.86
C MET A 6 0.42 -0.57 -5.17
N GLY A 7 1.61 -0.34 -5.71
CA GLY A 7 2.48 0.73 -5.32
C GLY A 7 1.75 2.04 -5.09
N GLU A 8 0.95 2.51 -6.05
CA GLU A 8 0.33 3.82 -5.93
C GLU A 8 -0.85 3.82 -4.96
N ARG A 9 -1.68 2.77 -4.96
CA ARG A 9 -2.79 2.73 -4.01
C ARG A 9 -2.29 2.59 -2.57
N ILE A 10 -1.13 1.94 -2.35
CA ILE A 10 -0.40 2.05 -1.09
C ILE A 10 0.05 3.51 -0.91
N ARG A 11 0.90 4.00 -1.82
CA ARG A 11 1.57 5.30 -1.77
C ARG A 11 0.63 6.43 -1.37
N ALA A 12 -0.56 6.47 -1.96
CA ALA A 12 -1.56 7.48 -1.70
C ALA A 12 -1.83 7.60 -0.20
N ARG A 13 -2.33 6.54 0.43
CA ARG A 13 -2.64 6.59 1.85
C ARG A 13 -1.35 6.66 2.69
N ARG A 14 -0.28 5.98 2.26
CA ARG A 14 1.01 6.08 2.91
C ARG A 14 1.44 7.55 3.06
N LYS A 15 1.26 8.32 1.97
CA LYS A 15 1.57 9.74 1.90
C LYS A 15 0.63 10.54 2.80
N LYS A 16 -0.68 10.24 2.76
CA LYS A 16 -1.63 10.86 3.67
C LYS A 16 -1.24 10.66 5.13
N LEU A 17 -0.72 9.49 5.48
CA LEU A 17 -0.23 9.19 6.82
C LEU A 17 1.15 9.83 7.05
N LYS A 18 1.98 9.90 6.01
CA LYS A 18 3.37 10.37 5.97
C LYS A 18 4.31 9.29 6.50
N ILE A 19 4.10 8.04 6.08
CA ILE A 19 4.97 6.92 6.48
C ILE A 19 6.08 6.78 5.44
N ARG A 20 7.32 7.07 5.80
CA ARG A 20 8.47 6.87 4.92
C ARG A 20 8.60 5.39 4.53
N GLN A 21 9.09 5.11 3.30
CA GLN A 21 9.25 3.76 2.77
C GLN A 21 9.88 2.83 3.82
N ALA A 22 11.00 3.25 4.40
CA ALA A 22 11.71 2.45 5.40
C ALA A 22 10.82 2.16 6.61
N ALA A 23 10.09 3.16 7.09
CA ALA A 23 9.18 2.96 8.21
C ALA A 23 8.11 1.96 7.82
N LEU A 24 7.51 2.13 6.63
CA LEU A 24 6.51 1.20 6.13
C LEU A 24 7.10 -0.21 6.11
N GLY A 25 8.29 -0.37 5.52
CA GLY A 25 9.00 -1.64 5.50
C GLY A 25 9.04 -2.26 6.88
N LYS A 26 9.54 -1.53 7.87
CA LYS A 26 9.60 -2.04 9.24
C LYS A 26 8.21 -2.40 9.78
N MET A 27 7.21 -1.54 9.58
CA MET A 27 5.85 -1.79 10.06
C MET A 27 5.28 -3.08 9.47
N VAL A 28 5.34 -3.20 8.15
CA VAL A 28 4.78 -4.34 7.43
C VAL A 28 5.59 -5.61 7.71
N GLY A 29 6.92 -5.46 7.78
CA GLY A 29 7.86 -6.54 7.90
C GLY A 29 8.41 -6.92 6.52
N VAL A 30 8.83 -5.92 5.74
CA VAL A 30 9.58 -6.10 4.50
C VAL A 30 10.73 -5.10 4.46
N SER A 31 11.62 -5.22 3.48
CA SER A 31 12.70 -4.27 3.30
C SER A 31 12.20 -2.99 2.61
N ASN A 32 12.95 -1.90 2.77
CA ASN A 32 12.79 -0.70 1.96
C ASN A 32 12.81 -1.06 0.47
N VAL A 33 13.70 -1.98 0.07
CA VAL A 33 13.76 -2.49 -1.28
C VAL A 33 12.44 -3.16 -1.68
N ALA A 34 11.90 -4.05 -0.84
CA ALA A 34 10.63 -4.68 -1.11
C ALA A 34 9.53 -3.64 -1.31
N ILE A 35 9.41 -2.68 -0.39
CA ILE A 35 8.52 -1.54 -0.62
C ILE A 35 8.81 -0.91 -1.98
N SER A 36 10.08 -0.62 -2.29
CA SER A 36 10.49 0.01 -3.54
C SER A 36 10.06 -0.80 -4.77
N GLN A 37 10.05 -2.14 -4.68
CA GLN A 37 9.50 -2.98 -5.73
C GLN A 37 7.99 -2.75 -5.83
N TRP A 38 7.31 -2.86 -4.68
CA TRP A 38 5.87 -2.64 -4.60
C TRP A 38 5.46 -1.29 -5.20
N GLU A 39 6.19 -0.22 -4.89
CA GLU A 39 6.02 1.12 -5.44
C GLU A 39 5.82 1.13 -6.96
N ARG A 40 6.52 0.21 -7.65
CA ARG A 40 6.58 0.08 -9.09
C ARG A 40 5.81 -1.17 -9.57
N SER A 41 5.21 -1.92 -8.65
CA SER A 41 4.62 -3.24 -8.85
C SER A 41 5.59 -4.27 -9.45
N GLU A 42 6.90 -4.12 -9.19
CA GLU A 42 7.88 -5.08 -9.69
C GLU A 42 7.66 -6.44 -9.03
N THR A 43 7.28 -6.40 -7.75
CA THR A 43 6.54 -7.46 -7.09
C THR A 43 5.23 -6.81 -6.61
N GLU A 44 4.24 -7.62 -6.25
CA GLU A 44 2.99 -7.17 -5.66
C GLU A 44 2.80 -7.95 -4.35
N PRO A 45 2.27 -7.32 -3.29
CA PRO A 45 2.11 -7.95 -1.99
C PRO A 45 1.07 -9.07 -2.05
N ASN A 46 1.39 -10.22 -1.46
CA ASN A 46 0.48 -11.35 -1.32
C ASN A 46 -0.20 -11.33 0.05
N GLY A 47 -1.25 -12.13 0.19
CA GLY A 47 -2.23 -12.15 1.28
C GLY A 47 -1.71 -11.57 2.59
N GLU A 48 -0.82 -12.29 3.27
CA GLU A 48 -0.30 -11.90 4.58
C GLU A 48 0.32 -10.51 4.54
N ASN A 49 1.13 -10.27 3.51
CA ASN A 49 1.84 -9.00 3.33
C ASN A 49 0.86 -7.89 2.99
N LEU A 50 -0.17 -8.19 2.19
CA LEU A 50 -1.22 -7.26 1.83
C LEU A 50 -2.00 -6.87 3.09
N LEU A 51 -2.34 -7.85 3.94
CA LEU A 51 -2.94 -7.59 5.24
C LEU A 51 -2.01 -6.72 6.08
N ALA A 52 -0.73 -7.08 6.19
CA ALA A 52 0.23 -6.31 6.98
C ALA A 52 0.35 -4.88 6.46
N LEU A 53 0.40 -4.70 5.13
CA LEU A 53 0.30 -3.39 4.48
C LEU A 53 -0.94 -2.66 4.97
N SER A 54 -2.10 -3.31 4.88
CA SER A 54 -3.36 -2.72 5.30
C SER A 54 -3.32 -2.28 6.76
N LYS A 55 -2.77 -3.13 7.64
CA LYS A 55 -2.55 -2.77 9.03
C LYS A 55 -1.65 -1.53 9.10
N ALA A 56 -0.49 -1.53 8.44
CA ALA A 56 0.42 -0.40 8.48
C ALA A 56 -0.23 0.91 8.05
N LEU A 57 -1.00 0.83 6.98
CA LEU A 57 -1.77 1.94 6.42
C LEU A 57 -3.10 2.18 7.15
N GLN A 58 -3.39 1.42 8.22
CA GLN A 58 -4.56 1.61 9.07
C GLN A 58 -5.86 1.50 8.25
N CYS A 59 -6.04 0.38 7.56
CA CYS A 59 -7.19 0.15 6.68
C CYS A 59 -7.50 -1.34 6.57
N SER A 60 -8.65 -1.64 5.95
CA SER A 60 -9.08 -2.99 5.61
C SER A 60 -8.43 -3.39 4.28
N PRO A 61 -8.13 -4.68 4.05
CA PRO A 61 -7.51 -5.17 2.82
C PRO A 61 -8.28 -4.72 1.59
N ASP A 62 -9.60 -4.68 1.70
CA ASP A 62 -10.52 -4.14 0.71
C ASP A 62 -9.98 -2.86 0.04
N TYR A 63 -9.41 -1.94 0.82
CA TYR A 63 -8.85 -0.69 0.29
C TYR A 63 -7.83 -0.97 -0.81
N LEU A 64 -6.97 -1.96 -0.63
CA LEU A 64 -5.89 -2.23 -1.55
C LEU A 64 -6.28 -3.31 -2.55
N LEU A 65 -7.19 -4.21 -2.18
CA LEU A 65 -7.82 -5.11 -3.13
C LEU A 65 -8.51 -4.28 -4.22
N LYS A 66 -9.39 -3.35 -3.84
CA LYS A 66 -10.02 -2.46 -4.82
C LYS A 66 -9.01 -1.42 -5.33
N GLY A 67 -8.20 -0.87 -4.42
CA GLY A 67 -7.19 0.14 -4.73
C GLY A 67 -7.72 1.56 -4.62
N ASP A 68 -8.51 1.79 -3.58
CA ASP A 68 -9.39 2.95 -3.40
C ASP A 68 -10.20 2.74 -2.12
N LEU A 69 -10.59 3.84 -1.49
CA LEU A 69 -11.54 3.84 -0.39
C LEU A 69 -12.94 3.76 -0.99
N SER A 70 -13.16 4.40 -2.14
CA SER A 70 -14.49 4.64 -2.65
C SER A 70 -14.47 4.97 -4.15
N GLN A 71 -14.17 3.97 -4.97
CA GLN A 71 -14.24 4.09 -6.44
C GLN A 71 -15.69 4.01 -6.95
N THR A 72 -16.67 4.36 -6.12
CA THR A 72 -18.09 4.32 -6.36
C THR A 72 -18.75 4.83 -5.07
N ASN A 73 -20.08 4.73 -5.03
CA ASN A 73 -20.95 5.35 -4.03
C ASN A 73 -20.78 6.87 -4.11
N VAL A 74 -21.16 7.41 -5.28
CA VAL A 74 -20.68 8.66 -5.86
C VAL A 74 -19.29 8.35 -6.42
N ALA A 75 -19.10 8.57 -7.72
CA ALA A 75 -17.84 8.28 -8.40
C ALA A 75 -16.65 8.88 -7.66
N TYR A 76 -16.86 10.14 -7.35
CA TYR A 76 -16.17 11.11 -6.52
C TYR A 76 -16.74 12.46 -6.92
N MET A 1 -7.27 7.48 -8.32
CA MET A 1 -7.55 6.04 -8.52
C MET A 1 -7.16 5.74 -9.97
N ASN A 2 -5.98 5.18 -10.23
CA ASN A 2 -5.36 5.29 -11.56
C ASN A 2 -4.89 3.95 -12.10
N THR A 3 -5.22 2.87 -11.40
CA THR A 3 -4.85 1.51 -11.72
C THR A 3 -3.32 1.38 -11.85
N GLN A 4 -2.56 2.22 -11.14
CA GLN A 4 -1.10 2.17 -11.25
C GLN A 4 -0.56 1.12 -10.28
N LEU A 5 -0.94 -0.12 -10.56
CA LEU A 5 -0.77 -1.29 -9.72
C LEU A 5 -1.47 -1.10 -8.36
N MET A 6 -1.62 -2.20 -7.61
CA MET A 6 -1.99 -2.17 -6.20
C MET A 6 -1.13 -1.16 -5.44
N GLY A 7 0.15 -1.09 -5.83
CA GLY A 7 1.11 -0.05 -5.49
C GLY A 7 0.50 1.32 -5.29
N GLU A 8 -0.45 1.73 -6.14
CA GLU A 8 -1.05 3.06 -6.02
C GLU A 8 -1.67 3.29 -4.63
N ARG A 9 -2.26 2.25 -4.04
CA ARG A 9 -2.77 2.33 -2.68
C ARG A 9 -1.65 2.59 -1.70
N ILE A 10 -0.60 1.77 -1.80
CA ILE A 10 0.51 1.81 -0.87
C ILE A 10 1.07 3.23 -0.88
N ARG A 11 1.35 3.70 -2.08
CA ARG A 11 1.88 5.02 -2.39
C ARG A 11 0.95 6.11 -1.85
N ALA A 12 -0.31 6.12 -2.25
CA ALA A 12 -1.30 7.12 -1.87
C ALA A 12 -1.47 7.19 -0.36
N ARG A 13 -1.73 6.05 0.28
CA ARG A 13 -1.98 5.98 1.71
C ARG A 13 -0.69 6.33 2.47
N ARG A 14 0.46 5.75 2.09
CA ARG A 14 1.71 6.06 2.75
C ARG A 14 2.02 7.55 2.68
N LYS A 15 1.86 8.20 1.51
CA LYS A 15 2.16 9.62 1.38
C LYS A 15 1.13 10.49 2.09
N LYS A 16 -0.14 10.09 2.05
CA LYS A 16 -1.20 10.70 2.86
C LYS A 16 -0.75 10.74 4.33
N LEU A 17 -0.36 9.59 4.87
CA LEU A 17 0.08 9.48 6.26
C LEU A 17 1.40 10.23 6.46
N LYS A 18 2.29 10.14 5.48
CA LYS A 18 3.63 10.73 5.37
C LYS A 18 4.66 9.83 6.06
N ILE A 19 4.59 8.51 5.82
CA ILE A 19 5.51 7.56 6.43
C ILE A 19 6.65 7.25 5.46
N ARG A 20 7.86 7.07 5.98
CA ARG A 20 9.07 6.81 5.19
C ARG A 20 9.24 5.31 4.93
N GLN A 21 9.90 4.94 3.82
CA GLN A 21 10.04 3.55 3.39
C GLN A 21 10.64 2.67 4.49
N ALA A 22 11.67 3.14 5.19
CA ALA A 22 12.31 2.37 6.25
C ALA A 22 11.33 2.03 7.36
N ALA A 23 10.64 3.06 7.87
CA ALA A 23 9.64 2.90 8.92
C ALA A 23 8.56 1.93 8.45
N LEU A 24 7.99 2.20 7.27
CA LEU A 24 6.94 1.37 6.71
C LEU A 24 7.41 -0.09 6.62
N GLY A 25 8.59 -0.29 6.01
CA GLY A 25 9.22 -1.58 5.88
C GLY A 25 9.27 -2.29 7.23
N LYS A 26 9.79 -1.62 8.26
CA LYS A 26 9.85 -2.18 9.60
C LYS A 26 8.45 -2.51 10.14
N MET A 27 7.47 -1.62 9.96
CA MET A 27 6.10 -1.83 10.43
C MET A 27 5.49 -3.09 9.80
N VAL A 28 5.61 -3.24 8.48
CA VAL A 28 5.08 -4.41 7.78
C VAL A 28 5.87 -5.66 8.17
N GLY A 29 7.20 -5.51 8.16
CA GLY A 29 8.16 -6.61 8.27
C GLY A 29 8.72 -6.97 6.89
N VAL A 30 9.14 -5.96 6.12
CA VAL A 30 9.90 -6.13 4.89
C VAL A 30 11.10 -5.18 4.90
N SER A 31 12.03 -5.38 3.97
CA SER A 31 13.04 -4.41 3.62
C SER A 31 12.36 -3.23 2.91
N ASN A 32 12.76 -2.00 3.23
CA ASN A 32 12.33 -0.76 2.56
C ASN A 32 12.20 -0.91 1.04
N VAL A 33 13.19 -1.55 0.40
CA VAL A 33 13.20 -1.80 -1.02
C VAL A 33 11.90 -2.47 -1.47
N ALA A 34 11.42 -3.46 -0.72
CA ALA A 34 10.20 -4.18 -1.07
C ALA A 34 9.02 -3.22 -1.19
N ILE A 35 8.84 -2.34 -0.20
CA ILE A 35 7.82 -1.28 -0.28
C ILE A 35 8.05 -0.50 -1.57
N SER A 36 9.28 -0.03 -1.76
CA SER A 36 9.63 0.83 -2.88
C SER A 36 9.39 0.15 -4.24
N GLN A 37 9.58 -1.17 -4.32
CA GLN A 37 9.18 -1.96 -5.48
C GLN A 37 7.65 -1.93 -5.61
N TRP A 38 6.97 -2.40 -4.57
CA TRP A 38 5.53 -2.55 -4.54
C TRP A 38 4.82 -1.28 -5.00
N GLU A 39 5.29 -0.11 -4.56
CA GLU A 39 4.70 1.19 -4.88
C GLU A 39 4.74 1.57 -6.37
N ARG A 40 5.56 0.91 -7.21
CA ARG A 40 5.71 1.36 -8.59
C ARG A 40 6.03 0.27 -9.62
N SER A 41 6.35 -0.97 -9.22
CA SER A 41 6.69 -2.02 -10.16
C SER A 41 6.72 -3.42 -9.53
N GLU A 42 7.83 -3.76 -8.87
CA GLU A 42 8.63 -4.88 -9.37
C GLU A 42 8.08 -6.22 -8.88
N THR A 43 7.37 -6.17 -7.76
CA THR A 43 6.70 -7.30 -7.14
C THR A 43 5.37 -6.77 -6.59
N GLU A 44 4.55 -7.67 -6.05
CA GLU A 44 3.29 -7.39 -5.39
C GLU A 44 3.37 -7.89 -3.93
N PRO A 45 2.57 -7.33 -3.02
CA PRO A 45 2.32 -7.94 -1.73
C PRO A 45 1.29 -9.07 -1.90
N ASN A 46 1.57 -10.25 -1.35
CA ASN A 46 0.63 -11.38 -1.38
C ASN A 46 -0.33 -11.33 -0.21
N GLY A 47 -1.32 -12.22 -0.19
CA GLY A 47 -2.34 -12.30 0.86
C GLY A 47 -1.81 -11.92 2.25
N GLU A 48 -0.80 -12.63 2.74
CA GLU A 48 -0.20 -12.36 4.05
C GLU A 48 0.33 -10.90 4.09
N ASN A 49 1.13 -10.51 3.10
CA ASN A 49 1.67 -9.17 3.05
C ASN A 49 0.52 -8.15 3.00
N LEU A 50 -0.35 -8.23 2.00
CA LEU A 50 -1.57 -7.48 1.78
C LEU A 50 -2.25 -7.22 3.13
N LEU A 51 -2.49 -8.30 3.90
CA LEU A 51 -3.03 -8.20 5.25
C LEU A 51 -2.16 -7.31 6.16
N ALA A 52 -0.85 -7.53 6.19
CA ALA A 52 0.07 -6.68 6.96
C ALA A 52 0.16 -5.26 6.42
N LEU A 53 -0.06 -5.05 5.12
CA LEU A 53 0.17 -3.80 4.42
C LEU A 53 -0.96 -2.88 4.80
N SER A 54 -2.19 -3.36 4.64
CA SER A 54 -3.33 -2.54 4.98
C SER A 54 -3.21 -2.04 6.43
N LYS A 55 -2.75 -2.93 7.32
CA LYS A 55 -2.51 -2.60 8.71
C LYS A 55 -1.39 -1.57 8.83
N ALA A 56 -0.20 -1.83 8.26
CA ALA A 56 0.87 -0.84 8.36
C ALA A 56 0.48 0.55 7.85
N LEU A 57 -0.33 0.55 6.81
CA LEU A 57 -0.88 1.73 6.17
C LEU A 57 -2.25 2.15 6.71
N GLN A 58 -2.68 1.62 7.86
CA GLN A 58 -3.90 2.09 8.52
C GLN A 58 -5.10 2.13 7.55
N CYS A 59 -5.50 0.95 7.06
CA CYS A 59 -6.67 0.74 6.22
C CYS A 59 -7.00 -0.76 6.16
N SER A 60 -8.15 -1.10 5.60
CA SER A 60 -8.65 -2.47 5.47
C SER A 60 -8.09 -3.09 4.17
N PRO A 61 -8.00 -4.43 4.07
CA PRO A 61 -7.37 -5.10 2.94
C PRO A 61 -8.17 -4.92 1.65
N ASP A 62 -9.50 -4.97 1.75
CA ASP A 62 -10.45 -4.75 0.67
C ASP A 62 -10.03 -3.56 -0.20
N TYR A 63 -9.67 -2.44 0.44
CA TYR A 63 -9.25 -1.17 -0.13
C TYR A 63 -8.37 -1.40 -1.35
N LEU A 64 -7.41 -2.31 -1.21
CA LEU A 64 -6.40 -2.57 -2.23
C LEU A 64 -6.94 -3.25 -3.48
N LEU A 65 -8.00 -4.05 -3.33
CA LEU A 65 -8.65 -4.75 -4.42
C LEU A 65 -9.77 -3.88 -4.99
N LYS A 66 -10.56 -3.28 -4.10
CA LYS A 66 -11.74 -2.50 -4.41
C LYS A 66 -11.35 -1.17 -5.04
N GLY A 67 -10.20 -0.61 -4.65
CA GLY A 67 -9.69 0.62 -5.23
C GLY A 67 -9.89 1.80 -4.29
N ASP A 68 -9.16 1.76 -3.17
CA ASP A 68 -8.73 2.87 -2.33
C ASP A 68 -9.67 4.07 -2.21
N LEU A 69 -10.98 3.80 -2.13
CA LEU A 69 -11.98 4.84 -2.08
C LEU A 69 -11.85 5.72 -0.83
N SER A 70 -11.62 5.10 0.33
CA SER A 70 -11.66 5.77 1.63
C SER A 70 -10.38 6.56 1.91
N GLN A 71 -9.88 7.34 0.93
CA GLN A 71 -8.63 8.09 1.01
C GLN A 71 -8.90 9.44 1.69
N THR A 72 -9.62 9.39 2.81
CA THR A 72 -10.06 10.56 3.56
C THR A 72 -10.88 11.51 2.69
N ASN A 73 -12.02 10.98 2.25
CA ASN A 73 -12.99 11.60 1.34
C ASN A 73 -12.51 11.51 -0.11
N VAL A 74 -13.45 11.29 -1.04
CA VAL A 74 -13.27 11.39 -2.48
C VAL A 74 -12.35 10.29 -3.00
N ALA A 75 -12.93 9.30 -3.70
CA ALA A 75 -12.16 8.32 -4.46
C ALA A 75 -11.47 8.99 -5.65
N TYR A 76 -10.42 9.78 -5.37
CA TYR A 76 -9.70 10.60 -6.32
C TYR A 76 -8.69 9.75 -7.09
N MET A 1 -11.66 2.25 -13.53
CA MET A 1 -10.54 3.10 -13.08
C MET A 1 -10.45 2.99 -11.56
N ASN A 2 -9.61 3.79 -10.90
CA ASN A 2 -9.53 3.85 -9.44
C ASN A 2 -9.20 2.49 -8.82
N THR A 3 -8.36 1.70 -9.51
CA THR A 3 -7.82 0.44 -9.04
C THR A 3 -6.64 0.08 -9.94
N GLN A 4 -6.07 -1.11 -9.73
CA GLN A 4 -4.82 -1.57 -10.33
C GLN A 4 -3.63 -0.82 -9.72
N LEU A 5 -2.42 -1.33 -9.96
CA LEU A 5 -1.16 -0.73 -9.52
C LEU A 5 -1.19 -0.50 -8.00
N MET A 6 -1.25 -1.61 -7.27
CA MET A 6 -1.31 -1.58 -5.82
C MET A 6 -0.17 -0.75 -5.23
N GLY A 7 1.01 -0.83 -5.83
CA GLY A 7 2.14 0.04 -5.56
C GLY A 7 1.75 1.49 -5.27
N GLU A 8 1.05 2.13 -6.22
CA GLU A 8 0.61 3.52 -6.10
C GLU A 8 -0.49 3.62 -5.04
N ARG A 9 -1.41 2.67 -5.08
CA ARG A 9 -2.49 2.54 -4.12
C ARG A 9 -1.98 2.60 -2.68
N ILE A 10 -0.89 1.87 -2.41
CA ILE A 10 -0.13 1.87 -1.16
C ILE A 10 0.51 3.25 -0.97
N ARG A 11 1.30 3.69 -1.96
CA ARG A 11 2.04 4.95 -1.94
C ARG A 11 1.17 6.10 -1.41
N ALA A 12 -0.05 6.23 -1.94
CA ALA A 12 -0.96 7.29 -1.51
C ALA A 12 -1.29 7.22 -0.01
N ARG A 13 -1.49 6.02 0.52
CA ARG A 13 -1.84 5.83 1.93
C ARG A 13 -0.59 5.98 2.81
N ARG A 14 0.57 5.59 2.30
CA ARG A 14 1.83 5.96 2.94
C ARG A 14 1.92 7.48 3.05
N LYS A 15 1.56 8.18 1.96
CA LYS A 15 1.55 9.63 1.91
C LYS A 15 0.46 10.22 2.82
N LYS A 16 -0.71 9.57 2.96
CA LYS A 16 -1.74 9.99 3.91
C LYS A 16 -1.10 10.20 5.29
N LEU A 17 -0.41 9.17 5.77
CA LEU A 17 0.21 9.21 7.09
C LEU A 17 1.51 10.01 7.07
N LYS A 18 2.23 9.96 5.95
CA LYS A 18 3.52 10.57 5.67
C LYS A 18 4.63 9.71 6.29
N ILE A 19 4.57 8.41 6.05
CA ILE A 19 5.51 7.44 6.63
C ILE A 19 6.71 7.25 5.69
N ARG A 20 7.93 7.34 6.21
CA ARG A 20 9.13 7.05 5.43
C ARG A 20 9.20 5.56 5.08
N GLN A 21 9.54 5.24 3.83
CA GLN A 21 9.63 3.88 3.33
C GLN A 21 10.49 2.98 4.22
N ALA A 22 11.60 3.54 4.72
CA ALA A 22 12.46 2.86 5.68
C ALA A 22 11.68 2.40 6.91
N ALA A 23 10.80 3.26 7.43
CA ALA A 23 9.96 2.90 8.56
C ALA A 23 8.89 1.89 8.12
N LEU A 24 8.20 2.20 7.00
CA LEU A 24 7.13 1.35 6.51
C LEU A 24 7.60 -0.09 6.35
N GLY A 25 8.77 -0.30 5.74
CA GLY A 25 9.32 -1.63 5.57
C GLY A 25 9.29 -2.40 6.88
N LYS A 26 9.99 -1.89 7.90
CA LYS A 26 10.05 -2.59 9.17
C LYS A 26 8.68 -2.73 9.84
N MET A 27 7.82 -1.70 9.76
CA MET A 27 6.54 -1.74 10.45
C MET A 27 5.60 -2.77 9.79
N VAL A 28 5.63 -2.89 8.46
CA VAL A 28 4.90 -3.93 7.74
C VAL A 28 5.53 -5.29 8.06
N GLY A 29 6.87 -5.37 7.94
CA GLY A 29 7.64 -6.58 8.06
C GLY A 29 8.19 -7.00 6.69
N VAL A 30 8.75 -6.04 5.94
CA VAL A 30 9.49 -6.28 4.71
C VAL A 30 10.72 -5.36 4.70
N SER A 31 11.56 -5.46 3.67
CA SER A 31 12.67 -4.55 3.49
C SER A 31 12.19 -3.23 2.88
N ASN A 32 12.93 -2.14 3.11
CA ASN A 32 12.70 -0.90 2.37
C ASN A 32 12.77 -1.15 0.87
N VAL A 33 13.64 -2.07 0.45
CA VAL A 33 13.72 -2.53 -0.94
C VAL A 33 12.37 -3.12 -1.37
N ALA A 34 11.81 -4.06 -0.60
CA ALA A 34 10.52 -4.64 -0.94
C ALA A 34 9.46 -3.55 -1.11
N ILE A 35 9.35 -2.62 -0.15
CA ILE A 35 8.49 -1.45 -0.33
C ILE A 35 8.81 -0.76 -1.67
N SER A 36 10.08 -0.43 -1.92
CA SER A 36 10.53 0.24 -3.13
C SER A 36 10.07 -0.50 -4.39
N GLN A 37 10.16 -1.83 -4.40
CA GLN A 37 9.68 -2.65 -5.51
C GLN A 37 8.16 -2.51 -5.62
N TRP A 38 7.45 -2.70 -4.49
CA TRP A 38 6.01 -2.55 -4.42
C TRP A 38 5.57 -1.25 -5.09
N GLU A 39 6.10 -0.10 -4.67
CA GLU A 39 5.74 1.17 -5.27
C GLU A 39 6.38 1.41 -6.66
N ARG A 40 6.83 0.35 -7.33
CA ARG A 40 7.18 0.35 -8.75
C ARG A 40 6.49 -0.82 -9.48
N SER A 41 5.64 -1.60 -8.80
CA SER A 41 4.84 -2.71 -9.31
C SER A 41 5.64 -3.92 -9.81
N GLU A 42 6.96 -3.82 -9.94
CA GLU A 42 7.83 -4.89 -10.42
C GLU A 42 7.66 -6.16 -9.59
N THR A 43 7.38 -6.00 -8.30
CA THR A 43 6.63 -6.96 -7.51
C THR A 43 5.49 -6.17 -6.85
N GLU A 44 4.46 -6.85 -6.38
CA GLU A 44 3.38 -6.29 -5.56
C GLU A 44 3.10 -7.29 -4.44
N PRO A 45 2.52 -6.86 -3.31
CA PRO A 45 2.28 -7.71 -2.15
C PRO A 45 1.29 -8.83 -2.44
N ASN A 46 1.30 -9.87 -1.60
CA ASN A 46 0.33 -10.95 -1.57
C ASN A 46 -0.40 -10.96 -0.22
N GLY A 47 -1.37 -11.85 -0.07
CA GLY A 47 -2.37 -11.86 1.01
C GLY A 47 -1.89 -11.30 2.34
N GLU A 48 -1.01 -12.03 3.03
CA GLU A 48 -0.57 -11.64 4.37
C GLU A 48 0.07 -10.25 4.31
N ASN A 49 0.99 -10.06 3.36
CA ASN A 49 1.71 -8.80 3.26
C ASN A 49 0.76 -7.65 2.95
N LEU A 50 -0.30 -7.90 2.17
CA LEU A 50 -1.37 -6.98 1.89
C LEU A 50 -2.11 -6.67 3.21
N LEU A 51 -2.45 -7.69 4.00
CA LEU A 51 -3.03 -7.49 5.33
C LEU A 51 -2.12 -6.59 6.18
N ALA A 52 -0.82 -6.88 6.22
CA ALA A 52 0.15 -6.11 7.01
C ALA A 52 0.22 -4.67 6.51
N LEU A 53 0.36 -4.47 5.20
CA LEU A 53 0.30 -3.16 4.57
C LEU A 53 -0.94 -2.41 5.01
N SER A 54 -2.10 -3.05 4.86
CA SER A 54 -3.38 -2.46 5.20
C SER A 54 -3.46 -2.12 6.69
N LYS A 55 -2.83 -2.94 7.53
CA LYS A 55 -2.63 -2.60 8.93
C LYS A 55 -1.83 -1.30 9.01
N ALA A 56 -0.58 -1.34 8.55
CA ALA A 56 0.38 -0.25 8.66
C ALA A 56 -0.18 1.09 8.21
N LEU A 57 -0.85 1.03 7.07
CA LEU A 57 -1.38 2.20 6.37
C LEU A 57 -2.84 2.50 6.73
N GLN A 58 -3.44 1.69 7.61
CA GLN A 58 -4.77 1.90 8.15
C GLN A 58 -5.81 1.93 7.03
N CYS A 59 -6.19 0.72 6.58
CA CYS A 59 -7.30 0.44 5.69
C CYS A 59 -7.61 -1.07 5.78
N SER A 60 -8.66 -1.53 5.09
CA SER A 60 -8.98 -2.94 4.92
C SER A 60 -8.18 -3.47 3.73
N PRO A 61 -7.88 -4.78 3.64
CA PRO A 61 -7.28 -5.33 2.43
C PRO A 61 -8.19 -5.06 1.23
N ASP A 62 -9.50 -5.21 1.46
CA ASP A 62 -10.59 -4.86 0.56
C ASP A 62 -10.38 -3.50 -0.09
N TYR A 63 -9.86 -2.51 0.66
CA TYR A 63 -9.65 -1.17 0.13
C TYR A 63 -8.75 -1.20 -1.10
N LEU A 64 -7.69 -1.99 -1.04
CA LEU A 64 -6.78 -2.12 -2.16
C LEU A 64 -7.39 -3.07 -3.17
N LEU A 65 -7.72 -4.27 -2.71
CA LEU A 65 -8.14 -5.35 -3.59
C LEU A 65 -9.39 -4.96 -4.40
N LYS A 66 -10.35 -4.23 -3.83
CA LYS A 66 -11.58 -3.84 -4.50
C LYS A 66 -12.09 -2.48 -3.99
N GLY A 67 -11.20 -1.54 -3.61
CA GLY A 67 -11.66 -0.25 -3.11
C GLY A 67 -11.02 0.86 -3.91
N ASP A 68 -10.28 1.76 -3.28
CA ASP A 68 -10.14 3.11 -3.81
C ASP A 68 -8.75 3.64 -3.60
N LEU A 69 -8.45 4.70 -4.36
CA LEU A 69 -7.27 5.50 -4.20
C LEU A 69 -7.65 6.91 -3.76
N SER A 70 -8.87 7.07 -3.22
CA SER A 70 -9.34 8.28 -2.57
C SER A 70 -8.94 9.54 -3.36
N GLN A 71 -9.35 9.60 -4.63
CA GLN A 71 -8.94 10.61 -5.60
C GLN A 71 -9.88 11.82 -5.48
N THR A 72 -9.98 12.30 -4.23
CA THR A 72 -10.81 13.39 -3.78
C THR A 72 -12.26 12.91 -3.71
N ASN A 73 -12.71 12.68 -2.49
CA ASN A 73 -13.97 12.01 -2.19
C ASN A 73 -15.09 13.04 -2.25
N VAL A 74 -15.34 13.55 -3.47
CA VAL A 74 -16.05 14.77 -3.81
C VAL A 74 -15.09 15.93 -3.57
N ALA A 75 -14.84 16.72 -4.62
CA ALA A 75 -14.16 18.00 -4.52
C ALA A 75 -15.08 19.00 -3.81
N TYR A 76 -15.30 18.77 -2.51
CA TYR A 76 -16.12 19.59 -1.64
C TYR A 76 -15.34 20.86 -1.28
N MET A 1 1.64 3.51 -19.68
CA MET A 1 0.72 3.84 -18.58
C MET A 1 1.53 4.58 -17.53
N ASN A 2 0.88 5.32 -16.62
CA ASN A 2 1.55 5.91 -15.47
C ASN A 2 1.68 4.86 -14.37
N THR A 3 2.41 5.17 -13.30
CA THR A 3 2.73 4.23 -12.24
C THR A 3 1.53 4.04 -11.29
N GLN A 4 0.37 3.67 -11.83
CA GLN A 4 -0.82 3.27 -11.10
C GLN A 4 -0.91 1.75 -11.12
N LEU A 5 -1.46 1.20 -10.03
CA LEU A 5 -1.20 -0.12 -9.47
C LEU A 5 -1.67 -0.02 -8.02
N MET A 6 -1.63 -1.12 -7.25
CA MET A 6 -1.73 -1.04 -5.80
C MET A 6 -0.75 0.01 -5.24
N GLY A 7 0.43 0.07 -5.88
CA GLY A 7 1.40 1.14 -5.75
C GLY A 7 0.79 2.52 -5.55
N GLU A 8 -0.26 2.89 -6.27
CA GLU A 8 -0.88 4.21 -6.17
C GLU A 8 -1.41 4.49 -4.77
N ARG A 9 -1.98 3.46 -4.14
CA ARG A 9 -2.74 3.56 -2.91
C ARG A 9 -1.81 3.30 -1.74
N ILE A 10 -0.82 2.42 -1.92
CA ILE A 10 0.38 2.44 -1.09
C ILE A 10 0.92 3.87 -1.05
N ARG A 11 1.21 4.46 -2.21
CA ARG A 11 1.81 5.78 -2.33
C ARG A 11 0.92 6.82 -1.63
N ALA A 12 -0.35 6.86 -1.98
CA ALA A 12 -1.31 7.84 -1.46
C ALA A 12 -1.51 7.71 0.06
N ARG A 13 -1.59 6.48 0.58
CA ARG A 13 -1.71 6.28 2.03
C ARG A 13 -0.40 6.67 2.71
N ARG A 14 0.71 6.08 2.27
CA ARG A 14 2.05 6.32 2.80
C ARG A 14 2.35 7.81 2.86
N LYS A 15 2.16 8.53 1.74
CA LYS A 15 2.39 9.97 1.65
C LYS A 15 1.46 10.71 2.61
N LYS A 16 0.16 10.41 2.58
CA LYS A 16 -0.83 11.05 3.45
C LYS A 16 -0.49 10.86 4.92
N LEU A 17 0.06 9.70 5.29
CA LEU A 17 0.53 9.38 6.63
C LEU A 17 1.98 9.88 6.87
N LYS A 18 2.63 10.45 5.85
CA LYS A 18 4.01 10.93 5.88
C LYS A 18 5.00 9.84 6.31
N ILE A 19 4.72 8.59 5.94
CA ILE A 19 5.58 7.46 6.28
C ILE A 19 6.71 7.39 5.23
N ARG A 20 7.93 7.08 5.66
CA ARG A 20 9.04 6.80 4.74
C ARG A 20 9.05 5.31 4.41
N GLN A 21 9.42 4.95 3.18
CA GLN A 21 9.39 3.57 2.70
C GLN A 21 10.05 2.60 3.68
N ALA A 22 11.19 2.98 4.27
CA ALA A 22 11.86 2.14 5.25
C ALA A 22 11.01 1.93 6.50
N ALA A 23 10.38 3.01 6.99
CA ALA A 23 9.50 2.89 8.15
C ALA A 23 8.32 2.00 7.81
N LEU A 24 7.71 2.23 6.64
CA LEU A 24 6.62 1.38 6.17
C LEU A 24 7.09 -0.06 6.10
N GLY A 25 8.30 -0.31 5.57
CA GLY A 25 8.90 -1.62 5.49
C GLY A 25 8.79 -2.34 6.83
N LYS A 26 9.40 -1.78 7.87
CA LYS A 26 9.36 -2.44 9.16
C LYS A 26 7.93 -2.54 9.73
N MET A 27 7.12 -1.49 9.58
CA MET A 27 5.79 -1.49 10.19
C MET A 27 4.83 -2.44 9.47
N VAL A 28 5.06 -2.71 8.18
CA VAL A 28 4.43 -3.81 7.47
C VAL A 28 5.02 -5.09 8.03
N GLY A 29 6.30 -5.31 7.74
CA GLY A 29 7.06 -6.54 7.94
C GLY A 29 7.73 -6.96 6.63
N VAL A 30 8.35 -6.01 5.92
CA VAL A 30 9.15 -6.25 4.73
C VAL A 30 10.33 -5.27 4.72
N SER A 31 11.18 -5.34 3.68
CA SER A 31 12.29 -4.42 3.53
C SER A 31 11.84 -3.11 2.89
N ASN A 32 12.64 -2.05 3.08
CA ASN A 32 12.52 -0.81 2.30
C ASN A 32 12.44 -1.12 0.81
N VAL A 33 13.32 -2.01 0.35
CA VAL A 33 13.35 -2.47 -1.02
C VAL A 33 11.99 -3.05 -1.40
N ALA A 34 11.46 -3.99 -0.62
CA ALA A 34 10.18 -4.61 -0.92
C ALA A 34 9.08 -3.57 -1.11
N ILE A 35 8.93 -2.64 -0.15
CA ILE A 35 8.01 -1.52 -0.31
C ILE A 35 8.28 -0.81 -1.64
N SER A 36 9.53 -0.44 -1.89
CA SER A 36 9.92 0.27 -3.10
C SER A 36 9.45 -0.49 -4.36
N GLN A 37 9.72 -1.80 -4.40
CA GLN A 37 9.31 -2.65 -5.51
C GLN A 37 7.80 -2.57 -5.68
N TRP A 38 7.06 -2.88 -4.62
CA TRP A 38 5.60 -2.84 -4.59
C TRP A 38 5.08 -1.52 -5.15
N GLU A 39 5.66 -0.41 -4.69
CA GLU A 39 5.22 0.94 -5.00
C GLU A 39 5.10 1.17 -6.52
N ARG A 40 5.84 0.41 -7.32
CA ARG A 40 5.81 0.50 -8.78
C ARG A 40 5.78 -0.90 -9.44
N SER A 41 5.23 -1.90 -8.75
CA SER A 41 5.19 -3.31 -9.15
C SER A 41 6.45 -3.82 -9.84
N GLU A 42 7.59 -3.75 -9.15
CA GLU A 42 8.72 -4.62 -9.45
C GLU A 42 8.46 -6.01 -8.84
N THR A 43 7.72 -6.06 -7.73
CA THR A 43 7.07 -7.24 -7.18
C THR A 43 5.70 -6.77 -6.66
N GLU A 44 4.83 -7.68 -6.22
CA GLU A 44 3.48 -7.39 -5.74
C GLU A 44 3.29 -8.14 -4.43
N PRO A 45 2.59 -7.60 -3.41
CA PRO A 45 2.33 -8.30 -2.16
C PRO A 45 1.33 -9.45 -2.38
N ASN A 46 1.27 -10.38 -1.41
CA ASN A 46 0.29 -11.46 -1.34
C ASN A 46 -0.41 -11.43 0.01
N GLY A 47 -1.41 -12.29 0.20
CA GLY A 47 -2.36 -12.31 1.31
C GLY A 47 -1.82 -11.74 2.63
N GLU A 48 -0.87 -12.44 3.24
CA GLU A 48 -0.29 -12.03 4.53
C GLU A 48 0.27 -10.61 4.43
N ASN A 49 1.09 -10.37 3.41
CA ASN A 49 1.75 -9.09 3.21
C ASN A 49 0.73 -7.99 2.93
N LEU A 50 -0.36 -8.32 2.25
CA LEU A 50 -1.50 -7.44 1.99
C LEU A 50 -2.16 -7.09 3.33
N LEU A 51 -2.41 -8.06 4.21
CA LEU A 51 -2.91 -7.77 5.55
C LEU A 51 -1.92 -6.89 6.31
N ALA A 52 -0.62 -7.22 6.24
CA ALA A 52 0.43 -6.44 6.88
C ALA A 52 0.45 -5.00 6.39
N LEU A 53 0.26 -4.81 5.08
CA LEU A 53 0.06 -3.52 4.42
C LEU A 53 -1.19 -2.84 4.98
N SER A 54 -2.31 -3.55 5.06
CA SER A 54 -3.57 -3.01 5.55
C SER A 54 -3.40 -2.43 6.97
N LYS A 55 -2.90 -3.26 7.88
CA LYS A 55 -2.67 -2.85 9.26
C LYS A 55 -1.55 -1.81 9.37
N ALA A 56 -0.57 -1.82 8.45
CA ALA A 56 0.40 -0.74 8.38
C ALA A 56 -0.22 0.61 8.01
N LEU A 57 -1.02 0.58 6.95
CA LEU A 57 -1.54 1.74 6.26
C LEU A 57 -2.88 2.23 6.84
N GLN A 58 -3.38 1.57 7.89
CA GLN A 58 -4.64 1.93 8.54
C GLN A 58 -5.78 1.87 7.54
N CYS A 59 -5.93 0.74 6.85
CA CYS A 59 -7.00 0.51 5.89
C CYS A 59 -7.33 -0.98 5.85
N SER A 60 -8.30 -1.38 5.03
CA SER A 60 -8.78 -2.74 4.87
C SER A 60 -8.01 -3.44 3.74
N PRO A 61 -8.09 -4.78 3.67
CA PRO A 61 -7.52 -5.53 2.56
C PRO A 61 -8.15 -5.11 1.23
N ASP A 62 -9.48 -5.06 1.17
CA ASP A 62 -10.22 -4.70 -0.04
C ASP A 62 -9.72 -3.37 -0.61
N TYR A 63 -9.40 -2.43 0.27
CA TYR A 63 -8.89 -1.13 -0.15
C TYR A 63 -7.62 -1.26 -0.97
N LEU A 64 -6.75 -2.21 -0.66
CA LEU A 64 -5.48 -2.34 -1.36
C LEU A 64 -5.65 -3.32 -2.50
N LEU A 65 -6.17 -4.51 -2.19
CA LEU A 65 -6.47 -5.56 -3.16
C LEU A 65 -7.29 -4.97 -4.31
N LYS A 66 -8.46 -4.39 -4.00
CA LYS A 66 -9.39 -3.97 -5.04
C LYS A 66 -9.10 -2.50 -5.34
N GLY A 67 -9.10 -1.67 -4.30
CA GLY A 67 -8.84 -0.25 -4.43
C GLY A 67 -9.86 0.55 -3.66
N ASP A 68 -9.47 1.18 -2.53
CA ASP A 68 -10.34 2.14 -1.84
C ASP A 68 -11.55 1.47 -1.18
N LEU A 69 -12.07 2.11 -0.13
CA LEU A 69 -13.29 1.73 0.58
C LEU A 69 -14.46 2.50 -0.02
N SER A 70 -14.21 3.72 -0.45
CA SER A 70 -15.18 4.79 -0.64
C SER A 70 -16.13 4.55 -1.84
N GLN A 71 -16.96 3.52 -1.76
CA GLN A 71 -17.78 3.00 -2.86
C GLN A 71 -19.16 2.58 -2.34
N THR A 72 -19.94 3.53 -1.82
CA THR A 72 -21.32 3.35 -1.37
C THR A 72 -21.36 2.93 0.10
N ASN A 73 -22.43 3.35 0.79
CA ASN A 73 -22.82 2.85 2.10
C ASN A 73 -21.74 3.10 3.16
N VAL A 74 -21.16 4.31 3.15
CA VAL A 74 -20.20 4.78 4.14
C VAL A 74 -20.61 6.20 4.54
N ALA A 75 -21.92 6.40 4.73
CA ALA A 75 -22.55 7.72 4.65
C ALA A 75 -22.08 8.41 3.36
N TYR A 76 -22.27 7.69 2.24
CA TYR A 76 -21.78 8.08 0.93
C TYR A 76 -22.78 9.02 0.27
N MET A 1 -4.09 3.96 -15.02
CA MET A 1 -3.83 5.18 -14.24
C MET A 1 -4.74 5.20 -13.01
N ASN A 2 -4.63 6.23 -12.18
CA ASN A 2 -5.47 6.50 -11.01
C ASN A 2 -5.60 5.28 -10.08
N THR A 3 -4.53 5.00 -9.35
CA THR A 3 -4.51 3.99 -8.29
C THR A 3 -4.69 2.61 -8.91
N GLN A 4 -3.84 2.29 -9.88
CA GLN A 4 -3.75 0.96 -10.46
C GLN A 4 -2.76 0.13 -9.64
N LEU A 5 -2.97 -1.19 -9.58
CA LEU A 5 -2.13 -2.09 -8.79
C LEU A 5 -2.19 -1.75 -7.28
N MET A 6 -1.51 -2.51 -6.45
CA MET A 6 -1.27 -2.10 -5.07
C MET A 6 -0.30 -0.92 -5.07
N GLY A 7 0.78 -0.98 -5.85
CA GLY A 7 1.91 -0.07 -5.80
C GLY A 7 1.50 1.40 -5.70
N GLU A 8 0.60 1.85 -6.58
CA GLU A 8 0.15 3.24 -6.54
C GLU A 8 -0.58 3.55 -5.23
N ARG A 9 -1.44 2.63 -4.79
CA ARG A 9 -2.18 2.78 -3.55
C ARG A 9 -1.20 2.85 -2.37
N ILE A 10 -0.22 1.95 -2.34
CA ILE A 10 0.84 1.94 -1.35
C ILE A 10 1.51 3.32 -1.33
N ARG A 11 2.00 3.80 -2.48
CA ARG A 11 2.64 5.11 -2.56
C ARG A 11 1.72 6.18 -1.99
N ALA A 12 0.49 6.26 -2.51
CA ALA A 12 -0.43 7.33 -2.19
C ALA A 12 -0.80 7.33 -0.70
N ARG A 13 -1.15 6.17 -0.13
CA ARG A 13 -1.40 6.04 1.30
C ARG A 13 -0.13 6.42 2.09
N ARG A 14 1.03 5.87 1.69
CA ARG A 14 2.31 6.16 2.34
C ARG A 14 2.57 7.67 2.37
N LYS A 15 2.31 8.36 1.26
CA LYS A 15 2.45 9.81 1.15
C LYS A 15 1.40 10.52 2.00
N LYS A 16 0.15 10.04 2.02
CA LYS A 16 -0.89 10.63 2.86
C LYS A 16 -0.47 10.60 4.32
N LEU A 17 -0.12 9.41 4.82
CA LEU A 17 0.28 9.19 6.21
C LEU A 17 1.71 9.70 6.47
N LYS A 18 2.47 9.95 5.39
CA LYS A 18 3.77 10.60 5.42
C LYS A 18 4.82 9.67 6.03
N ILE A 19 4.81 8.39 5.64
CA ILE A 19 5.62 7.34 6.27
C ILE A 19 6.87 7.09 5.41
N ARG A 20 8.03 6.92 6.05
CA ARG A 20 9.28 6.60 5.35
C ARG A 20 9.23 5.14 4.87
N GLN A 21 9.84 4.83 3.74
CA GLN A 21 9.84 3.45 3.23
C GLN A 21 10.37 2.46 4.27
N ALA A 22 11.47 2.79 4.95
CA ALA A 22 12.02 1.94 6.00
C ALA A 22 11.02 1.74 7.14
N ALA A 23 10.37 2.83 7.56
CA ALA A 23 9.36 2.77 8.62
C ALA A 23 8.22 1.85 8.19
N LEU A 24 7.67 2.07 6.99
CA LEU A 24 6.61 1.24 6.47
C LEU A 24 7.08 -0.21 6.39
N GLY A 25 8.31 -0.42 5.91
CA GLY A 25 8.96 -1.72 5.88
C GLY A 25 8.87 -2.39 7.24
N LYS A 26 9.31 -1.70 8.31
CA LYS A 26 9.23 -2.21 9.66
C LYS A 26 7.79 -2.49 10.08
N MET A 27 6.85 -1.57 9.81
CA MET A 27 5.44 -1.76 10.16
C MET A 27 4.90 -3.05 9.55
N VAL A 28 5.10 -3.21 8.24
CA VAL A 28 4.52 -4.30 7.45
C VAL A 28 5.27 -5.60 7.73
N GLY A 29 6.59 -5.53 7.82
CA GLY A 29 7.49 -6.67 7.90
C GLY A 29 8.12 -6.96 6.54
N VAL A 30 8.65 -5.94 5.87
CA VAL A 30 9.47 -6.07 4.67
C VAL A 30 10.61 -5.04 4.73
N SER A 31 11.50 -5.02 3.74
CA SER A 31 12.57 -4.04 3.67
C SER A 31 12.07 -2.71 3.07
N ASN A 32 12.81 -1.63 3.33
CA ASN A 32 12.66 -0.37 2.61
C ASN A 32 12.66 -0.63 1.09
N VAL A 33 13.61 -1.46 0.63
CA VAL A 33 13.71 -1.85 -0.77
C VAL A 33 12.39 -2.47 -1.19
N ALA A 34 11.91 -3.49 -0.49
CA ALA A 34 10.68 -4.17 -0.84
C ALA A 34 9.51 -3.19 -0.98
N ILE A 35 9.28 -2.34 0.04
CA ILE A 35 8.30 -1.27 -0.09
C ILE A 35 8.53 -0.49 -1.39
N SER A 36 9.78 -0.06 -1.63
CA SER A 36 10.11 0.72 -2.81
C SER A 36 9.71 -0.01 -4.08
N GLN A 37 10.10 -1.28 -4.21
CA GLN A 37 9.79 -2.12 -5.36
C GLN A 37 8.28 -2.23 -5.54
N TRP A 38 7.55 -2.42 -4.44
CA TRP A 38 6.10 -2.38 -4.45
C TRP A 38 5.59 -1.07 -5.03
N GLU A 39 5.98 0.08 -4.48
CA GLU A 39 5.48 1.33 -5.01
C GLU A 39 5.94 1.60 -6.46
N ARG A 40 7.12 1.12 -6.87
CA ARG A 40 7.50 1.11 -8.30
C ARG A 40 6.62 0.17 -9.13
N SER A 41 5.87 -0.75 -8.50
CA SER A 41 5.20 -1.87 -9.14
C SER A 41 6.18 -2.74 -9.94
N GLU A 42 7.38 -2.94 -9.38
CA GLU A 42 8.30 -3.99 -9.82
C GLU A 42 7.73 -5.34 -9.40
N THR A 43 7.21 -5.39 -8.18
CA THR A 43 6.51 -6.54 -7.61
C THR A 43 5.27 -6.00 -6.90
N GLU A 44 4.41 -6.89 -6.41
CA GLU A 44 3.20 -6.57 -5.65
C GLU A 44 3.17 -7.54 -4.47
N PRO A 45 2.55 -7.17 -3.34
CA PRO A 45 2.36 -8.07 -2.21
C PRO A 45 1.34 -9.16 -2.54
N ASN A 46 1.34 -10.24 -1.77
CA ASN A 46 0.27 -11.24 -1.77
C ASN A 46 -0.50 -11.17 -0.46
N GLY A 47 -1.60 -11.92 -0.37
CA GLY A 47 -2.56 -11.94 0.73
C GLY A 47 -1.95 -11.66 2.10
N GLU A 48 -0.93 -12.45 2.48
CA GLU A 48 -0.27 -12.33 3.77
C GLU A 48 0.30 -10.92 3.96
N ASN A 49 1.07 -10.46 2.98
CA ASN A 49 1.70 -9.15 3.03
C ASN A 49 0.63 -8.07 2.90
N LEU A 50 -0.32 -8.21 1.96
CA LEU A 50 -1.49 -7.36 1.77
C LEU A 50 -2.15 -7.10 3.13
N LEU A 51 -2.43 -8.13 3.92
CA LEU A 51 -3.01 -7.95 5.26
C LEU A 51 -2.14 -7.03 6.13
N ALA A 52 -0.82 -7.11 6.02
CA ALA A 52 0.10 -6.27 6.77
C ALA A 52 0.17 -4.85 6.19
N LEU A 53 0.25 -4.71 4.87
CA LEU A 53 0.15 -3.44 4.16
C LEU A 53 -1.06 -2.69 4.68
N SER A 54 -2.24 -3.32 4.61
CA SER A 54 -3.49 -2.66 4.93
C SER A 54 -3.42 -2.02 6.31
N LYS A 55 -3.09 -2.81 7.32
CA LYS A 55 -2.99 -2.27 8.67
C LYS A 55 -1.90 -1.19 8.73
N ALA A 56 -0.72 -1.43 8.16
CA ALA A 56 0.33 -0.43 8.21
C ALA A 56 -0.05 0.89 7.55
N LEU A 57 -0.91 0.79 6.55
CA LEU A 57 -1.46 1.91 5.79
C LEU A 57 -2.81 2.37 6.34
N GLN A 58 -3.23 1.89 7.52
CA GLN A 58 -4.44 2.30 8.21
C GLN A 58 -5.69 2.01 7.37
N CYS A 59 -5.88 0.75 6.97
CA CYS A 59 -7.09 0.29 6.27
C CYS A 59 -7.19 -1.24 6.32
N SER A 60 -8.31 -1.78 5.82
CA SER A 60 -8.67 -3.18 5.77
C SER A 60 -8.23 -3.80 4.42
N PRO A 61 -8.05 -5.14 4.32
CA PRO A 61 -7.60 -5.77 3.08
C PRO A 61 -8.53 -5.46 1.90
N ASP A 62 -9.83 -5.55 2.17
CA ASP A 62 -10.90 -5.12 1.28
C ASP A 62 -10.68 -3.71 0.72
N TYR A 63 -10.05 -2.81 1.48
CA TYR A 63 -9.75 -1.47 0.99
C TYR A 63 -8.90 -1.54 -0.27
N LEU A 64 -7.91 -2.42 -0.30
CA LEU A 64 -7.01 -2.58 -1.44
C LEU A 64 -7.58 -3.53 -2.48
N LEU A 65 -8.33 -4.55 -2.05
CA LEU A 65 -9.04 -5.43 -2.98
C LEU A 65 -10.03 -4.61 -3.83
N LYS A 66 -10.82 -3.76 -3.18
CA LYS A 66 -11.70 -2.81 -3.85
C LYS A 66 -10.82 -1.75 -4.51
N GLY A 67 -9.88 -1.22 -3.72
CA GLY A 67 -8.86 -0.30 -4.14
C GLY A 67 -9.28 1.14 -3.92
N ASP A 68 -9.98 1.37 -2.83
CA ASP A 68 -10.84 2.55 -2.68
C ASP A 68 -10.07 3.73 -2.07
N LEU A 69 -9.06 4.17 -2.82
CA LEU A 69 -8.41 5.46 -2.66
C LEU A 69 -8.85 6.44 -3.76
N SER A 70 -9.80 6.03 -4.58
CA SER A 70 -10.40 6.73 -5.71
C SER A 70 -11.60 5.89 -6.12
N GLN A 71 -12.42 6.38 -7.06
CA GLN A 71 -13.48 5.63 -7.70
C GLN A 71 -14.49 5.05 -6.69
N THR A 72 -14.92 5.90 -5.75
CA THR A 72 -15.94 5.67 -4.71
C THR A 72 -15.29 5.26 -3.40
N ASN A 73 -15.55 6.03 -2.35
CA ASN A 73 -15.01 5.91 -1.00
C ASN A 73 -13.57 6.41 -0.92
N VAL A 74 -13.25 7.06 0.20
CA VAL A 74 -11.99 7.72 0.55
C VAL A 74 -11.19 8.14 -0.70
N ALA A 75 -11.73 9.07 -1.50
CA ALA A 75 -11.03 9.63 -2.65
C ALA A 75 -10.02 10.68 -2.15
N TYR A 76 -9.06 10.23 -1.35
CA TYR A 76 -8.48 11.03 -0.28
C TYR A 76 -9.59 11.38 0.71
N MET A 1 5.23 -3.56 -14.12
CA MET A 1 4.09 -3.42 -15.05
C MET A 1 2.99 -4.31 -14.49
N ASN A 2 1.78 -3.79 -14.30
CA ASN A 2 0.87 -4.25 -13.26
C ASN A 2 -0.55 -3.85 -13.66
N THR A 3 -1.55 -4.55 -13.13
CA THR A 3 -2.95 -4.16 -13.26
C THR A 3 -3.18 -2.94 -12.37
N GLN A 4 -2.68 -1.78 -12.80
CA GLN A 4 -2.52 -0.57 -12.02
C GLN A 4 -1.35 -0.75 -11.04
N LEU A 5 -0.51 0.26 -10.90
CA LEU A 5 0.44 0.29 -9.79
C LEU A 5 -0.34 0.51 -8.50
N MET A 6 -0.86 -0.58 -7.93
CA MET A 6 -1.41 -0.61 -6.57
C MET A 6 -0.47 0.14 -5.62
N GLY A 7 0.83 -0.10 -5.80
CA GLY A 7 1.93 0.65 -5.23
C GLY A 7 1.68 2.13 -5.01
N GLU A 8 1.04 2.81 -5.97
CA GLU A 8 0.85 4.25 -5.90
C GLU A 8 -0.41 4.64 -5.11
N ARG A 9 -1.41 3.76 -4.96
CA ARG A 9 -2.46 4.02 -3.99
C ARG A 9 -1.97 3.65 -2.59
N ILE A 10 -1.13 2.61 -2.50
CA ILE A 10 -0.35 2.33 -1.31
C ILE A 10 0.41 3.61 -0.92
N ARG A 11 1.16 4.22 -1.86
CA ARG A 11 1.80 5.51 -1.66
C ARG A 11 0.78 6.54 -1.19
N ALA A 12 -0.33 6.67 -1.91
CA ALA A 12 -1.36 7.65 -1.59
C ALA A 12 -1.74 7.57 -0.11
N ARG A 13 -2.07 6.36 0.37
CA ARG A 13 -2.48 6.24 1.76
C ARG A 13 -1.30 6.42 2.73
N ARG A 14 -0.13 5.90 2.36
CA ARG A 14 1.12 6.11 3.07
C ARG A 14 1.37 7.60 3.27
N LYS A 15 1.08 8.40 2.23
CA LYS A 15 1.12 9.86 2.15
C LYS A 15 -0.12 10.54 2.76
N LYS A 16 -1.13 9.79 3.21
CA LYS A 16 -2.19 10.28 4.09
C LYS A 16 -1.59 10.36 5.49
N LEU A 17 -1.11 9.21 5.96
CA LEU A 17 -0.51 9.09 7.27
C LEU A 17 0.82 9.87 7.31
N LYS A 18 1.52 9.89 6.18
CA LYS A 18 2.81 10.54 5.91
C LYS A 18 3.96 9.67 6.44
N ILE A 19 3.74 8.36 6.44
CA ILE A 19 4.72 7.41 6.96
C ILE A 19 5.90 7.35 5.99
N ARG A 20 7.10 7.07 6.50
CA ARG A 20 8.33 7.06 5.75
C ARG A 20 8.62 5.61 5.29
N GLN A 21 9.04 5.45 4.02
CA GLN A 21 9.09 4.15 3.35
C GLN A 21 9.92 3.12 4.10
N ALA A 22 11.14 3.47 4.53
CA ALA A 22 12.02 2.52 5.19
C ALA A 22 11.41 2.04 6.52
N ALA A 23 10.97 2.99 7.34
CA ALA A 23 10.31 2.72 8.60
C ALA A 23 9.10 1.81 8.37
N LEU A 24 8.28 2.15 7.36
CA LEU A 24 7.17 1.31 6.98
C LEU A 24 7.66 -0.10 6.64
N GLY A 25 8.66 -0.25 5.78
CA GLY A 25 9.27 -1.53 5.46
C GLY A 25 9.51 -2.35 6.73
N LYS A 26 10.22 -1.76 7.69
CA LYS A 26 10.45 -2.39 8.97
C LYS A 26 9.14 -2.80 9.66
N MET A 27 8.16 -1.90 9.77
CA MET A 27 6.95 -2.19 10.53
C MET A 27 6.06 -3.24 9.85
N VAL A 28 5.92 -3.19 8.52
CA VAL A 28 5.20 -4.21 7.76
C VAL A 28 5.96 -5.55 7.92
N GLY A 29 7.29 -5.48 7.81
CA GLY A 29 8.18 -6.63 7.92
C GLY A 29 8.65 -7.05 6.53
N VAL A 30 9.17 -6.08 5.75
CA VAL A 30 9.78 -6.32 4.45
C VAL A 30 11.00 -5.41 4.30
N SER A 31 11.76 -5.58 3.21
CA SER A 31 12.88 -4.73 2.89
C SER A 31 12.41 -3.40 2.27
N ASN A 32 13.29 -2.40 2.29
CA ASN A 32 13.13 -1.18 1.51
C ASN A 32 12.93 -1.52 0.03
N VAL A 33 13.73 -2.47 -0.50
CA VAL A 33 13.56 -2.94 -1.87
C VAL A 33 12.14 -3.46 -2.06
N ALA A 34 11.67 -4.35 -1.18
CA ALA A 34 10.34 -4.91 -1.31
C ALA A 34 9.28 -3.81 -1.35
N ILE A 35 9.33 -2.87 -0.41
CA ILE A 35 8.46 -1.69 -0.48
C ILE A 35 8.59 -1.02 -1.86
N SER A 36 9.81 -0.74 -2.31
CA SER A 36 10.04 -0.08 -3.60
C SER A 36 9.39 -0.85 -4.76
N GLN A 37 9.57 -2.18 -4.78
CA GLN A 37 9.02 -3.08 -5.77
C GLN A 37 7.50 -2.99 -5.76
N TRP A 38 6.89 -3.02 -4.57
CA TRP A 38 5.46 -2.83 -4.43
C TRP A 38 5.05 -1.46 -4.98
N GLU A 39 5.74 -0.38 -4.59
CA GLU A 39 5.45 0.97 -5.07
C GLU A 39 5.49 1.05 -6.59
N ARG A 40 6.57 0.54 -7.21
CA ARG A 40 6.83 0.75 -8.63
C ARG A 40 7.73 -0.31 -9.23
N SER A 41 7.29 -1.58 -9.21
CA SER A 41 7.74 -2.54 -10.21
C SER A 41 6.65 -3.53 -10.60
N GLU A 42 6.49 -4.63 -9.86
CA GLU A 42 5.96 -5.86 -10.44
C GLU A 42 5.04 -6.59 -9.46
N THR A 43 5.58 -7.09 -8.36
CA THR A 43 4.82 -7.88 -7.40
C THR A 43 3.74 -7.03 -6.73
N GLU A 44 2.68 -7.71 -6.30
CA GLU A 44 1.76 -7.22 -5.30
C GLU A 44 2.06 -8.00 -4.01
N PRO A 45 1.87 -7.38 -2.83
CA PRO A 45 1.90 -8.08 -1.55
C PRO A 45 0.83 -9.18 -1.53
N ASN A 46 1.15 -10.34 -0.98
CA ASN A 46 0.17 -11.41 -0.78
C ASN A 46 -0.48 -11.29 0.60
N GLY A 47 -1.56 -12.04 0.78
CA GLY A 47 -2.48 -11.97 1.92
C GLY A 47 -1.88 -11.43 3.22
N GLU A 48 -0.92 -12.15 3.79
CA GLU A 48 -0.27 -11.79 5.04
C GLU A 48 0.35 -10.38 4.99
N ASN A 49 1.16 -10.14 3.96
CA ASN A 49 1.88 -8.89 3.77
C ASN A 49 0.91 -7.78 3.40
N LEU A 50 -0.12 -8.07 2.61
CA LEU A 50 -1.18 -7.15 2.26
C LEU A 50 -1.92 -6.73 3.52
N LEU A 51 -2.28 -7.68 4.39
CA LEU A 51 -2.87 -7.38 5.69
C LEU A 51 -1.93 -6.50 6.50
N ALA A 52 -0.65 -6.86 6.61
CA ALA A 52 0.32 -6.05 7.35
C ALA A 52 0.40 -4.63 6.79
N LEU A 53 0.46 -4.49 5.46
CA LEU A 53 0.44 -3.21 4.77
C LEU A 53 -0.82 -2.43 5.17
N SER A 54 -1.98 -3.03 4.93
CA SER A 54 -3.26 -2.37 5.14
C SER A 54 -3.41 -1.95 6.60
N LYS A 55 -2.95 -2.80 7.52
CA LYS A 55 -2.86 -2.48 8.94
C LYS A 55 -1.96 -1.26 9.13
N ALA A 56 -0.72 -1.29 8.62
CA ALA A 56 0.18 -0.13 8.76
C ALA A 56 -0.39 1.15 8.16
N LEU A 57 -1.17 1.00 7.08
CA LEU A 57 -1.88 2.06 6.38
C LEU A 57 -3.25 2.36 7.00
N GLN A 58 -3.58 1.70 8.12
CA GLN A 58 -4.80 1.86 8.88
C GLN A 58 -6.05 1.75 7.99
N CYS A 59 -6.26 0.57 7.38
CA CYS A 59 -7.34 0.33 6.43
C CYS A 59 -7.47 -1.16 6.13
N SER A 60 -8.43 -1.54 5.27
CA SER A 60 -8.80 -2.91 4.97
C SER A 60 -8.01 -3.44 3.76
N PRO A 61 -7.87 -4.77 3.61
CA PRO A 61 -7.08 -5.37 2.55
C PRO A 61 -7.73 -5.21 1.18
N ASP A 62 -9.05 -5.38 1.09
CA ASP A 62 -9.86 -5.28 -0.12
C ASP A 62 -9.61 -3.96 -0.85
N TYR A 63 -9.70 -2.87 -0.08
CA TYR A 63 -9.49 -1.50 -0.50
C TYR A 63 -8.20 -1.35 -1.29
N LEU A 64 -7.10 -1.82 -0.72
CA LEU A 64 -5.83 -1.74 -1.42
C LEU A 64 -5.78 -2.77 -2.52
N LEU A 65 -6.19 -4.01 -2.27
CA LEU A 65 -6.24 -5.07 -3.26
C LEU A 65 -6.77 -4.49 -4.58
N LYS A 66 -8.02 -4.01 -4.61
CA LYS A 66 -8.59 -3.40 -5.80
C LYS A 66 -9.84 -2.60 -5.43
N GLY A 67 -9.68 -1.62 -4.54
CA GLY A 67 -10.69 -0.62 -4.21
C GLY A 67 -10.25 0.76 -4.69
N ASP A 68 -9.21 1.28 -4.05
CA ASP A 68 -8.60 2.57 -4.40
C ASP A 68 -9.45 3.77 -3.96
N LEU A 69 -8.76 4.87 -3.68
CA LEU A 69 -9.35 6.16 -3.33
C LEU A 69 -8.95 7.24 -4.33
N SER A 70 -8.06 6.96 -5.28
CA SER A 70 -7.65 7.92 -6.30
C SER A 70 -8.71 8.00 -7.41
N GLN A 71 -9.96 8.20 -7.00
CA GLN A 71 -11.13 8.34 -7.85
C GLN A 71 -11.19 9.81 -8.28
N THR A 72 -10.07 10.26 -8.85
CA THR A 72 -9.73 11.65 -9.11
C THR A 72 -9.87 12.49 -7.84
N ASN A 73 -8.92 12.28 -6.93
CA ASN A 73 -8.94 12.80 -5.57
C ASN A 73 -7.66 13.58 -5.26
N VAL A 74 -7.58 14.82 -5.75
CA VAL A 74 -6.72 15.90 -5.25
C VAL A 74 -5.24 15.53 -4.97
N ALA A 75 -4.67 14.61 -5.74
CA ALA A 75 -3.31 14.10 -5.51
C ALA A 75 -3.10 13.53 -4.10
N TYR A 76 -4.21 13.12 -3.46
CA TYR A 76 -4.34 12.18 -2.36
C TYR A 76 -3.13 12.06 -1.41
N MET A 1 0.93 -2.20 -14.91
CA MET A 1 0.50 -3.55 -15.32
C MET A 1 -0.93 -3.42 -15.82
N ASN A 2 -1.91 -4.02 -15.13
CA ASN A 2 -3.32 -3.70 -15.30
C ASN A 2 -3.57 -2.21 -15.00
N THR A 3 -4.74 -1.72 -15.40
CA THR A 3 -5.25 -0.41 -15.06
C THR A 3 -5.43 -0.29 -13.54
N GLN A 4 -4.96 0.82 -12.95
CA GLN A 4 -4.83 1.09 -11.52
C GLN A 4 -3.96 0.06 -10.79
N LEU A 5 -3.41 0.42 -9.62
CA LEU A 5 -2.44 -0.44 -8.98
C LEU A 5 -2.30 -0.13 -7.48
N MET A 6 -2.00 -1.17 -6.70
CA MET A 6 -1.82 -1.09 -5.27
C MET A 6 -0.80 -0.01 -4.91
N GLY A 7 0.27 0.09 -5.71
CA GLY A 7 1.31 1.11 -5.58
C GLY A 7 0.76 2.52 -5.42
N GLU A 8 -0.34 2.84 -6.12
CA GLU A 8 -0.98 4.15 -6.00
C GLU A 8 -1.46 4.36 -4.56
N ARG A 9 -2.03 3.31 -3.96
CA ARG A 9 -2.48 3.38 -2.59
C ARG A 9 -1.32 3.40 -1.63
N ILE A 10 -0.27 2.62 -1.88
CA ILE A 10 0.95 2.71 -1.09
C ILE A 10 1.39 4.18 -1.07
N ARG A 11 1.49 4.81 -2.24
CA ARG A 11 1.83 6.23 -2.35
C ARG A 11 0.89 7.08 -1.49
N ALA A 12 -0.42 7.01 -1.78
CA ALA A 12 -1.45 7.81 -1.13
C ALA A 12 -1.42 7.67 0.39
N ARG A 13 -1.56 6.43 0.87
CA ARG A 13 -1.54 6.09 2.29
C ARG A 13 -0.25 6.60 2.93
N ARG A 14 0.91 6.30 2.31
CA ARG A 14 2.18 6.69 2.90
C ARG A 14 2.24 8.21 3.09
N LYS A 15 1.90 8.99 2.04
CA LYS A 15 1.96 10.44 2.15
C LYS A 15 0.90 11.01 3.09
N LYS A 16 -0.29 10.41 3.10
CA LYS A 16 -1.32 10.69 4.11
C LYS A 16 -0.69 10.58 5.50
N LEU A 17 -0.15 9.40 5.82
CA LEU A 17 0.32 9.03 7.15
C LEU A 17 1.69 9.66 7.46
N LYS A 18 2.38 10.17 6.43
CA LYS A 18 3.67 10.82 6.51
C LYS A 18 4.77 9.80 6.81
N ILE A 19 4.60 8.55 6.35
CA ILE A 19 5.48 7.46 6.74
C ILE A 19 6.75 7.49 5.87
N ARG A 20 7.91 7.34 6.50
CA ARG A 20 9.18 7.28 5.80
C ARG A 20 9.36 5.85 5.25
N GLN A 21 10.06 5.69 4.12
CA GLN A 21 10.15 4.40 3.43
C GLN A 21 10.52 3.26 4.40
N ALA A 22 11.67 3.42 5.08
CA ALA A 22 12.18 2.45 6.02
C ALA A 22 11.18 2.19 7.15
N ALA A 23 10.53 3.26 7.63
CA ALA A 23 9.50 3.13 8.64
C ALA A 23 8.39 2.21 8.11
N LEU A 24 7.89 2.47 6.90
CA LEU A 24 6.87 1.59 6.32
C LEU A 24 7.40 0.16 6.27
N GLY A 25 8.61 -0.03 5.74
CA GLY A 25 9.24 -1.33 5.64
C GLY A 25 9.15 -2.08 6.97
N LYS A 26 9.66 -1.49 8.05
CA LYS A 26 9.63 -2.19 9.34
C LYS A 26 8.22 -2.32 9.90
N MET A 27 7.34 -1.32 9.72
CA MET A 27 5.96 -1.40 10.18
C MET A 27 5.24 -2.59 9.55
N VAL A 28 5.40 -2.77 8.23
CA VAL A 28 4.86 -3.91 7.52
C VAL A 28 5.59 -5.18 7.98
N GLY A 29 6.92 -5.11 8.00
CA GLY A 29 7.81 -6.24 8.23
C GLY A 29 8.37 -6.74 6.90
N VAL A 30 8.89 -5.82 6.08
CA VAL A 30 9.65 -6.13 4.88
C VAL A 30 10.79 -5.12 4.78
N SER A 31 11.66 -5.26 3.76
CA SER A 31 12.70 -4.29 3.49
C SER A 31 12.09 -3.08 2.75
N ASN A 32 12.71 -1.90 2.90
CA ASN A 32 12.38 -0.76 2.06
C ASN A 32 12.50 -1.13 0.58
N VAL A 33 13.47 -2.01 0.25
CA VAL A 33 13.61 -2.57 -1.07
C VAL A 33 12.31 -3.27 -1.49
N ALA A 34 11.83 -4.21 -0.67
CA ALA A 34 10.60 -4.92 -1.00
C ALA A 34 9.44 -3.95 -1.24
N ILE A 35 9.26 -2.98 -0.33
CA ILE A 35 8.28 -1.90 -0.55
C ILE A 35 8.51 -1.26 -1.92
N SER A 36 9.76 -0.90 -2.22
CA SER A 36 10.13 -0.25 -3.48
C SER A 36 9.68 -1.11 -4.67
N GLN A 37 10.01 -2.41 -4.68
CA GLN A 37 9.57 -3.31 -5.74
C GLN A 37 8.03 -3.30 -5.85
N TRP A 38 7.35 -3.47 -4.71
CA TRP A 38 5.90 -3.47 -4.67
C TRP A 38 5.32 -2.20 -5.29
N GLU A 39 5.71 -1.01 -4.80
CA GLU A 39 5.12 0.23 -5.28
C GLU A 39 5.48 0.50 -6.74
N ARG A 40 6.71 0.15 -7.14
CA ARG A 40 7.10 0.19 -8.55
C ARG A 40 6.30 -0.80 -9.40
N SER A 41 5.42 -1.61 -8.81
CA SER A 41 4.37 -2.31 -9.54
C SER A 41 4.97 -3.38 -10.46
N GLU A 42 6.03 -4.04 -9.97
CA GLU A 42 6.80 -5.05 -10.67
C GLU A 42 6.81 -6.37 -9.89
N THR A 43 6.31 -6.37 -8.65
CA THR A 43 6.23 -7.52 -7.76
C THR A 43 4.99 -7.32 -6.89
N GLU A 44 4.59 -8.35 -6.15
CA GLU A 44 3.33 -8.42 -5.42
C GLU A 44 3.55 -8.70 -3.93
N PRO A 45 2.71 -8.14 -3.04
CA PRO A 45 2.51 -8.63 -1.68
C PRO A 45 1.46 -9.75 -1.71
N ASN A 46 1.68 -10.85 -0.99
CA ASN A 46 0.67 -11.91 -0.84
C ASN A 46 -0.15 -11.73 0.43
N GLY A 47 -1.06 -12.67 0.70
CA GLY A 47 -1.95 -12.69 1.86
C GLY A 47 -1.39 -11.99 3.09
N GLU A 48 -0.42 -12.60 3.77
CA GLU A 48 0.15 -12.08 5.00
C GLU A 48 0.72 -10.68 4.78
N ASN A 49 1.40 -10.47 3.65
CA ASN A 49 1.99 -9.18 3.31
C ASN A 49 0.92 -8.11 3.12
N LEU A 50 -0.18 -8.48 2.47
CA LEU A 50 -1.30 -7.63 2.13
C LEU A 50 -1.98 -7.25 3.44
N LEU A 51 -2.18 -8.23 4.34
CA LEU A 51 -2.59 -7.97 5.71
C LEU A 51 -1.62 -6.98 6.39
N ALA A 52 -0.31 -7.23 6.31
CA ALA A 52 0.67 -6.37 6.97
C ALA A 52 0.61 -4.94 6.42
N LEU A 53 0.53 -4.80 5.10
CA LEU A 53 0.34 -3.56 4.38
C LEU A 53 -0.93 -2.86 4.89
N SER A 54 -2.07 -3.55 4.81
CA SER A 54 -3.37 -3.09 5.26
C SER A 54 -3.30 -2.52 6.68
N LYS A 55 -2.70 -3.26 7.62
CA LYS A 55 -2.45 -2.75 8.96
C LYS A 55 -1.57 -1.50 8.89
N ALA A 56 -0.39 -1.60 8.28
CA ALA A 56 0.59 -0.52 8.26
C ALA A 56 0.10 0.76 7.58
N LEU A 57 -0.90 0.63 6.73
CA LEU A 57 -1.51 1.72 5.99
C LEU A 57 -2.88 2.12 6.56
N GLN A 58 -3.35 1.48 7.64
CA GLN A 58 -4.63 1.74 8.29
C GLN A 58 -5.78 1.88 7.29
N CYS A 59 -6.07 0.83 6.54
CA CYS A 59 -7.27 0.73 5.71
C CYS A 59 -7.50 -0.74 5.39
N SER A 60 -8.68 -1.11 4.89
CA SER A 60 -9.01 -2.51 4.65
C SER A 60 -8.14 -3.10 3.54
N PRO A 61 -7.98 -4.43 3.49
CA PRO A 61 -7.21 -5.08 2.44
C PRO A 61 -7.91 -4.93 1.08
N ASP A 62 -9.20 -5.28 1.04
CA ASP A 62 -9.99 -5.36 -0.20
C ASP A 62 -9.91 -4.04 -0.97
N TYR A 63 -10.02 -2.92 -0.24
CA TYR A 63 -9.89 -1.57 -0.75
C TYR A 63 -8.70 -1.47 -1.70
N LEU A 64 -7.58 -2.09 -1.37
CA LEU A 64 -6.36 -1.87 -2.12
C LEU A 64 -6.30 -2.75 -3.37
N LEU A 65 -7.07 -3.85 -3.39
CA LEU A 65 -7.20 -4.69 -4.57
C LEU A 65 -8.24 -4.08 -5.51
N LYS A 66 -9.43 -3.81 -4.97
CA LYS A 66 -10.55 -3.29 -5.76
C LYS A 66 -10.26 -1.85 -6.18
N GLY A 67 -9.50 -1.12 -5.35
CA GLY A 67 -9.26 0.28 -5.54
C GLY A 67 -10.33 1.10 -4.85
N ASP A 68 -10.11 1.36 -3.56
CA ASP A 68 -10.68 2.54 -2.95
C ASP A 68 -12.18 2.47 -2.81
N LEU A 69 -12.78 3.64 -2.99
CA LEU A 69 -14.04 4.03 -2.43
C LEU A 69 -13.91 4.07 -0.91
N SER A 70 -13.99 2.90 -0.25
CA SER A 70 -14.06 2.78 1.21
C SER A 70 -14.28 1.31 1.61
N GLN A 71 -14.39 1.15 2.93
CA GLN A 71 -14.87 0.01 3.70
C GLN A 71 -15.13 0.47 5.14
N THR A 72 -15.63 1.70 5.30
CA THR A 72 -16.03 2.30 6.54
C THR A 72 -16.83 3.54 6.16
N ASN A 73 -17.24 4.28 7.18
CA ASN A 73 -18.08 5.45 7.18
C ASN A 73 -18.24 5.85 8.64
N VAL A 74 -18.42 7.13 8.90
CA VAL A 74 -18.70 7.69 10.21
C VAL A 74 -20.13 8.23 10.16
N ALA A 75 -21.12 7.32 10.13
CA ALA A 75 -22.51 7.69 10.29
C ALA A 75 -22.75 8.03 11.76
N TYR A 76 -22.17 9.16 12.20
CA TYR A 76 -21.72 9.38 13.55
C TYR A 76 -20.93 8.16 14.06
N MET A 1 -5.30 -6.54 -13.08
CA MET A 1 -5.19 -6.68 -11.62
C MET A 1 -6.34 -5.88 -11.04
N ASN A 2 -6.25 -5.40 -9.79
CA ASN A 2 -7.26 -4.46 -9.28
C ASN A 2 -7.25 -3.17 -10.12
N THR A 3 -8.33 -2.40 -10.04
CA THR A 3 -8.40 -1.03 -10.52
C THR A 3 -7.28 -0.21 -9.88
N GLN A 4 -6.19 0.01 -10.61
CA GLN A 4 -4.92 0.52 -10.12
C GLN A 4 -4.21 -0.52 -9.23
N LEU A 5 -2.88 -0.55 -9.34
CA LEU A 5 -2.04 -1.53 -8.68
C LEU A 5 -2.07 -1.33 -7.16
N MET A 6 -1.75 -2.36 -6.39
CA MET A 6 -1.50 -2.22 -4.97
C MET A 6 -0.35 -1.23 -4.79
N GLY A 7 0.74 -1.43 -5.54
CA GLY A 7 1.91 -0.57 -5.54
C GLY A 7 1.58 0.92 -5.47
N GLU A 8 0.67 1.38 -6.33
CA GLU A 8 0.35 2.79 -6.42
C GLU A 8 -0.54 3.27 -5.27
N ARG A 9 -1.52 2.48 -4.82
CA ARG A 9 -2.26 2.86 -3.60
C ARG A 9 -1.33 2.87 -2.39
N ILE A 10 -0.39 1.92 -2.29
CA ILE A 10 0.63 1.91 -1.25
C ILE A 10 1.43 3.22 -1.32
N ARG A 11 1.98 3.53 -2.50
CA ARG A 11 2.70 4.78 -2.77
C ARG A 11 1.91 5.99 -2.26
N ALA A 12 0.68 6.13 -2.77
CA ALA A 12 -0.21 7.23 -2.43
C ALA A 12 -0.44 7.32 -0.92
N ARG A 13 -0.85 6.22 -0.30
CA ARG A 13 -1.15 6.19 1.13
C ARG A 13 0.08 6.50 1.96
N ARG A 14 1.23 5.90 1.63
CA ARG A 14 2.47 6.18 2.34
C ARG A 14 2.78 7.67 2.27
N LYS A 15 2.65 8.27 1.08
CA LYS A 15 2.84 9.71 0.92
C LYS A 15 1.82 10.50 1.74
N LYS A 16 0.55 10.10 1.71
CA LYS A 16 -0.53 10.76 2.46
C LYS A 16 -0.20 10.78 3.95
N LEU A 17 0.21 9.62 4.47
CA LEU A 17 0.57 9.43 5.88
C LEU A 17 1.92 10.09 6.17
N LYS A 18 2.80 10.19 5.16
CA LYS A 18 4.12 10.80 5.18
C LYS A 18 5.12 9.86 5.88
N ILE A 19 5.05 8.57 5.58
CA ILE A 19 5.83 7.55 6.28
C ILE A 19 7.10 7.24 5.48
N ARG A 20 8.26 7.19 6.13
CA ARG A 20 9.51 6.76 5.49
C ARG A 20 9.41 5.29 5.09
N GLN A 21 9.91 4.95 3.89
CA GLN A 21 9.86 3.58 3.37
C GLN A 21 10.34 2.55 4.38
N ALA A 22 11.48 2.79 5.03
CA ALA A 22 12.04 1.86 6.01
C ALA A 22 11.17 1.76 7.28
N ALA A 23 10.43 2.83 7.61
CA ALA A 23 9.48 2.78 8.71
C ALA A 23 8.32 1.88 8.29
N LEU A 24 7.73 2.18 7.12
CA LEU A 24 6.63 1.39 6.59
C LEU A 24 7.04 -0.07 6.50
N GLY A 25 8.22 -0.35 5.93
CA GLY A 25 8.76 -1.68 5.77
C GLY A 25 8.66 -2.47 7.06
N LYS A 26 9.25 -1.94 8.14
CA LYS A 26 9.19 -2.61 9.43
C LYS A 26 7.76 -2.71 9.95
N MET A 27 6.96 -1.64 9.87
CA MET A 27 5.62 -1.66 10.43
C MET A 27 4.68 -2.59 9.63
N VAL A 28 4.99 -2.83 8.36
CA VAL A 28 4.36 -3.86 7.55
C VAL A 28 4.89 -5.20 8.05
N GLY A 29 6.16 -5.45 7.72
CA GLY A 29 6.86 -6.72 7.81
C GLY A 29 7.55 -7.03 6.48
N VAL A 30 8.23 -6.04 5.88
CA VAL A 30 9.06 -6.20 4.69
C VAL A 30 10.27 -5.27 4.79
N SER A 31 11.17 -5.30 3.79
CA SER A 31 12.30 -4.39 3.72
C SER A 31 11.92 -3.03 3.13
N ASN A 32 12.75 -2.01 3.37
CA ASN A 32 12.67 -0.74 2.66
C ASN A 32 12.59 -0.99 1.16
N VAL A 33 13.47 -1.87 0.64
CA VAL A 33 13.48 -2.15 -0.77
C VAL A 33 12.14 -2.73 -1.19
N ALA A 34 11.62 -3.73 -0.49
CA ALA A 34 10.34 -4.33 -0.86
C ALA A 34 9.26 -3.27 -0.96
N ILE A 35 9.14 -2.38 0.04
CA ILE A 35 8.24 -1.23 -0.09
C ILE A 35 8.55 -0.47 -1.38
N SER A 36 9.81 -0.09 -1.60
CA SER A 36 10.17 0.69 -2.77
C SER A 36 9.78 -0.02 -4.09
N GLN A 37 9.95 -1.34 -4.17
CA GLN A 37 9.59 -2.16 -5.30
C GLN A 37 8.08 -2.07 -5.57
N TRP A 38 7.29 -2.19 -4.49
CA TRP A 38 5.86 -2.00 -4.53
C TRP A 38 5.56 -0.58 -5.04
N GLU A 39 6.09 0.46 -4.40
CA GLU A 39 5.84 1.84 -4.79
C GLU A 39 6.14 2.06 -6.27
N ARG A 40 7.36 1.76 -6.71
CA ARG A 40 7.73 1.95 -8.12
C ARG A 40 7.06 0.91 -9.02
N SER A 41 6.19 0.06 -8.48
CA SER A 41 5.21 -0.69 -9.22
C SER A 41 5.88 -1.78 -10.06
N GLU A 42 6.96 -2.38 -9.51
CA GLU A 42 7.63 -3.52 -10.14
C GLU A 42 6.99 -4.84 -9.69
N THR A 43 6.59 -4.93 -8.42
CA THR A 43 5.95 -6.10 -7.85
C THR A 43 4.71 -5.66 -7.07
N GLU A 44 3.82 -6.61 -6.78
CA GLU A 44 2.65 -6.44 -5.91
C GLU A 44 2.86 -7.35 -4.70
N PRO A 45 2.32 -6.98 -3.52
CA PRO A 45 2.26 -7.87 -2.37
C PRO A 45 1.31 -9.04 -2.61
N ASN A 46 1.35 -10.05 -1.74
CA ASN A 46 0.42 -11.18 -1.69
C ASN A 46 -0.24 -11.25 -0.33
N GLY A 47 -1.19 -12.17 -0.15
CA GLY A 47 -2.15 -12.24 0.96
C GLY A 47 -1.65 -11.68 2.29
N GLU A 48 -0.73 -12.39 2.94
CA GLU A 48 -0.23 -12.01 4.26
C GLU A 48 0.38 -10.62 4.20
N ASN A 49 1.21 -10.35 3.18
CA ASN A 49 1.81 -9.04 3.02
C ASN A 49 0.73 -7.99 2.82
N LEU A 50 -0.35 -8.30 2.12
CA LEU A 50 -1.47 -7.41 1.86
C LEU A 50 -2.21 -7.11 3.17
N LEU A 51 -2.41 -8.12 4.02
CA LEU A 51 -2.86 -7.90 5.39
C LEU A 51 -1.90 -6.93 6.10
N ALA A 52 -0.60 -7.23 6.06
CA ALA A 52 0.43 -6.43 6.72
C ALA A 52 0.43 -4.98 6.23
N LEU A 53 0.28 -4.78 4.92
CA LEU A 53 0.09 -3.50 4.26
C LEU A 53 -1.13 -2.82 4.86
N SER A 54 -2.28 -3.49 4.82
CA SER A 54 -3.54 -2.88 5.18
C SER A 54 -3.50 -2.33 6.61
N LYS A 55 -3.07 -3.16 7.56
CA LYS A 55 -2.91 -2.69 8.93
C LYS A 55 -1.86 -1.58 8.98
N ALA A 56 -0.70 -1.75 8.34
CA ALA A 56 0.32 -0.71 8.35
C ALA A 56 -0.18 0.66 7.92
N LEU A 57 -0.90 0.65 6.81
CA LEU A 57 -1.42 1.83 6.15
C LEU A 57 -2.71 2.35 6.79
N GLN A 58 -3.24 1.64 7.79
CA GLN A 58 -4.52 1.96 8.43
C GLN A 58 -5.65 1.92 7.40
N CYS A 59 -5.90 0.76 6.81
CA CYS A 59 -7.07 0.49 6.00
C CYS A 59 -7.45 -0.99 6.16
N SER A 60 -8.70 -1.34 5.90
CA SER A 60 -9.16 -2.72 5.91
C SER A 60 -8.63 -3.43 4.66
N PRO A 61 -8.24 -4.71 4.72
CA PRO A 61 -7.65 -5.43 3.59
C PRO A 61 -8.48 -5.26 2.31
N ASP A 62 -9.80 -5.39 2.44
CA ASP A 62 -10.75 -5.16 1.36
C ASP A 62 -10.40 -3.93 0.52
N TYR A 63 -9.99 -2.83 1.16
CA TYR A 63 -9.57 -1.60 0.48
C TYR A 63 -8.70 -1.91 -0.73
N LEU A 64 -7.68 -2.76 -0.55
CA LEU A 64 -6.68 -2.96 -1.58
C LEU A 64 -7.25 -3.79 -2.73
N LEU A 65 -8.01 -4.84 -2.40
CA LEU A 65 -8.60 -5.75 -3.36
C LEU A 65 -9.73 -5.07 -4.14
N LYS A 66 -10.51 -4.24 -3.45
CA LYS A 66 -11.61 -3.46 -3.97
C LYS A 66 -11.04 -2.34 -4.83
N GLY A 67 -10.09 -1.60 -4.28
CA GLY A 67 -9.32 -0.57 -4.97
C GLY A 67 -9.67 0.81 -4.41
N ASP A 68 -9.35 0.97 -3.13
CA ASP A 68 -9.99 1.91 -2.21
C ASP A 68 -11.39 1.41 -1.84
N LEU A 69 -11.90 1.86 -0.70
CA LEU A 69 -13.30 1.69 -0.35
C LEU A 69 -14.12 2.75 -1.11
N SER A 70 -13.49 3.86 -1.50
CA SER A 70 -14.16 5.06 -1.95
C SER A 70 -14.66 4.95 -3.40
N GLN A 71 -15.49 3.94 -3.70
CA GLN A 71 -16.09 3.74 -5.01
C GLN A 71 -17.30 4.65 -5.19
N THR A 72 -17.26 5.85 -4.62
CA THR A 72 -18.39 6.77 -4.61
C THR A 72 -18.44 7.51 -5.95
N ASN A 73 -18.94 6.81 -6.96
CA ASN A 73 -19.08 7.31 -8.32
C ASN A 73 -20.41 6.81 -8.88
N VAL A 74 -21.50 7.14 -8.18
CA VAL A 74 -22.86 6.71 -8.44
C VAL A 74 -22.98 5.19 -8.21
N ALA A 75 -23.65 4.82 -7.12
CA ALA A 75 -24.10 3.44 -6.91
C ALA A 75 -25.26 3.15 -7.87
N TYR A 76 -24.95 3.08 -9.16
CA TYR A 76 -25.89 2.67 -10.20
C TYR A 76 -26.16 1.17 -10.10
N MET A 1 -4.24 -7.44 -18.20
CA MET A 1 -3.77 -6.17 -18.78
C MET A 1 -3.87 -5.14 -17.65
N ASN A 2 -3.65 -3.85 -17.93
CA ASN A 2 -3.66 -2.79 -16.93
C ASN A 2 -2.80 -3.15 -15.71
N THR A 3 -1.51 -3.40 -15.97
CA THR A 3 -0.56 -3.85 -14.98
C THR A 3 -0.25 -2.73 -13.97
N GLN A 4 -1.18 -2.53 -13.03
CA GLN A 4 -0.94 -1.69 -11.86
C GLN A 4 0.30 -2.17 -11.10
N LEU A 5 0.88 -1.24 -10.35
CA LEU A 5 1.84 -1.50 -9.29
C LEU A 5 1.11 -1.03 -8.03
N MET A 6 0.72 -1.94 -7.12
CA MET A 6 -0.06 -1.63 -5.91
C MET A 6 0.48 -0.38 -5.19
N GLY A 7 1.80 -0.19 -5.31
CA GLY A 7 2.53 1.03 -5.07
C GLY A 7 1.74 2.32 -5.20
N GLU A 8 0.90 2.47 -6.22
CA GLU A 8 0.05 3.65 -6.31
C GLU A 8 -0.79 3.88 -5.04
N ARG A 9 -1.55 2.86 -4.62
CA ARG A 9 -2.38 2.98 -3.44
C ARG A 9 -1.52 3.11 -2.19
N ILE A 10 -0.40 2.37 -2.14
CA ILE A 10 0.54 2.49 -1.02
C ILE A 10 1.00 3.95 -0.94
N ARG A 11 1.43 4.53 -2.05
CA ARG A 11 1.95 5.89 -2.17
C ARG A 11 0.88 6.88 -1.73
N ALA A 12 -0.34 6.72 -2.24
CA ALA A 12 -1.48 7.54 -1.85
C ALA A 12 -1.68 7.54 -0.33
N ARG A 13 -1.90 6.36 0.28
CA ARG A 13 -2.21 6.32 1.70
C ARG A 13 -0.98 6.70 2.54
N ARG A 14 0.19 6.20 2.15
CA ARG A 14 1.45 6.49 2.83
C ARG A 14 1.70 7.99 2.87
N LYS A 15 1.56 8.70 1.73
CA LYS A 15 1.79 10.14 1.72
C LYS A 15 0.72 10.85 2.54
N LYS A 16 -0.54 10.42 2.46
CA LYS A 16 -1.61 10.96 3.29
C LYS A 16 -1.24 10.87 4.78
N LEU A 17 -0.81 9.69 5.23
CA LEU A 17 -0.41 9.47 6.62
C LEU A 17 0.99 10.04 6.92
N LYS A 18 1.78 10.30 5.87
CA LYS A 18 3.12 10.86 5.90
C LYS A 18 4.13 9.90 6.52
N ILE A 19 3.99 8.60 6.21
CA ILE A 19 4.84 7.56 6.80
C ILE A 19 6.10 7.38 5.94
N ARG A 20 7.26 7.23 6.57
CA ARG A 20 8.54 7.06 5.88
C ARG A 20 8.68 5.62 5.39
N GLN A 21 9.12 5.42 4.15
CA GLN A 21 9.13 4.11 3.50
C GLN A 21 9.92 3.05 4.26
N ALA A 22 11.12 3.36 4.73
CA ALA A 22 11.93 2.36 5.43
C ALA A 22 11.24 1.91 6.72
N ALA A 23 10.74 2.87 7.50
CA ALA A 23 9.96 2.60 8.71
C ALA A 23 8.74 1.75 8.35
N LEU A 24 8.00 2.17 7.32
CA LEU A 24 6.86 1.42 6.83
C LEU A 24 7.26 -0.01 6.53
N GLY A 25 8.34 -0.22 5.77
CA GLY A 25 8.86 -1.55 5.46
C GLY A 25 8.92 -2.42 6.72
N LYS A 26 9.61 -1.91 7.75
CA LYS A 26 9.71 -2.63 9.01
C LYS A 26 8.32 -2.88 9.62
N MET A 27 7.46 -1.86 9.67
CA MET A 27 6.21 -1.92 10.41
C MET A 27 5.10 -2.67 9.63
N VAL A 28 5.28 -2.83 8.31
CA VAL A 28 4.62 -3.84 7.52
C VAL A 28 5.15 -5.18 8.02
N GLY A 29 6.43 -5.43 7.72
CA GLY A 29 7.12 -6.69 7.86
C GLY A 29 7.77 -7.08 6.53
N VAL A 30 8.45 -6.14 5.87
CA VAL A 30 9.21 -6.36 4.64
C VAL A 30 10.47 -5.49 4.66
N SER A 31 11.31 -5.60 3.61
CA SER A 31 12.42 -4.71 3.38
C SER A 31 11.95 -3.42 2.69
N ASN A 32 12.70 -2.34 2.87
CA ASN A 32 12.49 -1.13 2.07
C ASN A 32 12.57 -1.44 0.57
N VAL A 33 13.44 -2.39 0.20
CA VAL A 33 13.52 -2.90 -1.16
C VAL A 33 12.17 -3.47 -1.60
N ALA A 34 11.55 -4.34 -0.82
CA ALA A 34 10.23 -4.87 -1.16
C ALA A 34 9.23 -3.73 -1.34
N ILE A 35 9.24 -2.75 -0.43
CA ILE A 35 8.45 -1.54 -0.64
C ILE A 35 8.76 -0.93 -2.01
N SER A 36 10.03 -0.72 -2.36
CA SER A 36 10.41 -0.21 -3.69
C SER A 36 9.79 -1.05 -4.81
N GLN A 37 9.89 -2.38 -4.69
CA GLN A 37 9.39 -3.31 -5.68
C GLN A 37 7.91 -3.05 -5.95
N TRP A 38 7.14 -3.01 -4.86
CA TRP A 38 5.72 -2.72 -4.85
C TRP A 38 5.41 -1.31 -5.38
N GLU A 39 6.23 -0.34 -4.98
CA GLU A 39 6.06 1.06 -5.31
C GLU A 39 6.06 1.30 -6.82
N ARG A 40 7.06 0.76 -7.52
CA ARG A 40 7.46 1.34 -8.79
C ARG A 40 8.25 0.36 -9.66
N SER A 41 8.04 -0.95 -9.53
CA SER A 41 8.99 -1.91 -10.08
C SER A 41 8.33 -3.17 -10.65
N GLU A 42 7.86 -4.11 -9.82
CA GLU A 42 7.74 -5.48 -10.30
C GLU A 42 6.70 -6.31 -9.54
N THR A 43 7.05 -6.80 -8.36
CA THR A 43 6.19 -7.69 -7.60
C THR A 43 5.04 -6.92 -6.98
N GLU A 44 3.98 -7.66 -6.60
CA GLU A 44 2.80 -7.17 -5.91
C GLU A 44 2.79 -7.81 -4.52
N PRO A 45 2.19 -7.17 -3.52
CA PRO A 45 2.00 -7.77 -2.20
C PRO A 45 0.92 -8.85 -2.25
N ASN A 46 1.21 -10.01 -1.68
CA ASN A 46 0.28 -11.12 -1.54
C ASN A 46 -0.38 -11.11 -0.16
N GLY A 47 -1.43 -11.91 0.00
CA GLY A 47 -2.35 -11.95 1.15
C GLY A 47 -1.76 -11.42 2.46
N GLU A 48 -0.81 -12.16 3.04
CA GLU A 48 -0.20 -11.84 4.33
C GLU A 48 0.43 -10.45 4.30
N ASN A 49 1.14 -10.14 3.20
CA ASN A 49 1.83 -8.88 3.01
C ASN A 49 0.84 -7.76 2.74
N LEU A 50 -0.26 -8.04 2.04
CA LEU A 50 -1.36 -7.11 1.79
C LEU A 50 -2.01 -6.77 3.14
N LEU A 51 -2.29 -7.76 3.99
CA LEU A 51 -2.73 -7.54 5.36
C LEU A 51 -1.71 -6.67 6.10
N ALA A 52 -0.43 -7.06 6.08
CA ALA A 52 0.64 -6.33 6.74
C ALA A 52 0.70 -4.87 6.29
N LEU A 53 0.53 -4.65 4.99
CA LEU A 53 0.45 -3.35 4.35
C LEU A 53 -0.72 -2.57 4.91
N SER A 54 -1.93 -3.07 4.68
CA SER A 54 -3.14 -2.37 5.07
C SER A 54 -3.12 -2.03 6.56
N LYS A 55 -2.77 -2.98 7.44
CA LYS A 55 -2.66 -2.67 8.86
C LYS A 55 -1.60 -1.59 9.10
N ALA A 56 -0.40 -1.73 8.49
CA ALA A 56 0.62 -0.69 8.65
C ALA A 56 0.17 0.68 8.15
N LEU A 57 -0.64 0.66 7.10
CA LEU A 57 -1.25 1.82 6.47
C LEU A 57 -2.59 2.16 7.14
N GLN A 58 -2.85 1.67 8.35
CA GLN A 58 -3.96 2.09 9.19
C GLN A 58 -5.30 1.95 8.47
N CYS A 59 -5.50 0.84 7.77
CA CYS A 59 -6.74 0.58 7.04
C CYS A 59 -6.95 -0.91 6.80
N SER A 60 -8.07 -1.26 6.16
CA SER A 60 -8.47 -2.62 5.87
C SER A 60 -7.85 -3.09 4.53
N PRO A 61 -7.70 -4.40 4.29
CA PRO A 61 -7.16 -4.93 3.06
C PRO A 61 -8.13 -4.73 1.90
N ASP A 62 -9.42 -4.97 2.16
CA ASP A 62 -10.51 -4.93 1.21
C ASP A 62 -10.43 -3.71 0.29
N TYR A 63 -10.06 -2.56 0.85
CA TYR A 63 -9.82 -1.29 0.20
C TYR A 63 -9.06 -1.48 -1.11
N LEU A 64 -8.00 -2.28 -1.04
CA LEU A 64 -7.09 -2.51 -2.16
C LEU A 64 -7.61 -3.56 -3.13
N LEU A 65 -8.51 -4.44 -2.68
CA LEU A 65 -9.03 -5.52 -3.50
C LEU A 65 -10.28 -5.08 -4.24
N LYS A 66 -11.13 -4.22 -3.64
CA LYS A 66 -12.38 -3.78 -4.25
C LYS A 66 -12.82 -2.39 -3.83
N GLY A 67 -11.99 -1.62 -3.13
CA GLY A 67 -12.37 -0.30 -2.66
C GLY A 67 -11.79 0.78 -3.56
N ASP A 68 -10.71 1.41 -3.10
CA ASP A 68 -10.22 2.64 -3.71
C ASP A 68 -9.19 2.27 -4.75
N LEU A 69 -9.61 1.42 -5.70
CA LEU A 69 -8.71 0.91 -6.70
C LEU A 69 -8.18 2.11 -7.48
N SER A 70 -9.09 2.93 -7.97
CA SER A 70 -8.85 3.98 -8.94
C SER A 70 -8.94 5.34 -8.28
N GLN A 71 -7.85 5.89 -7.73
CA GLN A 71 -7.90 7.14 -6.97
C GLN A 71 -7.96 8.38 -7.88
N THR A 72 -8.61 8.26 -9.04
CA THR A 72 -8.71 9.23 -10.12
C THR A 72 -7.48 9.15 -11.02
N ASN A 73 -7.69 9.01 -12.34
CA ASN A 73 -6.70 9.18 -13.41
C ASN A 73 -5.44 8.30 -13.38
N VAL A 74 -5.24 7.49 -12.33
CA VAL A 74 -4.12 6.59 -12.11
C VAL A 74 -4.24 5.36 -13.02
N ALA A 75 -4.43 5.58 -14.32
CA ALA A 75 -5.23 4.66 -15.13
C ALA A 75 -6.56 4.48 -14.40
N TYR A 76 -6.93 3.25 -14.10
CA TYR A 76 -7.93 2.89 -13.13
C TYR A 76 -7.44 1.60 -12.47
N MET A 1 3.70 8.95 -12.17
CA MET A 1 2.86 8.30 -11.16
C MET A 1 2.99 6.79 -11.38
N ASN A 2 2.10 5.96 -10.81
CA ASN A 2 2.20 4.51 -10.92
C ASN A 2 0.81 3.87 -10.93
N THR A 3 -0.05 4.33 -11.84
CA THR A 3 -1.42 3.86 -11.94
C THR A 3 -1.45 2.39 -12.38
N GLN A 4 -2.33 1.59 -11.77
CA GLN A 4 -2.58 0.16 -11.92
C GLN A 4 -1.71 -0.65 -10.94
N LEU A 5 -2.14 -1.88 -10.62
CA LEU A 5 -1.49 -2.74 -9.62
C LEU A 5 -1.46 -2.05 -8.25
N MET A 6 -0.83 -2.66 -7.25
CA MET A 6 -0.86 -2.17 -5.88
C MET A 6 -0.15 -0.82 -5.71
N GLY A 7 0.90 -0.55 -6.47
CA GLY A 7 1.84 0.52 -6.15
C GLY A 7 1.19 1.88 -5.93
N GLU A 8 0.18 2.21 -6.75
CA GLU A 8 -0.60 3.41 -6.60
C GLU A 8 -1.24 3.50 -5.22
N ARG A 9 -2.04 2.50 -4.82
CA ARG A 9 -2.77 2.61 -3.57
C ARG A 9 -1.81 2.58 -2.38
N ILE A 10 -0.74 1.79 -2.49
CA ILE A 10 0.34 1.80 -1.50
C ILE A 10 0.89 3.21 -1.36
N ARG A 11 1.35 3.83 -2.46
CA ARG A 11 2.01 5.12 -2.39
C ARG A 11 1.04 6.18 -1.89
N ALA A 12 -0.17 6.16 -2.45
CA ALA A 12 -1.26 7.04 -2.07
C ALA A 12 -1.49 7.00 -0.56
N ARG A 13 -1.66 5.81 0.04
CA ARG A 13 -1.91 5.74 1.47
C ARG A 13 -0.66 6.10 2.28
N ARG A 14 0.53 5.67 1.83
CA ARG A 14 1.77 6.08 2.45
C ARG A 14 1.81 7.61 2.56
N LYS A 15 1.46 8.29 1.48
CA LYS A 15 1.32 9.73 1.43
C LYS A 15 0.24 10.21 2.39
N LYS A 16 -0.97 9.61 2.40
CA LYS A 16 -2.03 10.03 3.33
C LYS A 16 -1.47 10.14 4.75
N LEU A 17 -0.75 9.10 5.17
CA LEU A 17 -0.17 9.01 6.51
C LEU A 17 1.24 9.66 6.60
N LYS A 18 1.77 10.16 5.49
CA LYS A 18 3.09 10.75 5.35
C LYS A 18 4.20 9.84 5.92
N ILE A 19 4.09 8.53 5.71
CA ILE A 19 5.00 7.58 6.36
C ILE A 19 6.31 7.45 5.56
N ARG A 20 7.43 7.35 6.27
CA ARG A 20 8.74 7.11 5.69
C ARG A 20 8.86 5.63 5.29
N GLN A 21 9.29 5.35 4.06
CA GLN A 21 9.38 3.98 3.53
C GLN A 21 10.20 3.05 4.44
N ALA A 22 11.31 3.54 4.99
CA ALA A 22 12.12 2.79 5.94
C ALA A 22 11.25 2.33 7.12
N ALA A 23 10.52 3.28 7.71
CA ALA A 23 9.65 2.98 8.84
C ALA A 23 8.60 1.96 8.41
N LEU A 24 7.94 2.22 7.29
CA LEU A 24 6.89 1.38 6.70
C LEU A 24 7.40 -0.06 6.58
N GLY A 25 8.53 -0.27 5.90
CA GLY A 25 9.14 -1.57 5.73
C GLY A 25 9.23 -2.29 7.07
N LYS A 26 9.78 -1.60 8.07
CA LYS A 26 9.91 -2.13 9.41
C LYS A 26 8.54 -2.35 10.08
N MET A 27 7.51 -1.53 9.81
CA MET A 27 6.16 -1.75 10.32
C MET A 27 5.59 -3.07 9.77
N VAL A 28 5.68 -3.27 8.45
CA VAL A 28 5.12 -4.44 7.78
C VAL A 28 5.93 -5.69 8.14
N GLY A 29 7.26 -5.53 8.15
CA GLY A 29 8.21 -6.63 8.27
C GLY A 29 8.75 -7.01 6.90
N VAL A 30 9.13 -6.02 6.09
CA VAL A 30 9.89 -6.22 4.86
C VAL A 30 11.06 -5.22 4.84
N SER A 31 12.10 -5.53 4.08
CA SER A 31 13.13 -4.56 3.73
C SER A 31 12.48 -3.42 2.95
N ASN A 32 12.80 -2.16 3.27
CA ASN A 32 12.22 -0.99 2.63
C ASN A 32 12.24 -1.05 1.09
N VAL A 33 13.27 -1.66 0.53
CA VAL A 33 13.35 -1.91 -0.91
C VAL A 33 12.07 -2.59 -1.38
N ALA A 34 11.60 -3.64 -0.69
CA ALA A 34 10.39 -4.36 -1.07
C ALA A 34 9.20 -3.40 -1.12
N ILE A 35 9.03 -2.54 -0.11
CA ILE A 35 8.03 -1.48 -0.15
C ILE A 35 8.15 -0.69 -1.46
N SER A 36 9.38 -0.39 -1.88
CA SER A 36 9.62 0.28 -3.15
C SER A 36 9.20 -0.59 -4.35
N GLN A 37 9.65 -1.85 -4.40
CA GLN A 37 9.26 -2.79 -5.46
C GLN A 37 7.74 -2.83 -5.61
N TRP A 38 7.05 -2.81 -4.47
CA TRP A 38 5.61 -2.68 -4.38
C TRP A 38 5.13 -1.32 -4.89
N GLU A 39 5.69 -0.20 -4.42
CA GLU A 39 5.25 1.14 -4.81
C GLU A 39 5.37 1.40 -6.31
N ARG A 40 6.36 0.77 -6.96
CA ARG A 40 6.56 0.84 -8.40
C ARG A 40 5.61 -0.09 -9.15
N SER A 41 4.91 -0.99 -8.45
CA SER A 41 4.26 -2.14 -9.05
C SER A 41 5.25 -2.94 -9.90
N GLU A 42 6.49 -3.06 -9.41
CA GLU A 42 7.51 -3.93 -9.97
C GLU A 42 7.19 -5.35 -9.48
N THR A 43 6.72 -5.46 -8.24
CA THR A 43 5.97 -6.61 -7.74
C THR A 43 4.79 -6.05 -6.95
N GLU A 44 3.99 -6.91 -6.30
CA GLU A 44 2.99 -6.51 -5.33
C GLU A 44 2.86 -7.64 -4.29
N PRO A 45 2.39 -7.34 -3.07
CA PRO A 45 2.23 -8.32 -2.00
C PRO A 45 1.14 -9.35 -2.34
N ASN A 46 1.15 -10.48 -1.63
CA ASN A 46 0.05 -11.46 -1.62
C ASN A 46 -0.67 -11.43 -0.27
N GLY A 47 -1.75 -12.19 -0.15
CA GLY A 47 -2.71 -12.16 0.96
C GLY A 47 -2.16 -11.72 2.32
N GLU A 48 -1.27 -12.52 2.91
CA GLU A 48 -0.70 -12.24 4.22
C GLU A 48 -0.04 -10.86 4.19
N ASN A 49 0.86 -10.66 3.22
CA ASN A 49 1.59 -9.42 3.13
C ASN A 49 0.63 -8.26 2.93
N LEU A 50 -0.39 -8.40 2.07
CA LEU A 50 -1.45 -7.41 1.84
C LEU A 50 -2.11 -7.06 3.17
N LEU A 51 -2.47 -8.05 4.00
CA LEU A 51 -2.98 -7.77 5.34
C LEU A 51 -1.96 -6.95 6.14
N ALA A 52 -0.69 -7.36 6.16
CA ALA A 52 0.35 -6.64 6.90
C ALA A 52 0.53 -5.19 6.39
N LEU A 53 0.54 -5.00 5.07
CA LEU A 53 0.54 -3.72 4.38
C LEU A 53 -0.61 -2.90 4.91
N SER A 54 -1.83 -3.40 4.78
CA SER A 54 -3.05 -2.75 5.13
C SER A 54 -3.01 -2.32 6.59
N LYS A 55 -2.57 -3.22 7.47
CA LYS A 55 -2.41 -2.95 8.89
C LYS A 55 -1.38 -1.85 9.12
N ALA A 56 -0.20 -1.92 8.48
CA ALA A 56 0.81 -0.89 8.61
C ALA A 56 0.28 0.47 8.15
N LEU A 57 -0.43 0.43 7.04
CA LEU A 57 -1.11 1.55 6.41
C LEU A 57 -2.43 1.87 7.10
N GLN A 58 -2.69 1.30 8.29
CA GLN A 58 -3.80 1.64 9.18
C GLN A 58 -5.11 1.75 8.40
N CYS A 59 -5.44 0.70 7.64
CA CYS A 59 -6.62 0.65 6.79
C CYS A 59 -6.98 -0.81 6.53
N SER A 60 -8.13 -1.03 5.90
CA SER A 60 -8.69 -2.34 5.62
C SER A 60 -8.25 -2.85 4.24
N PRO A 61 -8.18 -4.17 4.03
CA PRO A 61 -7.58 -4.75 2.84
C PRO A 61 -8.35 -4.38 1.57
N ASP A 62 -9.69 -4.34 1.67
CA ASP A 62 -10.61 -3.85 0.66
C ASP A 62 -10.07 -2.62 -0.09
N TYR A 63 -9.60 -1.61 0.63
CA TYR A 63 -8.99 -0.40 0.08
C TYR A 63 -7.95 -0.75 -0.96
N LEU A 64 -7.14 -1.77 -0.72
CA LEU A 64 -6.02 -2.12 -1.58
C LEU A 64 -6.41 -3.13 -2.65
N LEU A 65 -7.27 -4.10 -2.28
CA LEU A 65 -7.87 -5.00 -3.26
C LEU A 65 -8.54 -4.17 -4.36
N LYS A 66 -9.37 -3.20 -3.98
CA LYS A 66 -9.99 -2.28 -4.92
C LYS A 66 -8.93 -1.32 -5.48
N GLY A 67 -8.18 -0.69 -4.57
CA GLY A 67 -7.16 0.31 -4.90
C GLY A 67 -7.72 1.71 -4.83
N ASP A 68 -8.50 1.96 -3.78
CA ASP A 68 -9.42 3.09 -3.72
C ASP A 68 -10.34 2.97 -2.50
N LEU A 69 -10.45 4.07 -1.77
CA LEU A 69 -11.29 4.18 -0.59
C LEU A 69 -12.76 4.21 -1.00
N SER A 70 -13.05 4.78 -2.16
CA SER A 70 -14.37 5.20 -2.61
C SER A 70 -15.07 6.14 -1.62
N GLN A 71 -16.14 6.80 -2.06
CA GLN A 71 -16.88 7.78 -1.24
C GLN A 71 -15.92 8.88 -0.77
N THR A 72 -15.16 9.44 -1.71
CA THR A 72 -14.06 10.41 -1.57
C THR A 72 -12.73 9.66 -1.68
N ASN A 73 -11.79 10.23 -2.44
CA ASN A 73 -10.44 9.74 -2.62
C ASN A 73 -9.64 10.95 -3.11
N VAL A 74 -8.52 10.75 -3.80
CA VAL A 74 -7.57 11.78 -4.18
C VAL A 74 -6.99 12.41 -2.91
N ALA A 75 -6.23 11.61 -2.15
CA ALA A 75 -5.44 12.10 -1.03
C ALA A 75 -4.25 12.90 -1.57
N TYR A 76 -4.55 14.05 -2.18
CA TYR A 76 -3.62 14.84 -2.99
C TYR A 76 -2.89 13.93 -3.99
N MET A 1 -0.27 -5.78 -10.31
CA MET A 1 0.31 -5.56 -11.66
C MET A 1 -0.85 -5.66 -12.63
N ASN A 2 -1.26 -6.91 -12.94
CA ASN A 2 -2.67 -7.18 -13.11
C ASN A 2 -3.36 -6.81 -11.79
N THR A 3 -4.65 -6.44 -11.83
CA THR A 3 -5.31 -5.79 -10.70
C THR A 3 -4.48 -4.62 -10.18
N GLN A 4 -4.09 -3.73 -11.11
CA GLN A 4 -3.47 -2.43 -10.88
C GLN A 4 -2.02 -2.50 -10.40
N LEU A 5 -1.31 -1.38 -10.61
CA LEU A 5 -0.03 -1.12 -9.98
C LEU A 5 -0.32 -0.74 -8.53
N MET A 6 -0.70 -1.75 -7.72
CA MET A 6 -1.20 -1.61 -6.36
C MET A 6 -0.38 -0.62 -5.51
N GLY A 7 0.93 -0.55 -5.78
CA GLY A 7 1.84 0.49 -5.30
C GLY A 7 1.19 1.87 -5.14
N GLU A 8 0.36 2.30 -6.10
CA GLU A 8 -0.36 3.57 -6.04
C GLU A 8 -1.07 3.78 -4.71
N ARG A 9 -1.69 2.74 -4.19
CA ARG A 9 -2.46 2.81 -2.95
C ARG A 9 -1.52 3.00 -1.77
N ILE A 10 -0.45 2.21 -1.77
CA ILE A 10 0.58 2.30 -0.76
C ILE A 10 1.10 3.73 -0.75
N ARG A 11 1.48 4.24 -1.93
CA ARG A 11 2.02 5.57 -2.11
C ARG A 11 1.05 6.61 -1.54
N ALA A 12 -0.20 6.59 -2.00
CA ALA A 12 -1.23 7.53 -1.59
C ALA A 12 -1.45 7.50 -0.07
N ARG A 13 -1.63 6.32 0.51
CA ARG A 13 -1.98 6.23 1.93
C ARG A 13 -0.75 6.50 2.81
N ARG A 14 0.41 5.94 2.45
CA ARG A 14 1.69 6.26 3.06
C ARG A 14 1.87 7.78 3.09
N LYS A 15 1.61 8.44 1.96
CA LYS A 15 1.68 9.89 1.88
C LYS A 15 0.69 10.53 2.84
N LYS A 16 -0.60 10.13 2.83
CA LYS A 16 -1.59 10.70 3.75
C LYS A 16 -1.09 10.62 5.20
N LEU A 17 -0.48 9.50 5.56
CA LEU A 17 0.02 9.23 6.91
C LEU A 17 1.44 9.79 7.12
N LYS A 18 2.10 10.30 6.07
CA LYS A 18 3.48 10.76 6.07
C LYS A 18 4.44 9.69 6.60
N ILE A 19 4.25 8.42 6.21
CA ILE A 19 5.09 7.33 6.72
C ILE A 19 6.36 7.24 5.85
N ARG A 20 7.54 7.42 6.45
CA ARG A 20 8.80 7.28 5.72
C ARG A 20 8.99 5.83 5.25
N GLN A 21 9.55 5.65 4.06
CA GLN A 21 9.70 4.35 3.39
C GLN A 21 10.25 3.27 4.32
N ALA A 22 11.37 3.57 4.99
CA ALA A 22 12.02 2.64 5.90
C ALA A 22 11.08 2.27 7.05
N ALA A 23 10.42 3.28 7.63
CA ALA A 23 9.49 3.09 8.73
C ALA A 23 8.35 2.17 8.29
N LEU A 24 7.82 2.41 7.09
CA LEU A 24 6.82 1.55 6.49
C LEU A 24 7.37 0.13 6.39
N GLY A 25 8.53 -0.04 5.72
CA GLY A 25 9.15 -1.34 5.52
C GLY A 25 9.15 -2.15 6.80
N LYS A 26 9.75 -1.60 7.87
CA LYS A 26 9.81 -2.30 9.13
C LYS A 26 8.45 -2.46 9.81
N MET A 27 7.52 -1.51 9.68
CA MET A 27 6.21 -1.64 10.32
C MET A 27 5.37 -2.74 9.64
N VAL A 28 5.44 -2.83 8.30
CA VAL A 28 4.83 -3.92 7.55
C VAL A 28 5.54 -5.22 7.92
N GLY A 29 6.88 -5.16 8.00
CA GLY A 29 7.71 -6.32 8.24
C GLY A 29 8.22 -6.86 6.90
N VAL A 30 8.76 -5.97 6.07
CA VAL A 30 9.50 -6.34 4.87
C VAL A 30 10.86 -5.62 4.90
N SER A 31 11.83 -6.15 4.16
CA SER A 31 12.98 -5.37 3.74
C SER A 31 12.49 -4.22 2.86
N ASN A 32 13.01 -3.01 3.07
CA ASN A 32 12.71 -1.81 2.28
C ASN A 32 12.68 -2.08 0.76
N VAL A 33 13.54 -2.98 0.29
CA VAL A 33 13.58 -3.44 -1.09
C VAL A 33 12.17 -3.77 -1.56
N ALA A 34 11.41 -4.54 -0.78
CA ALA A 34 10.05 -4.93 -1.13
C ALA A 34 9.18 -3.69 -1.36
N ILE A 35 9.25 -2.71 -0.46
CA ILE A 35 8.53 -1.45 -0.64
C ILE A 35 8.97 -0.80 -1.95
N SER A 36 10.27 -0.81 -2.25
CA SER A 36 10.77 -0.33 -3.53
C SER A 36 10.10 -1.08 -4.68
N GLN A 37 10.11 -2.41 -4.68
CA GLN A 37 9.48 -3.21 -5.74
C GLN A 37 8.01 -2.81 -5.91
N TRP A 38 7.28 -2.75 -4.79
CA TRP A 38 5.88 -2.38 -4.75
C TRP A 38 5.65 -0.97 -5.30
N GLU A 39 6.49 0.00 -4.93
CA GLU A 39 6.50 1.33 -5.54
C GLU A 39 6.66 1.22 -7.06
N ARG A 40 7.71 0.53 -7.50
CA ARG A 40 8.11 0.51 -8.90
C ARG A 40 7.00 -0.11 -9.77
N SER A 41 6.56 -1.32 -9.40
CA SER A 41 5.62 -2.20 -10.10
C SER A 41 6.12 -3.65 -10.15
N GLU A 42 7.36 -3.93 -9.71
CA GLU A 42 8.01 -5.21 -9.97
C GLU A 42 7.22 -6.38 -9.39
N THR A 43 6.56 -6.15 -8.25
CA THR A 43 5.59 -7.06 -7.68
C THR A 43 4.47 -6.22 -7.05
N GLU A 44 3.34 -6.85 -6.77
CA GLU A 44 2.35 -6.40 -5.80
C GLU A 44 2.60 -7.17 -4.50
N PRO A 45 2.15 -6.62 -3.36
CA PRO A 45 2.11 -7.35 -2.11
C PRO A 45 1.10 -8.50 -2.19
N ASN A 46 1.52 -9.68 -1.72
CA ASN A 46 0.69 -10.88 -1.63
C ASN A 46 -0.02 -10.94 -0.28
N GLY A 47 -1.08 -11.76 -0.21
CA GLY A 47 -2.04 -11.88 0.89
C GLY A 47 -1.53 -11.39 2.26
N GLU A 48 -0.57 -12.09 2.84
CA GLU A 48 -0.10 -11.84 4.20
C GLU A 48 0.47 -10.42 4.25
N ASN A 49 1.33 -10.11 3.28
CA ASN A 49 1.97 -8.81 3.13
C ASN A 49 0.96 -7.71 2.84
N LEU A 50 -0.09 -8.02 2.07
CA LEU A 50 -1.17 -7.11 1.75
C LEU A 50 -1.97 -6.80 3.03
N LEU A 51 -2.23 -7.82 3.86
CA LEU A 51 -2.79 -7.61 5.18
C LEU A 51 -1.88 -6.72 6.01
N ALA A 52 -0.58 -7.07 6.12
CA ALA A 52 0.37 -6.28 6.89
C ALA A 52 0.38 -4.83 6.41
N LEU A 53 0.39 -4.63 5.09
CA LEU A 53 0.29 -3.33 4.47
C LEU A 53 -0.99 -2.63 4.91
N SER A 54 -2.15 -3.26 4.77
CA SER A 54 -3.41 -2.60 5.12
C SER A 54 -3.37 -2.12 6.57
N LYS A 55 -2.79 -2.93 7.47
CA LYS A 55 -2.65 -2.57 8.88
C LYS A 55 -1.64 -1.42 9.02
N ALA A 56 -0.45 -1.54 8.42
CA ALA A 56 0.54 -0.47 8.41
C ALA A 56 -0.04 0.87 7.94
N LEU A 57 -0.86 0.77 6.91
CA LEU A 57 -1.55 1.86 6.23
C LEU A 57 -2.87 2.20 6.93
N GLN A 58 -3.17 1.60 8.08
CA GLN A 58 -4.30 1.94 8.93
C GLN A 58 -5.62 1.96 8.16
N CYS A 59 -5.89 0.91 7.37
CA CYS A 59 -7.13 0.79 6.61
C CYS A 59 -7.48 -0.67 6.34
N SER A 60 -8.58 -0.90 5.62
CA SER A 60 -9.16 -2.19 5.36
C SER A 60 -8.57 -2.77 4.06
N PRO A 61 -8.33 -4.09 3.96
CA PRO A 61 -7.59 -4.70 2.86
C PRO A 61 -8.31 -4.54 1.52
N ASP A 62 -9.64 -4.67 1.54
CA ASP A 62 -10.57 -4.25 0.48
C ASP A 62 -10.19 -2.93 -0.17
N TYR A 63 -9.59 -1.96 0.53
CA TYR A 63 -9.19 -0.75 -0.18
C TYR A 63 -8.24 -1.02 -1.32
N LEU A 64 -7.47 -2.10 -1.21
CA LEU A 64 -6.56 -2.59 -2.20
C LEU A 64 -7.24 -3.68 -3.01
N LEU A 65 -7.79 -4.69 -2.33
CA LEU A 65 -8.31 -5.89 -2.94
C LEU A 65 -9.62 -5.62 -3.70
N LYS A 66 -10.48 -4.75 -3.18
CA LYS A 66 -11.65 -4.28 -3.94
C LYS A 66 -11.23 -3.04 -4.73
N GLY A 67 -10.24 -2.29 -4.23
CA GLY A 67 -9.73 -1.12 -4.90
C GLY A 67 -10.68 0.03 -4.61
N ASP A 68 -10.60 0.56 -3.40
CA ASP A 68 -11.52 1.61 -2.95
C ASP A 68 -10.87 2.98 -3.10
N LEU A 69 -11.68 4.02 -3.21
CA LEU A 69 -11.24 5.40 -3.08
C LEU A 69 -11.35 5.81 -1.63
N SER A 70 -12.31 5.26 -0.88
CA SER A 70 -12.55 5.55 0.53
C SER A 70 -12.54 7.07 0.77
N GLN A 71 -13.56 7.80 0.32
CA GLN A 71 -13.63 9.26 0.39
C GLN A 71 -12.34 9.90 -0.14
N THR A 72 -11.97 9.60 -1.39
CA THR A 72 -10.77 10.13 -2.05
C THR A 72 -9.54 10.14 -1.12
N ASN A 73 -9.10 8.93 -0.80
CA ASN A 73 -8.05 8.59 0.15
C ASN A 73 -8.27 9.26 1.50
N VAL A 74 -9.49 9.14 2.02
CA VAL A 74 -9.94 9.58 3.33
C VAL A 74 -9.65 11.07 3.50
N ALA A 75 -10.29 11.90 2.67
CA ALA A 75 -10.42 13.33 2.88
C ALA A 75 -11.43 13.54 4.01
N TYR A 76 -11.08 13.04 5.20
CA TYR A 76 -12.01 12.67 6.26
C TYR A 76 -12.73 11.36 5.87
N MET A 1 -10.81 2.07 -11.86
CA MET A 1 -9.65 1.53 -11.13
C MET A 1 -9.25 0.22 -11.78
N ASN A 2 -8.66 0.33 -12.96
CA ASN A 2 -8.81 -0.69 -13.98
C ASN A 2 -7.69 -1.70 -13.85
N THR A 3 -7.76 -2.50 -12.78
CA THR A 3 -6.69 -3.40 -12.36
C THR A 3 -5.36 -2.65 -12.28
N GLN A 4 -5.41 -1.47 -11.64
CA GLN A 4 -4.25 -0.61 -11.49
C GLN A 4 -3.34 -1.12 -10.38
N LEU A 5 -2.23 -0.41 -10.16
CA LEU A 5 -1.12 -0.84 -9.33
C LEU A 5 -1.57 -0.95 -7.88
N MET A 6 -1.08 -1.95 -7.13
CA MET A 6 -1.11 -1.90 -5.68
C MET A 6 -0.25 -0.71 -5.25
N GLY A 7 0.94 -0.60 -5.84
CA GLY A 7 1.90 0.48 -5.64
C GLY A 7 1.22 1.84 -5.46
N GLU A 8 0.29 2.19 -6.35
CA GLU A 8 -0.45 3.44 -6.28
C GLU A 8 -1.27 3.55 -4.99
N ARG A 9 -1.97 2.49 -4.59
CA ARG A 9 -2.84 2.52 -3.41
C ARG A 9 -2.00 2.47 -2.13
N ILE A 10 -0.88 1.73 -2.14
CA ILE A 10 0.13 1.85 -1.09
C ILE A 10 0.51 3.33 -0.98
N ARG A 11 0.99 3.91 -2.08
CA ARG A 11 1.45 5.28 -2.13
C ARG A 11 0.39 6.23 -1.58
N ALA A 12 -0.86 6.12 -2.05
CA ALA A 12 -1.95 6.94 -1.57
C ALA A 12 -2.14 6.79 -0.06
N ARG A 13 -2.32 5.57 0.44
CA ARG A 13 -2.60 5.35 1.86
C ARG A 13 -1.44 5.80 2.74
N ARG A 14 -0.24 5.51 2.27
CA ARG A 14 1.01 5.92 2.88
C ARG A 14 1.10 7.44 2.90
N LYS A 15 0.69 8.11 1.80
CA LYS A 15 0.76 9.56 1.66
C LYS A 15 -0.25 10.27 2.55
N LYS A 16 -1.47 9.74 2.70
CA LYS A 16 -2.43 10.31 3.67
C LYS A 16 -1.89 10.25 5.11
N LEU A 17 -1.18 9.19 5.43
CA LEU A 17 -0.41 9.08 6.69
C LEU A 17 0.89 9.90 6.67
N LYS A 18 1.46 10.14 5.50
CA LYS A 18 2.74 10.80 5.24
C LYS A 18 3.92 9.91 5.66
N ILE A 19 3.83 8.60 5.41
CA ILE A 19 4.84 7.61 5.79
C ILE A 19 5.88 7.44 4.68
N ARG A 20 7.12 7.15 5.08
CA ARG A 20 8.26 6.89 4.19
C ARG A 20 8.45 5.37 4.03
N GLN A 21 8.95 4.93 2.87
CA GLN A 21 9.25 3.52 2.58
C GLN A 21 10.02 2.88 3.75
N ALA A 22 11.06 3.57 4.22
CA ALA A 22 11.97 3.09 5.25
C ALA A 22 11.27 2.86 6.59
N ALA A 23 10.13 3.52 6.82
CA ALA A 23 9.30 3.25 7.98
C ALA A 23 8.34 2.12 7.64
N LEU A 24 7.60 2.26 6.53
CA LEU A 24 6.60 1.29 6.13
C LEU A 24 7.17 -0.13 6.13
N GLY A 25 8.37 -0.31 5.57
CA GLY A 25 9.03 -1.61 5.50
C GLY A 25 9.01 -2.32 6.86
N LYS A 26 9.55 -1.66 7.89
CA LYS A 26 9.61 -2.28 9.21
C LYS A 26 8.23 -2.41 9.86
N MET A 27 7.31 -1.47 9.57
CA MET A 27 5.95 -1.57 10.09
C MET A 27 5.24 -2.80 9.52
N VAL A 28 5.40 -3.07 8.22
CA VAL A 28 4.81 -4.24 7.56
C VAL A 28 5.54 -5.51 7.98
N GLY A 29 6.87 -5.45 7.96
CA GLY A 29 7.75 -6.60 8.08
C GLY A 29 8.27 -7.02 6.71
N VAL A 30 8.71 -6.06 5.90
CA VAL A 30 9.49 -6.30 4.69
C VAL A 30 10.66 -5.31 4.68
N SER A 31 11.60 -5.43 3.75
CA SER A 31 12.67 -4.48 3.63
C SER A 31 12.14 -3.17 3.01
N ASN A 32 12.83 -2.06 3.27
CA ASN A 32 12.58 -0.82 2.55
C ASN A 32 12.68 -1.06 1.04
N VAL A 33 13.67 -1.88 0.64
CA VAL A 33 13.85 -2.33 -0.73
C VAL A 33 12.55 -2.98 -1.21
N ALA A 34 12.02 -3.96 -0.48
CA ALA A 34 10.79 -4.64 -0.88
C ALA A 34 9.64 -3.64 -1.05
N ILE A 35 9.41 -2.74 -0.09
CA ILE A 35 8.46 -1.65 -0.29
C ILE A 35 8.74 -0.94 -1.61
N SER A 36 10.01 -0.59 -1.87
CA SER A 36 10.40 0.10 -3.09
C SER A 36 10.07 -0.74 -4.34
N GLN A 37 10.32 -2.04 -4.30
CA GLN A 37 9.97 -2.96 -5.39
C GLN A 37 8.45 -2.93 -5.60
N TRP A 38 7.67 -2.95 -4.52
CA TRP A 38 6.22 -2.79 -4.58
C TRP A 38 5.86 -1.44 -5.22
N GLU A 39 6.47 -0.34 -4.77
CA GLU A 39 6.26 0.97 -5.37
C GLU A 39 6.50 0.96 -6.88
N ARG A 40 7.55 0.24 -7.30
CA ARG A 40 7.97 0.10 -8.69
C ARG A 40 7.23 -1.04 -9.41
N SER A 41 6.33 -1.76 -8.74
CA SER A 41 5.65 -2.96 -9.24
C SER A 41 6.60 -4.01 -9.82
N GLU A 42 7.81 -4.13 -9.27
CA GLU A 42 8.72 -5.20 -9.63
C GLU A 42 8.21 -6.52 -9.04
N THR A 43 7.59 -6.44 -7.88
CA THR A 43 6.58 -7.38 -7.42
C THR A 43 5.43 -6.51 -6.92
N GLU A 44 4.27 -7.09 -6.58
CA GLU A 44 3.22 -6.43 -5.84
C GLU A 44 2.75 -7.41 -4.76
N PRO A 45 2.25 -6.93 -3.61
CA PRO A 45 1.97 -7.74 -2.44
C PRO A 45 0.89 -8.80 -2.71
N ASN A 46 0.96 -9.92 -2.00
CA ASN A 46 -0.01 -11.01 -1.98
C ASN A 46 -0.73 -11.03 -0.65
N GLY A 47 -1.77 -11.86 -0.53
CA GLY A 47 -2.71 -11.94 0.58
C GLY A 47 -2.15 -11.50 1.93
N GLU A 48 -1.28 -12.31 2.53
CA GLU A 48 -0.72 -12.02 3.85
C GLU A 48 -0.04 -10.66 3.85
N ASN A 49 0.81 -10.40 2.85
CA ASN A 49 1.55 -9.17 2.77
C ASN A 49 0.62 -7.97 2.57
N LEU A 50 -0.48 -8.16 1.85
CA LEU A 50 -1.53 -7.18 1.62
C LEU A 50 -2.20 -6.89 2.96
N LEU A 51 -2.54 -7.93 3.72
CA LEU A 51 -3.03 -7.78 5.09
C LEU A 51 -2.04 -6.96 5.94
N ALA A 52 -0.76 -7.36 5.95
CA ALA A 52 0.27 -6.68 6.73
C ALA A 52 0.38 -5.22 6.31
N LEU A 53 0.42 -4.96 5.00
CA LEU A 53 0.36 -3.63 4.44
C LEU A 53 -0.84 -2.87 5.01
N SER A 54 -2.04 -3.43 4.89
CA SER A 54 -3.25 -2.78 5.34
C SER A 54 -3.20 -2.45 6.84
N LYS A 55 -2.69 -3.36 7.66
CA LYS A 55 -2.47 -3.08 9.06
C LYS A 55 -1.46 -1.94 9.24
N ALA A 56 -0.28 -2.03 8.63
CA ALA A 56 0.74 -0.99 8.78
C ALA A 56 0.22 0.38 8.37
N LEU A 57 -0.52 0.36 7.27
CA LEU A 57 -1.15 1.50 6.64
C LEU A 57 -2.47 1.89 7.32
N GLN A 58 -2.87 1.18 8.39
CA GLN A 58 -4.01 1.52 9.22
C GLN A 58 -5.28 1.68 8.37
N CYS A 59 -5.63 0.64 7.63
CA CYS A 59 -6.80 0.62 6.76
C CYS A 59 -7.35 -0.80 6.60
N SER A 60 -8.57 -0.89 6.07
CA SER A 60 -9.22 -2.14 5.73
C SER A 60 -8.56 -2.74 4.47
N PRO A 61 -8.41 -4.07 4.39
CA PRO A 61 -7.79 -4.74 3.26
C PRO A 61 -8.39 -4.28 1.94
N ASP A 62 -9.70 -4.06 1.94
CA ASP A 62 -10.47 -3.41 0.88
C ASP A 62 -9.69 -2.35 0.12
N TYR A 63 -9.03 -1.43 0.84
CA TYR A 63 -8.28 -0.36 0.19
C TYR A 63 -7.33 -1.01 -0.80
N LEU A 64 -6.37 -1.78 -0.31
CA LEU A 64 -5.23 -2.18 -1.11
C LEU A 64 -5.59 -3.36 -1.99
N LEU A 65 -6.66 -4.08 -1.66
CA LEU A 65 -7.32 -4.98 -2.57
C LEU A 65 -7.79 -4.20 -3.81
N LYS A 66 -8.77 -3.30 -3.67
CA LYS A 66 -9.51 -2.74 -4.80
C LYS A 66 -9.10 -1.29 -5.07
N GLY A 67 -9.09 -0.45 -4.02
CA GLY A 67 -8.60 0.93 -4.10
C GLY A 67 -9.51 1.92 -3.40
N ASP A 68 -9.16 2.37 -2.19
CA ASP A 68 -9.63 3.71 -1.78
C ASP A 68 -8.81 4.73 -2.55
N LEU A 69 -9.13 4.83 -3.84
CA LEU A 69 -8.55 5.80 -4.76
C LEU A 69 -9.67 6.62 -5.41
N SER A 70 -10.77 5.95 -5.78
CA SER A 70 -11.92 6.55 -6.43
C SER A 70 -13.08 5.56 -6.33
N GLN A 71 -14.27 5.95 -6.78
CA GLN A 71 -15.45 5.09 -6.88
C GLN A 71 -15.69 4.27 -5.61
N THR A 72 -15.56 4.90 -4.45
CA THR A 72 -15.71 4.24 -3.17
C THR A 72 -17.20 3.99 -2.89
N ASN A 73 -17.72 2.93 -3.49
CA ASN A 73 -19.09 2.45 -3.33
C ASN A 73 -19.09 0.96 -3.70
N VAL A 74 -20.10 0.46 -4.42
CA VAL A 74 -20.31 -0.93 -4.80
C VAL A 74 -20.77 -1.74 -3.60
N ALA A 75 -22.01 -2.25 -3.67
CA ALA A 75 -22.47 -3.29 -2.76
C ALA A 75 -21.70 -4.58 -3.09
N TYR A 76 -20.63 -4.83 -2.35
CA TYR A 76 -19.85 -6.05 -2.47
C TYR A 76 -20.66 -7.24 -1.93
N MET A 1 -8.07 8.29 -14.30
CA MET A 1 -7.37 7.57 -13.22
C MET A 1 -7.84 6.13 -13.34
N ASN A 2 -6.92 5.20 -13.60
CA ASN A 2 -7.25 3.96 -14.30
C ASN A 2 -6.28 2.88 -13.82
N THR A 3 -6.81 1.79 -13.26
CA THR A 3 -6.06 0.62 -12.79
C THR A 3 -4.76 0.99 -12.06
N GLN A 4 -4.83 1.94 -11.13
CA GLN A 4 -3.66 2.38 -10.38
C GLN A 4 -3.09 1.21 -9.55
N LEU A 5 -1.77 1.13 -9.47
CA LEU A 5 -1.08 -0.07 -9.01
C LEU A 5 -0.80 0.03 -7.52
N MET A 6 -0.16 -1.01 -7.00
CA MET A 6 0.23 -1.11 -5.61
C MET A 6 0.91 0.17 -5.15
N GLY A 7 1.85 0.67 -5.98
CA GLY A 7 2.54 1.92 -5.76
C GLY A 7 1.58 3.04 -5.42
N GLU A 8 0.69 3.40 -6.35
CA GLU A 8 -0.24 4.50 -6.16
C GLU A 8 -1.08 4.26 -4.90
N ARG A 9 -1.60 3.05 -4.71
CA ARG A 9 -2.47 2.78 -3.57
C ARG A 9 -1.72 3.00 -2.26
N ILE A 10 -0.54 2.39 -2.11
CA ILE A 10 0.31 2.62 -0.94
C ILE A 10 0.57 4.12 -0.79
N ARG A 11 0.95 4.81 -1.88
CA ARG A 11 1.37 6.19 -1.80
C ARG A 11 0.21 7.10 -1.40
N ALA A 12 -0.98 6.89 -1.98
CA ALA A 12 -2.19 7.63 -1.63
C ALA A 12 -2.49 7.44 -0.14
N ARG A 13 -2.54 6.18 0.29
CA ARG A 13 -2.77 5.81 1.67
C ARG A 13 -1.79 6.57 2.59
N ARG A 14 -0.50 6.48 2.27
CA ARG A 14 0.62 7.11 2.95
C ARG A 14 0.47 8.63 3.03
N LYS A 15 0.32 9.30 1.89
CA LYS A 15 0.33 10.74 1.78
C LYS A 15 -0.73 11.40 2.67
N LYS A 16 -1.82 10.69 2.99
CA LYS A 16 -2.81 11.20 3.93
C LYS A 16 -2.16 11.49 5.29
N LEU A 17 -1.34 10.55 5.79
CA LEU A 17 -0.63 10.67 7.07
C LEU A 17 0.72 11.39 6.92
N LYS A 18 1.33 11.36 5.73
CA LYS A 18 2.63 11.97 5.42
C LYS A 18 3.75 11.19 6.13
N ILE A 19 3.80 9.87 5.94
CA ILE A 19 4.75 8.99 6.63
C ILE A 19 5.93 8.66 5.70
N ARG A 20 7.14 8.64 6.25
CA ARG A 20 8.38 8.30 5.53
C ARG A 20 8.36 6.83 5.08
N GLN A 21 8.85 6.53 3.87
CA GLN A 21 8.69 5.22 3.26
C GLN A 21 9.31 4.10 4.08
N ALA A 22 10.60 4.22 4.44
CA ALA A 22 11.40 3.10 4.95
C ALA A 22 10.73 2.45 6.16
N ALA A 23 10.14 3.29 7.01
CA ALA A 23 9.41 2.86 8.19
C ALA A 23 8.37 1.78 7.84
N LEU A 24 7.73 1.92 6.67
CA LEU A 24 6.77 0.95 6.19
C LEU A 24 7.35 -0.47 6.23
N GLY A 25 8.59 -0.65 5.79
CA GLY A 25 9.20 -1.97 5.70
C GLY A 25 9.02 -2.74 7.02
N LYS A 26 9.48 -2.14 8.13
CA LYS A 26 9.38 -2.80 9.42
C LYS A 26 7.93 -2.85 9.92
N MET A 27 7.13 -1.80 9.68
CA MET A 27 5.73 -1.84 10.09
C MET A 27 4.96 -2.99 9.42
N VAL A 28 5.24 -3.25 8.14
CA VAL A 28 4.68 -4.38 7.42
C VAL A 28 5.32 -5.65 7.98
N GLY A 29 6.62 -5.78 7.72
CA GLY A 29 7.42 -6.99 7.85
C GLY A 29 8.02 -7.37 6.49
N VAL A 30 8.57 -6.40 5.77
CA VAL A 30 9.35 -6.61 4.55
C VAL A 30 10.51 -5.61 4.56
N SER A 31 11.40 -5.67 3.57
CA SER A 31 12.46 -4.68 3.41
C SER A 31 11.91 -3.43 2.71
N ASN A 32 12.55 -2.28 2.94
CA ASN A 32 12.26 -1.08 2.14
C ASN A 32 12.43 -1.39 0.65
N VAL A 33 13.43 -2.22 0.31
CA VAL A 33 13.60 -2.71 -1.05
C VAL A 33 12.32 -3.42 -1.50
N ALA A 34 11.80 -4.38 -0.74
CA ALA A 34 10.58 -5.07 -1.12
C ALA A 34 9.43 -4.08 -1.36
N ILE A 35 9.22 -3.14 -0.43
CA ILE A 35 8.28 -2.03 -0.66
C ILE A 35 8.54 -1.38 -2.02
N SER A 36 9.80 -1.00 -2.29
CA SER A 36 10.20 -0.39 -3.54
C SER A 36 9.78 -1.28 -4.73
N GLN A 37 10.11 -2.56 -4.69
CA GLN A 37 9.75 -3.51 -5.74
C GLN A 37 8.23 -3.55 -5.95
N TRP A 38 7.47 -3.58 -4.85
CA TRP A 38 6.02 -3.47 -4.90
C TRP A 38 5.58 -2.19 -5.62
N GLU A 39 6.01 -1.01 -5.18
CA GLU A 39 5.59 0.21 -5.86
C GLU A 39 6.02 0.25 -7.32
N ARG A 40 7.19 -0.32 -7.64
CA ARG A 40 7.68 -0.43 -9.02
C ARG A 40 6.93 -1.50 -9.83
N SER A 41 5.88 -2.13 -9.29
CA SER A 41 5.06 -3.10 -10.01
C SER A 41 5.83 -4.39 -10.34
N GLU A 42 6.92 -4.68 -9.63
CA GLU A 42 7.71 -5.88 -9.92
C GLU A 42 6.93 -7.11 -9.44
N THR A 43 6.30 -6.99 -8.27
CA THR A 43 5.42 -7.99 -7.70
C THR A 43 4.28 -7.23 -7.02
N GLU A 44 3.21 -7.94 -6.63
CA GLU A 44 2.13 -7.42 -5.81
C GLU A 44 2.04 -8.38 -4.62
N PRO A 45 1.82 -7.88 -3.40
CA PRO A 45 1.75 -8.65 -2.16
C PRO A 45 0.70 -9.77 -2.25
N ASN A 46 0.91 -10.87 -1.52
CA ASN A 46 -0.10 -11.91 -1.33
C ASN A 46 -0.70 -11.84 0.06
N GLY A 47 -1.65 -12.73 0.36
CA GLY A 47 -2.47 -12.77 1.56
C GLY A 47 -1.80 -12.16 2.80
N GLU A 48 -0.80 -12.86 3.36
CA GLU A 48 -0.07 -12.42 4.55
C GLU A 48 0.43 -11.00 4.36
N ASN A 49 1.02 -10.73 3.20
CA ASN A 49 1.67 -9.47 2.93
C ASN A 49 0.63 -8.36 2.86
N LEU A 50 -0.51 -8.63 2.22
CA LEU A 50 -1.61 -7.71 2.05
C LEU A 50 -2.18 -7.39 3.44
N LEU A 51 -2.35 -8.42 4.28
CA LEU A 51 -2.66 -8.25 5.69
C LEU A 51 -1.63 -7.33 6.36
N ALA A 52 -0.34 -7.63 6.22
CA ALA A 52 0.73 -6.89 6.86
C ALA A 52 0.72 -5.43 6.42
N LEU A 53 0.54 -5.20 5.13
CA LEU A 53 0.37 -3.90 4.50
C LEU A 53 -0.81 -3.17 5.11
N SER A 54 -2.00 -3.77 5.07
CA SER A 54 -3.21 -3.11 5.56
C SER A 54 -3.07 -2.72 7.03
N LYS A 55 -2.54 -3.60 7.90
CA LYS A 55 -2.27 -3.18 9.28
C LYS A 55 -1.22 -2.07 9.34
N ALA A 56 -0.09 -2.22 8.65
CA ALA A 56 0.96 -1.20 8.67
C ALA A 56 0.46 0.16 8.22
N LEU A 57 -0.43 0.11 7.25
CA LEU A 57 -1.09 1.24 6.62
C LEU A 57 -2.48 1.46 7.23
N GLN A 58 -2.67 1.11 8.51
CA GLN A 58 -3.83 1.44 9.33
C GLN A 58 -5.15 1.44 8.56
N CYS A 59 -5.47 0.37 7.84
CA CYS A 59 -6.66 0.33 6.98
C CYS A 59 -7.01 -1.12 6.64
N SER A 60 -8.01 -1.29 5.77
CA SER A 60 -8.55 -2.55 5.33
C SER A 60 -7.84 -3.05 4.06
N PRO A 61 -7.88 -4.37 3.78
CA PRO A 61 -7.16 -4.96 2.65
C PRO A 61 -7.73 -4.51 1.30
N ASP A 62 -9.06 -4.43 1.21
CA ASP A 62 -9.80 -3.97 0.04
C ASP A 62 -9.11 -2.78 -0.65
N TYR A 63 -8.77 -1.75 0.12
CA TYR A 63 -8.09 -0.56 -0.35
C TYR A 63 -6.92 -0.96 -1.25
N LEU A 64 -6.05 -1.78 -0.70
CA LEU A 64 -4.72 -2.01 -1.23
C LEU A 64 -4.75 -3.13 -2.26
N LEU A 65 -5.73 -4.03 -2.16
CA LEU A 65 -6.11 -4.87 -3.28
C LEU A 65 -6.47 -3.97 -4.48
N LYS A 66 -7.52 -3.14 -4.35
CA LYS A 66 -7.92 -2.28 -5.47
C LYS A 66 -8.93 -1.17 -5.08
N GLY A 67 -9.16 -0.95 -3.79
CA GLY A 67 -10.21 -0.07 -3.31
C GLY A 67 -9.82 1.40 -3.29
N ASP A 68 -8.56 1.69 -2.98
CA ASP A 68 -7.95 3.02 -2.94
C ASP A 68 -8.84 4.22 -3.33
N LEU A 69 -9.39 4.89 -2.32
CA LEU A 69 -10.15 6.11 -2.49
C LEU A 69 -9.32 7.28 -3.08
N SER A 70 -8.01 7.11 -3.24
CA SER A 70 -7.15 7.98 -4.05
C SER A 70 -7.00 9.41 -3.50
N GLN A 71 -7.60 9.67 -2.34
CA GLN A 71 -7.95 11.02 -1.89
C GLN A 71 -8.67 11.81 -2.99
N THR A 72 -9.43 11.14 -3.84
CA THR A 72 -10.28 11.74 -4.85
C THR A 72 -11.50 10.85 -5.04
N ASN A 73 -12.42 10.94 -4.08
CA ASN A 73 -13.61 10.10 -4.00
C ASN A 73 -14.80 11.03 -3.80
N VAL A 74 -15.31 11.58 -4.90
CA VAL A 74 -16.41 12.54 -4.91
C VAL A 74 -16.06 13.75 -4.04
N ALA A 75 -15.07 14.54 -4.48
CA ALA A 75 -14.87 15.88 -3.95
C ALA A 75 -16.07 16.78 -4.21
N TYR A 76 -16.67 16.48 -5.35
CA TYR A 76 -17.97 16.85 -5.86
C TYR A 76 -18.29 15.78 -6.91
N MET A 1 -7.94 0.88 -16.41
CA MET A 1 -8.14 1.95 -15.43
C MET A 1 -8.22 1.28 -14.06
N ASN A 2 -7.82 1.97 -12.99
CA ASN A 2 -7.86 1.48 -11.62
C ASN A 2 -7.82 2.71 -10.70
N THR A 3 -8.17 2.54 -9.42
CA THR A 3 -7.99 3.59 -8.44
C THR A 3 -6.52 3.62 -8.00
N GLN A 4 -5.68 4.05 -8.95
CA GLN A 4 -4.23 3.92 -8.98
C GLN A 4 -3.81 2.45 -9.08
N LEU A 5 -2.61 2.23 -9.63
CA LEU A 5 -1.92 0.96 -9.56
C LEU A 5 -1.70 0.69 -8.07
N MET A 6 -2.05 -0.51 -7.58
CA MET A 6 -2.09 -0.82 -6.15
C MET A 6 -0.82 -0.32 -5.45
N GLY A 7 0.36 -0.60 -6.02
CA GLY A 7 1.62 -0.06 -5.58
C GLY A 7 1.59 1.45 -5.35
N GLU A 8 1.32 2.23 -6.41
CA GLU A 8 1.33 3.68 -6.27
C GLU A 8 0.16 4.17 -5.40
N ARG A 9 -0.91 3.38 -5.26
CA ARG A 9 -1.97 3.63 -4.29
C ARG A 9 -1.44 3.44 -2.86
N ILE A 10 -0.63 2.39 -2.61
CA ILE A 10 0.10 2.22 -1.36
C ILE A 10 0.98 3.46 -1.14
N ARG A 11 1.74 3.87 -2.15
CA ARG A 11 2.56 5.08 -2.08
C ARG A 11 1.71 6.30 -1.69
N ALA A 12 0.53 6.47 -2.30
CA ALA A 12 -0.38 7.56 -2.00
C ALA A 12 -0.80 7.53 -0.52
N ARG A 13 -1.25 6.37 -0.03
CA ARG A 13 -1.58 6.24 1.38
C ARG A 13 -0.36 6.55 2.26
N ARG A 14 0.80 6.00 1.91
CA ARG A 14 2.04 6.21 2.63
C ARG A 14 2.37 7.72 2.70
N LYS A 15 2.21 8.44 1.58
CA LYS A 15 2.35 9.89 1.52
C LYS A 15 1.35 10.55 2.45
N LYS A 16 0.07 10.17 2.38
CA LYS A 16 -0.97 10.72 3.24
C LYS A 16 -0.58 10.59 4.72
N LEU A 17 -0.09 9.41 5.10
CA LEU A 17 0.35 9.11 6.45
C LEU A 17 1.69 9.76 6.76
N LYS A 18 2.48 10.08 5.72
CA LYS A 18 3.78 10.70 5.76
C LYS A 18 4.83 9.74 6.31
N ILE A 19 4.73 8.47 5.93
CA ILE A 19 5.61 7.40 6.44
C ILE A 19 6.75 7.18 5.45
N ARG A 20 7.98 6.96 5.93
CA ARG A 20 9.12 6.62 5.07
C ARG A 20 9.08 5.14 4.71
N GLN A 21 9.49 4.77 3.48
CA GLN A 21 9.55 3.38 3.04
C GLN A 21 10.25 2.50 4.09
N ALA A 22 11.36 2.98 4.65
CA ALA A 22 12.11 2.26 5.67
C ALA A 22 11.29 1.99 6.94
N ALA A 23 10.37 2.92 7.28
CA ALA A 23 9.48 2.74 8.42
C ALA A 23 8.37 1.76 8.03
N LEU A 24 7.69 2.02 6.90
CA LEU A 24 6.60 1.16 6.47
C LEU A 24 7.10 -0.28 6.35
N GLY A 25 8.25 -0.48 5.71
CA GLY A 25 8.87 -1.77 5.53
C GLY A 25 8.94 -2.52 6.86
N LYS A 26 9.62 -1.95 7.85
CA LYS A 26 9.76 -2.65 9.12
C LYS A 26 8.39 -2.86 9.80
N MET A 27 7.47 -1.91 9.70
CA MET A 27 6.19 -2.04 10.39
C MET A 27 5.30 -3.11 9.74
N VAL A 28 5.36 -3.26 8.42
CA VAL A 28 4.65 -4.33 7.71
C VAL A 28 5.39 -5.67 7.95
N GLY A 29 6.69 -5.67 7.66
CA GLY A 29 7.58 -6.81 7.75
C GLY A 29 8.28 -7.09 6.41
N VAL A 30 8.79 -6.06 5.74
CA VAL A 30 9.59 -6.16 4.52
C VAL A 30 10.70 -5.10 4.54
N SER A 31 11.56 -5.09 3.52
CA SER A 31 12.61 -4.09 3.38
C SER A 31 12.06 -2.80 2.76
N ASN A 32 12.80 -1.69 2.91
CA ASN A 32 12.51 -0.45 2.19
C ASN A 32 12.47 -0.72 0.68
N VAL A 33 13.40 -1.53 0.19
CA VAL A 33 13.45 -1.96 -1.20
C VAL A 33 12.15 -2.66 -1.55
N ALA A 34 11.72 -3.65 -0.76
CA ALA A 34 10.48 -4.36 -1.03
C ALA A 34 9.29 -3.41 -1.09
N ILE A 35 9.14 -2.50 -0.12
CA ILE A 35 8.14 -1.43 -0.24
C ILE A 35 8.28 -0.73 -1.59
N SER A 36 9.50 -0.30 -1.94
CA SER A 36 9.71 0.43 -3.19
C SER A 36 9.27 -0.40 -4.40
N GLN A 37 9.64 -1.69 -4.43
CA GLN A 37 9.21 -2.61 -5.47
C GLN A 37 7.70 -2.64 -5.56
N TRP A 38 7.05 -2.84 -4.41
CA TRP A 38 5.60 -2.82 -4.31
C TRP A 38 5.05 -1.56 -4.93
N GLU A 39 5.55 -0.39 -4.50
CA GLU A 39 5.09 0.87 -5.07
C GLU A 39 5.26 0.89 -6.60
N ARG A 40 6.47 0.59 -7.10
CA ARG A 40 6.77 0.60 -8.53
C ARG A 40 5.89 -0.41 -9.30
N SER A 41 5.59 -1.55 -8.67
CA SER A 41 5.04 -2.74 -9.29
C SER A 41 6.16 -3.57 -9.94
N GLU A 42 7.33 -3.64 -9.29
CA GLU A 42 8.36 -4.60 -9.66
C GLU A 42 7.93 -5.99 -9.17
N THR A 43 7.48 -6.03 -7.92
CA THR A 43 6.66 -7.07 -7.34
C THR A 43 5.48 -6.33 -6.71
N GLU A 44 4.46 -7.03 -6.19
CA GLU A 44 3.38 -6.46 -5.41
C GLU A 44 3.07 -7.42 -4.25
N PRO A 45 2.43 -6.93 -3.18
CA PRO A 45 2.18 -7.72 -1.97
C PRO A 45 1.23 -8.89 -2.20
N ASN A 46 1.42 -9.95 -1.41
CA ASN A 46 0.58 -11.13 -1.33
C ASN A 46 -0.14 -11.17 0.01
N GLY A 47 -1.05 -12.14 0.19
CA GLY A 47 -2.11 -12.15 1.18
C GLY A 47 -1.76 -11.54 2.55
N GLU A 48 -0.98 -12.25 3.35
CA GLU A 48 -0.70 -11.81 4.71
C GLU A 48 0.04 -10.46 4.71
N ASN A 49 0.96 -10.26 3.76
CA ASN A 49 1.62 -8.97 3.58
C ASN A 49 0.64 -7.87 3.20
N LEU A 50 -0.37 -8.18 2.40
CA LEU A 50 -1.44 -7.28 2.01
C LEU A 50 -2.23 -6.89 3.28
N LEU A 51 -2.57 -7.86 4.13
CA LEU A 51 -3.19 -7.56 5.42
C LEU A 51 -2.27 -6.69 6.28
N ALA A 52 -0.99 -7.04 6.37
CA ALA A 52 -0.02 -6.30 7.16
C ALA A 52 0.11 -4.86 6.64
N LEU A 53 0.12 -4.70 5.32
CA LEU A 53 0.05 -3.41 4.65
C LEU A 53 -1.20 -2.67 5.06
N SER A 54 -2.37 -3.29 4.90
CA SER A 54 -3.63 -2.58 5.11
C SER A 54 -3.72 -2.07 6.55
N LYS A 55 -3.40 -2.91 7.54
CA LYS A 55 -3.30 -2.43 8.91
C LYS A 55 -2.21 -1.35 9.02
N ALA A 56 -1.01 -1.57 8.45
CA ALA A 56 0.05 -0.56 8.52
C ALA A 56 -0.33 0.79 7.94
N LEU A 57 -1.26 0.77 6.98
CA LEU A 57 -1.78 1.93 6.29
C LEU A 57 -3.14 2.40 6.83
N GLN A 58 -3.67 1.74 7.87
CA GLN A 58 -4.98 2.00 8.45
C GLN A 58 -6.09 1.92 7.39
N CYS A 59 -6.32 0.71 6.88
CA CYS A 59 -7.43 0.36 6.02
C CYS A 59 -7.63 -1.15 6.03
N SER A 60 -8.70 -1.63 5.41
CA SER A 60 -9.03 -3.04 5.25
C SER A 60 -8.28 -3.61 4.03
N PRO A 61 -8.03 -4.92 3.94
CA PRO A 61 -7.31 -5.51 2.83
C PRO A 61 -7.95 -5.17 1.48
N ASP A 62 -9.28 -5.28 1.39
CA ASP A 62 -10.04 -4.95 0.20
C ASP A 62 -9.74 -3.53 -0.29
N TYR A 63 -9.39 -2.62 0.61
CA TYR A 63 -9.12 -1.25 0.22
C TYR A 63 -7.92 -1.17 -0.73
N LEU A 64 -7.00 -2.13 -0.64
CA LEU A 64 -5.90 -2.26 -1.56
C LEU A 64 -6.23 -3.28 -2.64
N LEU A 65 -6.64 -4.48 -2.21
CA LEU A 65 -6.88 -5.61 -3.09
C LEU A 65 -8.02 -5.33 -4.09
N LYS A 66 -9.07 -4.64 -3.66
CA LYS A 66 -10.17 -4.23 -4.55
C LYS A 66 -9.91 -2.80 -5.00
N GLY A 67 -9.45 -1.95 -4.08
CA GLY A 67 -9.41 -0.51 -4.26
C GLY A 67 -10.53 0.15 -3.46
N ASP A 68 -10.17 0.84 -2.37
CA ASP A 68 -10.97 1.83 -1.68
C ASP A 68 -12.26 1.27 -1.11
N LEU A 69 -12.22 0.86 0.17
CA LEU A 69 -13.39 0.46 0.94
C LEU A 69 -14.52 1.48 0.76
N SER A 70 -14.18 2.77 0.87
CA SER A 70 -15.10 3.87 1.10
C SER A 70 -15.51 3.87 2.57
N GLN A 71 -16.28 4.89 2.98
CA GLN A 71 -16.78 5.11 4.35
C GLN A 71 -15.77 4.66 5.41
N THR A 72 -14.49 4.99 5.20
CA THR A 72 -13.37 4.39 5.93
C THR A 72 -13.12 5.16 7.22
N ASN A 73 -14.15 5.13 8.07
CA ASN A 73 -14.40 5.98 9.21
C ASN A 73 -14.52 7.43 8.77
N VAL A 74 -15.71 7.80 8.31
CA VAL A 74 -16.12 9.19 8.12
C VAL A 74 -17.06 9.60 9.26
N ALA A 75 -16.86 9.01 10.45
CA ALA A 75 -17.86 8.99 11.51
C ALA A 75 -19.24 8.63 10.94
N TYR A 76 -19.28 7.50 10.24
CA TYR A 76 -20.52 6.98 9.68
C TYR A 76 -21.42 6.44 10.80
#